data_7L8Y
#
_entry.id   7L8Y
#
loop_
_entity.id
_entity.type
_entity.pdbx_description
1 polymer 'Rh.33311 pAbC-5 - Heavy Chain'
2 polymer 'Rh.33311 pAbC-5 - Light Chain'
3 polymer 'BG505 SOSIP.v5.2 N241/N289 - gp120'
4 polymer 'BG505 SOSIP.v5.2 N241/N289 - gp41'
5 branched 2-acetamido-2-deoxy-beta-D-glucopyranose-(1-4)-2-acetamido-2-deoxy-beta-D-glucopyranose
6 branched alpha-D-mannopyranose-(1-3)-[alpha-D-mannopyranose-(1-6)]beta-D-mannopyranose-(1-4)-2-acetamido-2-deoxy-beta-D-glucopyranose-(1-4)-2-acetamido-2-deoxy-beta-D-glucopyranose
7 non-polymer 2-acetamido-2-deoxy-beta-D-glucopyranose
#
loop_
_entity_poly.entity_id
_entity_poly.type
_entity_poly.pdbx_seq_one_letter_code
_entity_poly.pdbx_strand_id
1 'polypeptide(L)'
;(UNK)(UNK)(UNK)(UNK)(UNK)(UNK)(UNK)(UNK)(UNK)(UNK)(UNK)(UNK)(UNK)(UNK)(UNK)(UNK)
(UNK)(UNK)(UNK)(UNK)(UNK)(UNK)(UNK)(UNK)(UNK)(UNK)(UNK)(UNK)(UNK)(UNK)(UNK)(UNK)
(UNK)(UNK)(UNK)(UNK)(UNK)(UNK)(UNK)(UNK)(UNK)(UNK)(UNK)(UNK)(UNK)(UNK)(UNK)(UNK)
(UNK)(UNK)(UNK)(UNK)(UNK)(UNK)(UNK)(UNK)(UNK)(UNK)(UNK)(UNK)(UNK)(UNK)(UNK)(UNK)
(UNK)(UNK)(UNK)(UNK)(UNK)(UNK)(UNK)(UNK)(UNK)(UNK)(UNK)(UNK)(UNK)(UNK)(UNK)(UNK)
(UNK)(UNK)(UNK)(UNK)(UNK)(UNK)(UNK)(UNK)(UNK)(UNK)(UNK)(UNK)(UNK)(UNK)(UNK)(UNK)
(UNK)(UNK)(UNK)(UNK)(UNK)(UNK)(UNK)(UNK)(UNK)(UNK)(UNK)(UNK)(UNK)(UNK)(UNK)(UNK)
(UNK)
;
H
2 'polypeptide(L)'
;(UNK)(UNK)(UNK)(UNK)(UNK)(UNK)(UNK)(UNK)(UNK)(UNK)(UNK)(UNK)(UNK)(UNK)(UNK)(UNK)
(UNK)(UNK)(UNK)(UNK)(UNK)(UNK)(UNK)(UNK)(UNK)(UNK)(UNK)(UNK)(UNK)(UNK)(UNK)(UNK)
(UNK)(UNK)(UNK)(UNK)(UNK)(UNK)(UNK)(UNK)(UNK)(UNK)(UNK)(UNK)(UNK)(UNK)(UNK)(UNK)
(UNK)(UNK)(UNK)(UNK)(UNK)(UNK)(UNK)(UNK)(UNK)(UNK)(UNK)(UNK)(UNK)(UNK)(UNK)(UNK)
(UNK)(UNK)(UNK)(UNK)(UNK)(UNK)(UNK)(UNK)(UNK)(UNK)(UNK)(UNK)(UNK)(UNK)(UNK)(UNK)
(UNK)(UNK)(UNK)(UNK)(UNK)(UNK)(UNK)(UNK)(UNK)(UNK)(UNK)(UNK)(UNK)(UNK)(UNK)(UNK)
(UNK)(UNK)(UNK)
;
L
3 'polypeptide(L)'
;MKRGLCCVLLLCGAVFVSPSQEIHARFRRGARAENLWVTVYYGVPVWKDAETTLFCASDAKAYETKKHNVWATHCCVPTD
PNPQEIHLENVTEEFNMWKNNMVEQMHTDIISLWDQSLKPCVKLTPLCVTLQCTNVTNNITDDMRGELKNCSFNMTTELR
DKKQKVYSLFYRLDVVQINENQGNRSNNSNKEYRLINCNTSAITQACPKVSFEPIPIHYCAPAGFAILKCKDKKFNGTGP
CTNVSTVQCTHGIKPVVSTQLLLNGSLAEEEVIIRSENITNNAKNILVQLNESVQINCTRPNNNTRKSIRIGPGQWFYAT
GDIIGDIRQAHCNVSKATWNETLGKVVKQLRKHFGNNTIIRFANSSGGDLEVTTHSFNCGGEFFYCNTSGLFNSTWISNT
SVQGSNSTGSNDSITLPCRIKQIINMWQRIGQAMYAPPIQGVIRCVSNITGLILTRDGGSTNSTTETFRPGGGDMRDNWR
SELYKYKVVKIEPLGVAPTRCKR
;
C,A,E
4 'polypeptide(L)'
;LGFLGAAGSTMGAASMTLTVQARNLLSGIVQQQSNLLRAPECQQHLLKLTVWGIKQLQARVLAVERYLRDQQLLGIWGCS
GKLICCTNVPWNSTWSNRNLSEIWDNMTWLQWDKEISNYTQIIYGLLEESQNQQEKNEQDLLALD
;
D,B,F
#
# COMPACT_ATOMS: atom_id res chain seq x y z
N UNK A 1 -8.67 35.44 -41.84
CA UNK A 1 -8.20 35.19 -43.21
C UNK A 1 -7.76 36.48 -43.95
N UNK A 2 -7.63 37.63 -43.23
CA UNK A 2 -7.28 38.94 -43.78
C UNK A 2 -5.93 38.98 -44.49
N UNK A 3 -5.96 39.61 -45.66
CA UNK A 3 -4.83 39.84 -46.54
C UNK A 3 -5.16 41.03 -47.41
N UNK A 4 -4.14 41.69 -47.95
CA UNK A 4 -4.41 42.82 -48.84
C UNK A 4 -3.28 43.07 -49.82
N UNK A 5 -3.62 43.76 -50.92
CA UNK A 5 -2.63 44.16 -51.90
C UNK A 5 -3.10 45.39 -52.64
N UNK A 6 -2.16 46.18 -53.13
CA UNK A 6 -2.49 47.32 -53.98
C UNK A 6 -1.29 47.70 -54.83
N UNK A 7 -1.56 48.29 -56.00
CA UNK A 7 -0.48 48.76 -56.86
C UNK A 7 -0.95 49.86 -57.79
N UNK A 8 -0.01 50.70 -58.21
CA UNK A 8 -0.31 51.71 -59.23
C UNK A 8 -0.25 51.12 -60.62
N UNK A 9 0.57 50.09 -60.79
CA UNK A 9 0.77 49.51 -62.09
C UNK A 9 1.14 50.61 -63.06
N UNK A 10 0.45 50.69 -64.21
CA UNK A 10 0.68 51.75 -65.18
C UNK A 10 2.13 51.87 -65.60
N UNK A 11 2.77 50.73 -65.83
CA UNK A 11 4.15 50.68 -66.28
C UNK A 11 4.19 51.07 -67.75
N UNK A 12 5.34 51.43 -68.22
CA UNK A 12 5.46 51.72 -69.63
C UNK A 12 5.23 50.43 -70.38
N UNK A 13 4.74 50.49 -71.59
CA UNK A 13 4.65 49.25 -72.33
C UNK A 13 6.08 48.74 -72.49
N UNK A 14 6.27 47.41 -72.45
CA UNK A 14 7.58 46.77 -72.55
C UNK A 14 8.45 47.16 -71.35
N UNK A 15 7.80 47.13 -70.20
CA UNK A 15 8.39 47.38 -68.89
C UNK A 15 7.66 46.52 -67.88
N UNK A 16 8.26 46.35 -66.71
CA UNK A 16 7.64 45.58 -65.65
C UNK A 16 8.04 46.08 -64.29
N UNK A 17 7.22 45.71 -63.32
CA UNK A 17 7.41 46.02 -61.93
C UNK A 17 6.94 44.83 -61.13
N UNK A 18 7.38 44.74 -59.88
CA UNK A 18 6.90 43.64 -59.09
C UNK A 18 5.57 43.93 -58.45
N UNK A 19 4.72 42.92 -58.46
CA UNK A 19 3.45 42.96 -57.79
C UNK A 19 3.75 42.72 -56.34
N UNK A 20 2.97 43.25 -55.42
CA UNK A 20 3.27 42.94 -54.02
C UNK A 20 2.01 42.79 -53.21
N UNK A 21 2.13 42.02 -52.15
CA UNK A 21 1.04 41.72 -51.22
C UNK A 21 1.57 41.37 -49.84
N UNK A 22 0.70 41.44 -48.84
CA UNK A 22 1.07 41.04 -47.49
C UNK A 22 -0.18 40.53 -46.77
N UNK A 23 -0.01 39.77 -45.70
CA UNK A 23 -1.18 39.26 -45.02
C UNK A 23 -1.04 39.28 -43.53
N UNK A 24 -2.19 39.36 -42.85
CA UNK A 24 -2.25 39.38 -41.41
C UNK A 24 -2.66 38.05 -40.80
N UNK A 25 -3.58 37.35 -41.44
CA UNK A 25 -4.08 36.11 -40.88
C UNK A 25 -3.16 34.94 -41.14
N UNK A 26 -2.41 35.00 -42.23
CA UNK A 26 -1.52 33.93 -42.59
C UNK A 26 -0.28 34.01 -41.76
N UNK A 27 0.38 32.89 -41.55
CA UNK A 27 1.65 32.93 -40.85
C UNK A 27 2.77 33.44 -41.76
N UNK A 28 2.45 33.56 -43.05
CA UNK A 28 3.39 33.92 -44.10
C UNK A 28 4.48 32.87 -44.08
N UNK A 29 4.03 31.68 -43.78
CA UNK A 29 4.80 30.49 -43.66
C UNK A 29 3.81 29.37 -43.73
N UNK A 30 4.26 28.19 -44.08
CA UNK A 30 3.44 27.00 -44.08
C UNK A 30 2.23 27.08 -44.99
N UNK A 31 2.33 27.95 -45.97
CA UNK A 31 1.32 28.19 -46.96
C UNK A 31 2.03 28.72 -48.17
N UNK A 32 1.43 28.58 -49.32
CA UNK A 32 2.01 29.15 -50.51
C UNK A 32 1.18 30.30 -50.98
N UNK A 33 1.86 31.27 -51.54
CA UNK A 33 1.17 32.38 -52.15
C UNK A 33 0.95 32.02 -53.57
N UNK A 34 -0.12 32.50 -54.13
CA UNK A 34 -0.40 32.24 -55.53
C UNK A 34 -0.99 33.44 -56.18
N UNK A 35 -0.86 33.53 -57.49
CA UNK A 35 -1.44 34.67 -58.17
C UNK A 35 -1.95 34.34 -59.55
N UNK A 36 -3.06 35.00 -59.88
CA UNK A 36 -3.64 34.85 -61.19
C UNK A 36 -4.55 35.98 -61.55
N UNK A 37 -4.49 36.42 -62.80
CA UNK A 37 -5.41 37.42 -63.31
C UNK A 37 -5.27 37.54 -64.80
N UNK A 38 -6.25 38.12 -65.42
CA UNK A 38 -6.17 38.44 -66.82
C UNK A 38 -7.14 39.56 -67.14
N UNK A 39 -6.92 40.24 -68.25
CA UNK A 39 -7.86 41.26 -68.67
C UNK A 39 -8.96 40.58 -69.46
N UNK A 40 -10.19 40.67 -68.95
CA UNK A 40 -11.38 40.00 -69.51
C UNK A 40 -11.21 38.48 -69.57
N UNK A 41 -10.53 37.92 -68.59
CA UNK A 41 -10.29 36.49 -68.47
C UNK A 41 -9.86 36.25 -67.02
N UNK A 42 -9.86 35.01 -66.54
CA UNK A 42 -9.42 34.85 -65.16
C UNK A 42 -8.73 33.54 -64.83
N UNK A 43 -7.64 33.20 -65.49
CA UNK A 43 -7.00 31.95 -65.13
C UNK A 43 -5.49 31.96 -65.31
N UNK A 44 -4.80 31.54 -64.25
CA UNK A 44 -3.36 31.36 -64.15
C UNK A 44 -3.12 30.65 -62.85
N UNK A 45 -1.91 30.15 -62.61
CA UNK A 45 -1.61 29.56 -61.31
C UNK A 45 -0.17 29.77 -60.89
N UNK A 46 0.29 31.01 -60.81
CA UNK A 46 1.66 31.22 -60.43
C UNK A 46 1.73 31.02 -58.93
N UNK A 47 2.81 30.48 -58.40
CA UNK A 47 2.89 30.33 -56.95
C UNK A 47 4.29 30.14 -56.40
N UNK A 48 4.44 30.43 -55.10
CA UNK A 48 5.67 30.14 -54.38
C UNK A 48 5.41 29.85 -52.90
N UNK A 49 6.12 28.86 -52.38
CA UNK A 49 5.97 28.48 -50.99
C UNK A 49 6.77 29.39 -50.14
N UNK A 50 6.16 29.85 -49.04
CA UNK A 50 6.85 30.69 -48.06
C UNK A 50 7.72 29.87 -47.14
N UNK A 51 7.31 28.63 -46.86
CA UNK A 51 8.12 27.79 -46.01
C UNK A 51 9.30 27.36 -46.82
N UNK A 52 10.50 27.38 -46.25
CA UNK A 52 11.65 26.98 -47.05
C UNK A 52 11.51 27.77 -48.34
N UNK A 53 11.62 27.13 -49.48
CA UNK A 53 11.35 27.87 -50.68
C UNK A 53 10.97 26.95 -51.81
N UNK A 54 9.93 27.33 -52.53
CA UNK A 54 9.58 26.56 -53.72
C UNK A 54 8.81 27.43 -54.67
N UNK A 55 8.84 27.11 -55.96
CA UNK A 55 8.02 27.87 -56.88
C UNK A 55 7.62 27.02 -58.04
N UNK A 56 6.51 27.38 -58.64
CA UNK A 56 5.98 26.68 -59.80
C UNK A 56 5.39 27.64 -60.80
N UNK A 57 6.22 28.55 -61.29
CA UNK A 57 5.71 29.53 -62.23
C UNK A 57 5.35 28.84 -63.52
N UNK A 58 4.31 29.32 -64.19
CA UNK A 58 3.92 28.77 -65.47
C UNK A 58 5.01 29.01 -66.47
N UNK A 59 5.20 28.07 -67.39
CA UNK A 59 6.19 28.24 -68.45
C UNK A 59 5.89 29.49 -69.25
N UNK A 60 4.61 29.77 -69.40
CA UNK A 60 4.09 30.92 -70.12
C UNK A 60 4.49 32.24 -69.47
N UNK A 61 4.68 32.24 -68.16
CA UNK A 61 4.97 33.46 -67.44
C UNK A 61 6.46 33.78 -67.40
N UNK A 62 7.27 32.77 -67.10
CA UNK A 62 8.72 32.95 -66.98
C UNK A 62 9.08 34.12 -66.07
N UNK A 63 8.36 34.26 -64.95
CA UNK A 63 8.58 35.36 -64.03
C UNK A 63 8.20 34.95 -62.59
N UNK A 64 9.06 34.17 -61.94
CA UNK A 64 8.75 33.60 -60.63
C UNK A 64 8.73 34.63 -59.50
N UNK A 65 7.90 34.32 -58.50
CA UNK A 65 7.70 35.06 -57.25
C UNK A 65 8.77 34.79 -56.21
N UNK A 66 8.89 35.70 -55.24
CA UNK A 66 9.80 35.58 -54.10
C UNK A 66 9.17 36.19 -52.84
N UNK A 67 9.65 35.83 -51.65
CA UNK A 67 9.03 36.42 -50.46
C UNK A 67 10.00 36.65 -49.33
N UNK A 68 9.64 37.60 -48.47
CA UNK A 68 10.37 38.01 -47.29
C UNK A 68 9.99 37.16 -46.09
N UNK A 69 10.81 37.25 -45.04
CA UNK A 69 10.47 36.63 -43.75
C UNK A 69 9.29 37.39 -43.12
N UNK A 70 9.13 38.61 -43.58
CA UNK A 70 8.09 39.53 -43.21
C UNK A 70 6.84 39.07 -43.91
N UNK A 71 5.67 39.56 -43.51
CA UNK A 71 4.44 39.13 -44.18
C UNK A 71 4.44 39.36 -45.70
N UNK A 72 5.18 40.37 -46.14
CA UNK A 72 5.24 40.77 -47.53
C UNK A 72 5.89 39.77 -48.50
N UNK A 73 5.33 39.75 -49.71
CA UNK A 73 5.82 38.95 -50.82
C UNK A 73 5.62 39.72 -52.11
N UNK A 74 6.42 39.39 -53.12
CA UNK A 74 6.30 40.11 -54.39
C UNK A 74 6.77 39.29 -55.57
N UNK A 75 6.31 39.66 -56.76
CA UNK A 75 6.77 38.96 -57.95
C UNK A 75 7.05 39.89 -59.09
N UNK A 76 8.28 39.81 -59.61
CA UNK A 76 8.71 40.68 -60.70
C UNK A 76 8.30 40.13 -62.02
N UNK A 77 7.39 40.81 -62.69
CA UNK A 77 6.89 40.34 -63.96
C UNK A 77 7.96 40.52 -65.01
N UNK A 78 7.93 39.70 -66.04
CA UNK A 78 8.81 39.90 -67.16
C UNK A 78 8.27 41.11 -67.92
N UNK A 79 9.15 41.95 -68.47
CA UNK A 79 8.66 43.09 -69.25
C UNK A 79 7.95 42.62 -70.50
N UNK A 80 6.83 43.26 -70.80
CA UNK A 80 6.07 42.94 -71.99
C UNK A 80 5.22 44.10 -72.43
N UNK A 81 4.87 44.12 -73.71
CA UNK A 81 3.94 45.10 -74.23
C UNK A 81 2.72 44.40 -74.80
N UNK A 82 2.50 43.17 -74.34
CA UNK A 82 1.40 42.36 -74.84
C UNK A 82 0.55 41.77 -73.73
N UNK A 83 0.41 42.48 -72.64
CA UNK A 83 -0.40 41.95 -71.56
C UNK A 83 -0.92 43.03 -70.63
N UNK A 84 -2.03 42.72 -69.98
CA UNK A 84 -2.59 43.54 -68.93
C UNK A 84 -3.39 42.62 -68.03
N UNK A 85 -3.44 42.90 -66.74
CA UNK A 85 -4.29 42.10 -65.88
C UNK A 85 -4.55 42.76 -64.55
N UNK A 86 -5.68 42.46 -63.95
CA UNK A 86 -5.96 42.90 -62.59
C UNK A 86 -5.36 41.90 -61.63
N UNK A 87 -4.05 41.91 -61.56
CA UNK A 87 -3.28 40.95 -60.79
C UNK A 87 -3.77 40.86 -59.38
N UNK A 88 -3.84 39.63 -58.88
CA UNK A 88 -4.32 39.38 -57.54
C UNK A 88 -3.67 38.17 -56.88
N UNK A 89 -3.49 38.30 -55.57
CA UNK A 89 -2.93 37.29 -54.67
C UNK A 89 -3.97 36.32 -54.14
N UNK A 90 -3.52 35.11 -53.77
CA UNK A 90 -4.35 34.08 -53.13
C UNK A 90 -3.55 33.14 -52.21
N UNK A 91 -4.25 32.53 -51.25
CA UNK A 91 -3.73 31.49 -50.34
C UNK A 91 -4.34 30.15 -50.73
N UNK A 92 -3.82 29.00 -50.28
CA UNK A 92 -4.53 27.75 -50.63
C UNK A 92 -4.43 26.64 -49.59
N UNK A 93 -5.55 25.92 -49.45
CA UNK A 93 -5.81 24.78 -48.58
C UNK A 93 -5.30 23.48 -49.17
N UNK A 94 -5.15 22.46 -48.33
CA UNK A 94 -4.70 21.16 -48.84
C UNK A 94 -5.25 19.98 -48.03
N UNK A 95 -5.31 18.81 -48.69
CA UNK A 95 -5.76 17.56 -48.07
C UNK A 95 -4.62 16.56 -47.86
N UNK A 96 -3.39 17.07 -47.84
CA UNK A 96 -2.14 16.32 -47.66
C UNK A 96 -1.84 15.38 -48.82
N UNK A 97 -2.56 15.52 -49.92
CA UNK A 97 -2.31 14.77 -51.12
C UNK A 97 -1.32 15.51 -51.99
N UNK A 98 -1.44 16.83 -51.96
CA UNK A 98 -0.65 17.78 -52.72
C UNK A 98 -0.68 19.08 -51.95
N UNK A 99 0.36 19.88 -52.06
CA UNK A 99 0.37 21.15 -51.37
C UNK A 99 -0.46 22.21 -52.09
N UNK A 100 -1.11 23.06 -51.31
CA UNK A 100 -1.81 24.24 -51.82
C UNK A 100 -2.79 23.96 -52.94
N UNK A 101 -3.54 22.88 -52.82
CA UNK A 101 -4.51 22.47 -53.83
C UNK A 101 -5.74 23.37 -54.04
N UNK A 102 -6.28 23.97 -52.97
CA UNK A 102 -7.53 24.74 -53.13
C UNK A 102 -7.39 26.21 -52.75
N UNK A 103 -7.38 27.09 -53.76
CA UNK A 103 -7.13 28.53 -53.58
C UNK A 103 -8.30 29.35 -53.02
N UNK A 104 -7.92 30.44 -52.33
CA UNK A 104 -8.82 31.46 -51.79
C UNK A 104 -8.27 32.86 -52.11
N UNK A 105 -8.95 33.56 -53.02
CA UNK A 105 -8.48 34.86 -53.52
C UNK A 105 -8.63 35.98 -52.52
N UNK A 106 -7.69 36.92 -52.58
CA UNK A 106 -7.69 38.15 -51.80
C UNK A 106 -8.03 39.33 -52.70
N UNK A 107 -8.53 40.42 -52.12
CA UNK A 107 -8.75 41.63 -52.90
C UNK A 107 -7.41 42.17 -53.38
N UNK A 108 -7.37 42.66 -54.60
CA UNK A 108 -6.16 43.23 -55.16
C UNK A 108 -6.50 44.03 -56.40
N UNK A 109 -5.54 44.80 -56.91
CA UNK A 109 -5.74 45.53 -58.15
C UNK A 109 -4.43 45.77 -58.89
N UNK A 110 -4.56 45.93 -60.20
CA UNK A 110 -3.48 46.23 -61.12
C UNK A 110 -4.09 46.72 -62.44
N UNK A 111 -3.25 47.22 -63.34
CA UNK A 111 -3.71 47.74 -64.61
C UNK A 111 -2.66 47.62 -65.72
N UNK A 112 -3.12 47.79 -66.96
CA UNK A 112 -2.29 47.69 -68.16
C UNK A 112 -1.08 48.64 -68.19
N UNK A 113 0.06 48.13 -68.72
CA UNK A 113 1.33 48.84 -68.89
C UNK A 113 1.30 49.67 -70.19
N UNK B 1 -3.85 19.67 -66.66
CA UNK B 1 -3.32 19.67 -68.04
C UNK B 1 -4.20 20.49 -68.99
N UNK B 2 -5.54 20.35 -68.89
CA UNK B 2 -6.53 21.06 -69.71
C UNK B 2 -7.89 21.09 -69.02
N UNK B 3 -8.63 22.15 -69.32
CA UNK B 3 -9.99 22.31 -68.85
C UNK B 3 -10.75 23.24 -69.78
N UNK B 4 -12.06 23.06 -69.81
CA UNK B 4 -12.95 23.93 -70.58
C UNK B 4 -14.33 23.81 -70.01
N UNK B 5 -15.23 24.75 -70.27
CA UNK B 5 -16.57 24.60 -69.73
C UNK B 5 -17.58 25.23 -70.63
N UNK B 6 -18.81 24.71 -70.55
CA UNK B 6 -19.88 25.29 -71.34
C UNK B 6 -20.18 26.64 -70.75
N UNK B 7 -20.43 27.66 -71.55
CA UNK B 7 -20.82 28.89 -70.88
C UNK B 7 -22.15 28.64 -70.19
N UNK B 8 -23.04 27.87 -70.82
CA UNK B 8 -24.31 27.58 -70.17
C UNK B 8 -24.92 28.87 -69.62
N UNK B 9 -24.92 29.92 -70.41
CA UNK B 9 -25.40 31.20 -69.93
C UNK B 9 -26.86 31.11 -69.61
N UNK B 10 -27.28 31.80 -68.56
CA UNK B 10 -28.69 31.74 -68.16
C UNK B 10 -29.14 32.94 -67.34
N UNK B 11 -30.45 33.15 -67.31
CA UNK B 11 -31.07 34.16 -66.48
C UNK B 11 -32.49 33.72 -66.12
N UNK B 12 -33.00 34.22 -65.00
CA UNK B 12 -34.38 33.98 -64.56
C UNK B 12 -34.76 32.51 -64.49
N UNK B 13 -33.89 31.66 -63.93
CA UNK B 13 -34.20 30.25 -63.80
C UNK B 13 -33.57 29.67 -62.57
N UNK B 14 -34.25 28.73 -61.94
CA UNK B 14 -33.77 28.06 -60.74
C UNK B 14 -32.93 26.85 -61.07
N UNK B 15 -31.92 26.60 -60.23
CA UNK B 15 -31.07 25.44 -60.31
C UNK B 15 -30.45 25.27 -61.68
N UNK B 16 -30.02 26.37 -62.29
CA UNK B 16 -29.35 26.25 -63.56
C UNK B 16 -28.03 25.60 -63.21
N UNK B 17 -27.51 24.72 -64.03
CA UNK B 17 -26.23 24.11 -63.65
C UNK B 17 -25.25 24.13 -64.78
N UNK B 18 -23.99 24.15 -64.41
CA UNK B 18 -22.89 24.17 -65.35
C UNK B 18 -22.33 22.78 -65.53
N UNK B 19 -21.46 22.64 -66.50
CA UNK B 19 -20.78 21.39 -66.77
C UNK B 19 -19.45 21.74 -67.36
N UNK B 20 -18.49 20.83 -67.23
CA UNK B 20 -17.18 21.18 -67.78
C UNK B 20 -16.34 20.00 -68.22
N UNK B 21 -15.48 20.27 -69.17
CA UNK B 21 -14.55 19.32 -69.73
C UNK B 21 -13.30 19.24 -68.89
N UNK B 22 -12.68 18.08 -68.90
CA UNK B 22 -11.41 17.94 -68.22
C UNK B 22 -10.54 16.96 -68.95
N UNK B 23 -9.23 17.17 -68.87
CA UNK B 23 -8.28 16.27 -69.47
C UNK B 23 -8.37 14.85 -68.93
N UNK B 24 -8.69 14.68 -67.65
CA UNK B 24 -8.72 13.33 -67.12
C UNK B 24 -9.60 13.14 -65.90
N UNK B 25 -9.98 11.88 -65.70
CA UNK B 25 -10.71 11.43 -64.51
C UNK B 25 -9.80 11.46 -63.31
N UNK B 26 -8.52 11.59 -63.58
CA UNK B 26 -7.43 11.65 -62.64
C UNK B 26 -7.59 12.83 -61.71
N UNK B 27 -8.38 13.81 -62.12
CA UNK B 27 -8.64 14.98 -61.32
C UNK B 27 -9.28 14.56 -59.99
N UNK B 28 -10.01 13.44 -60.01
CA UNK B 28 -10.73 12.87 -58.87
C UNK B 28 -11.73 13.84 -58.28
N UNK B 29 -12.23 14.72 -59.12
CA UNK B 29 -13.19 15.76 -58.78
C UNK B 29 -12.62 16.74 -57.75
N UNK B 30 -11.30 16.76 -57.55
CA UNK B 30 -10.68 17.69 -56.63
C UNK B 30 -10.35 18.98 -57.35
N UNK B 31 -11.37 19.55 -57.93
CA UNK B 31 -11.30 20.76 -58.71
C UNK B 31 -12.57 21.53 -58.48
N UNK B 32 -12.73 22.03 -57.26
CA UNK B 32 -13.91 22.79 -56.88
C UNK B 32 -13.90 24.15 -57.55
N UNK B 33 -15.08 24.66 -57.91
CA UNK B 33 -15.17 25.97 -58.53
C UNK B 33 -15.32 27.08 -57.52
N UNK B 34 -14.77 28.24 -57.87
CA UNK B 34 -14.90 29.47 -57.10
C UNK B 34 -15.70 30.47 -57.90
N UNK B 35 -16.60 31.18 -57.24
CA UNK B 35 -17.47 32.12 -57.92
C UNK B 35 -17.12 33.55 -57.67
N UNK B 36 -17.43 34.42 -58.62
CA UNK B 36 -17.21 35.84 -58.40
C UNK B 36 -18.24 36.73 -59.02
N UNK B 37 -18.60 37.73 -58.27
CA UNK B 37 -19.47 38.80 -58.67
C UNK B 37 -18.67 39.70 -59.58
N UNK B 38 -19.33 40.53 -60.35
CA UNK B 38 -18.55 41.44 -61.17
C UNK B 38 -17.70 42.31 -60.26
N UNK B 39 -16.46 42.57 -60.68
CA UNK B 39 -15.52 43.41 -59.94
C UNK B 39 -15.32 42.92 -58.51
N UNK B 40 -15.08 41.63 -58.35
CA UNK B 40 -14.89 41.05 -57.04
C UNK B 40 -13.95 39.86 -57.06
N UNK B 41 -13.27 39.63 -55.94
CA UNK B 41 -12.42 38.45 -55.80
C UNK B 41 -13.30 37.23 -55.76
N UNK B 42 -12.84 36.14 -56.35
CA UNK B 42 -13.59 34.89 -56.29
C UNK B 42 -13.46 34.21 -54.96
N UNK B 43 -14.47 33.43 -54.61
CA UNK B 43 -14.39 32.63 -53.41
C UNK B 43 -14.82 31.22 -53.71
N UNK B 44 -14.12 30.28 -53.09
CA UNK B 44 -14.44 28.89 -53.33
C UNK B 44 -15.84 28.57 -52.89
N UNK B 45 -16.54 27.79 -53.71
CA UNK B 45 -17.85 27.32 -53.32
C UNK B 45 -17.69 26.08 -52.46
N UNK B 46 -16.64 25.32 -52.76
CA UNK B 46 -16.30 24.05 -52.15
C UNK B 46 -14.80 23.94 -52.11
N UNK B 47 -14.24 23.21 -51.16
CA UNK B 47 -12.78 23.03 -51.17
C UNK B 47 -12.36 22.05 -52.26
N UNK B 48 -13.16 21.03 -52.45
CA UNK B 48 -12.90 19.99 -53.41
C UNK B 48 -14.24 19.41 -53.71
N UNK B 49 -14.39 18.84 -54.91
CA UNK B 49 -15.63 18.19 -55.27
C UNK B 49 -16.80 19.07 -54.86
N UNK B 50 -17.77 18.47 -54.19
CA UNK B 50 -18.87 19.24 -53.67
C UNK B 50 -18.72 19.28 -52.16
N UNK B 51 -18.65 20.48 -51.65
CA UNK B 51 -18.45 20.75 -50.25
C UNK B 51 -18.96 22.14 -50.02
N UNK B 52 -19.20 22.50 -48.76
CA UNK B 52 -19.67 23.86 -48.40
C UNK B 52 -19.21 24.23 -46.99
N UNK B 53 -18.19 25.08 -46.87
CA UNK B 53 -17.71 25.52 -45.54
C UNK B 53 -17.92 27.04 -45.42
N UNK B 54 -18.53 27.49 -44.33
CA UNK B 54 -18.82 28.94 -44.15
C UNK B 54 -19.64 29.44 -45.33
N UNK B 55 -20.57 28.62 -45.83
CA UNK B 55 -21.38 28.99 -47.01
C UNK B 55 -22.85 28.60 -46.78
N UNK B 56 -23.77 29.23 -47.52
CA UNK B 56 -25.21 28.89 -47.46
C UNK B 56 -25.45 27.47 -48.03
N UNK B 57 -26.28 26.68 -47.35
CA UNK B 57 -26.62 25.32 -47.82
C UNK B 57 -27.48 25.39 -49.09
N UNK B 58 -28.08 26.54 -49.35
CA UNK B 58 -29.00 26.71 -50.51
C UNK B 58 -28.24 26.50 -51.83
N UNK B 59 -26.92 26.68 -51.84
CA UNK B 59 -26.15 26.58 -53.10
C UNK B 59 -26.34 25.21 -53.75
N UNK B 60 -26.38 24.13 -52.96
CA UNK B 60 -26.66 22.78 -53.51
C UNK B 60 -25.70 22.46 -54.67
N UNK B 61 -24.39 22.51 -54.38
CA UNK B 61 -23.32 22.07 -55.28
C UNK B 61 -23.29 20.56 -55.49
N UNK B 62 -22.74 20.16 -56.64
CA UNK B 62 -22.50 18.76 -57.01
C UNK B 62 -21.27 18.75 -57.85
N UNK B 63 -20.54 17.64 -57.88
CA UNK B 63 -19.30 17.57 -58.62
C UNK B 63 -19.02 16.17 -59.18
N UNK B 64 -18.12 16.11 -60.17
CA UNK B 64 -17.75 14.85 -60.80
C UNK B 64 -16.33 14.89 -61.34
N UNK B 65 -15.70 13.72 -61.44
CA UNK B 65 -14.36 13.57 -62.01
C UNK B 65 -14.47 13.52 -63.51
N UNK B 66 -13.41 13.94 -64.20
CA UNK B 66 -13.41 14.02 -65.65
C UNK B 66 -14.49 15.02 -65.99
N UNK B 67 -15.48 14.69 -66.81
CA UNK B 67 -16.44 15.73 -67.05
C UNK B 67 -17.05 16.11 -65.71
N UNK B 68 -17.04 17.39 -65.44
CA UNK B 68 -17.51 17.97 -64.21
C UNK B 68 -18.98 18.16 -64.15
N UNK B 69 -19.45 18.16 -62.93
CA UNK B 69 -20.82 18.50 -62.58
C UNK B 69 -20.73 19.80 -61.82
N UNK B 70 -21.77 20.61 -61.89
CA UNK B 70 -21.77 21.88 -61.17
C UNK B 70 -23.16 22.32 -60.79
N UNK B 71 -23.74 21.63 -59.81
CA UNK B 71 -25.15 21.86 -59.43
C UNK B 71 -25.32 23.20 -58.76
N UNK B 72 -26.57 23.69 -58.75
CA UNK B 72 -26.84 25.01 -58.20
C UNK B 72 -28.14 25.18 -57.46
N UNK B 73 -28.16 26.29 -56.75
CA UNK B 73 -29.23 26.84 -55.94
C UNK B 73 -30.46 27.24 -56.71
N UNK B 74 -31.58 27.30 -55.99
CA UNK B 74 -32.81 27.83 -56.54
C UNK B 74 -32.54 29.29 -56.88
N UNK B 75 -33.26 29.82 -57.85
CA UNK B 75 -32.97 31.17 -58.32
C UNK B 75 -32.93 32.18 -57.21
N UNK B 76 -31.91 33.03 -57.27
CA UNK B 76 -31.69 34.11 -56.34
C UNK B 76 -30.88 35.19 -57.02
N UNK B 77 -31.02 36.45 -56.60
CA UNK B 77 -30.20 37.52 -57.17
C UNK B 77 -28.72 37.28 -56.91
N UNK B 78 -28.45 36.67 -55.76
CA UNK B 78 -27.12 36.36 -55.30
C UNK B 78 -26.44 35.32 -56.17
N UNK B 79 -27.20 34.63 -57.00
CA UNK B 79 -26.68 33.58 -57.85
C UNK B 79 -26.13 34.12 -59.16
N UNK B 80 -26.22 35.43 -59.38
CA UNK B 80 -25.78 35.99 -60.64
C UNK B 80 -24.27 36.18 -60.71
N UNK B 81 -23.54 35.06 -60.81
CA UNK B 81 -22.08 35.07 -60.84
C UNK B 81 -21.51 33.90 -61.65
N UNK B 82 -20.37 34.16 -62.29
CA UNK B 82 -19.65 33.12 -63.02
C UNK B 82 -18.85 32.33 -62.02
N UNK B 83 -18.49 31.10 -62.37
CA UNK B 83 -17.66 30.32 -61.46
C UNK B 83 -16.84 29.33 -62.19
N UNK B 84 -15.63 29.08 -61.73
CA UNK B 84 -14.82 28.10 -62.42
C UNK B 84 -13.86 27.38 -61.53
N UNK B 85 -13.52 26.17 -61.93
CA UNK B 85 -12.53 25.38 -61.22
C UNK B 85 -11.26 25.23 -62.01
N UNK B 86 -10.14 25.28 -61.30
CA UNK B 86 -8.82 25.05 -61.85
C UNK B 86 -8.48 23.60 -61.79
N UNK B 87 -7.60 23.17 -62.66
CA UNK B 87 -7.16 21.78 -62.64
C UNK B 87 -6.68 21.39 -61.25
N UNK B 88 -7.03 20.16 -60.87
CA UNK B 88 -6.77 19.54 -59.57
C UNK B 88 -5.31 19.41 -59.12
N UNK B 89 -4.34 19.29 -60.01
CA UNK B 89 -2.97 19.11 -59.50
C UNK B 89 -1.91 19.71 -60.38
N UNK B 90 -0.80 20.08 -59.74
CA UNK B 90 0.39 20.68 -60.36
C UNK B 90 0.06 21.96 -61.10
N UNK B 91 0.52 22.11 -62.34
CA UNK B 91 0.22 23.35 -63.05
C UNK B 91 -1.27 23.38 -63.26
N UNK B 92 -1.89 24.54 -63.14
CA UNK B 92 -3.33 24.55 -63.31
C UNK B 92 -3.87 25.84 -63.87
N UNK B 93 -5.05 25.75 -64.46
CA UNK B 93 -5.81 26.89 -64.93
C UNK B 93 -7.26 26.50 -64.87
N UNK B 94 -8.14 27.48 -64.76
CA UNK B 94 -9.57 27.28 -64.73
C UNK B 94 -10.27 27.56 -66.03
N UNK B 95 -11.41 26.91 -66.20
CA UNK B 95 -12.32 27.10 -67.35
C UNK B 95 -12.94 28.48 -67.30
N UNK B 96 -13.30 29.10 -68.43
CA UNK B 96 -13.94 30.41 -68.28
C UNK B 96 -15.24 30.30 -67.51
N UNK B 97 -16.05 29.30 -67.87
CA UNK B 97 -17.31 29.01 -67.17
C UNK B 97 -18.16 30.28 -66.87
N UNK B 98 -18.42 31.05 -67.92
CA UNK B 98 -19.17 32.31 -67.86
C UNK B 98 -20.62 32.07 -67.44
N UNK B 99 -21.31 33.11 -66.88
CA UNK B 99 -22.73 33.02 -66.45
C UNK B 99 -23.63 33.72 -67.46
N ASN C 35 -32.83 -47.36 15.65
CA ASN C 35 -32.99 -46.96 14.24
C ASN C 35 -32.82 -45.47 14.00
N LEU C 36 -31.89 -44.87 14.73
CA LEU C 36 -31.58 -43.48 14.60
C LEU C 36 -30.12 -43.35 14.28
N TRP C 37 -29.81 -42.63 13.21
CA TRP C 37 -28.42 -42.48 12.77
C TRP C 37 -27.98 -41.03 12.73
N VAL C 38 -26.70 -40.76 12.94
CA VAL C 38 -26.21 -39.38 12.87
C VAL C 38 -26.01 -38.92 11.45
N THR C 39 -26.65 -37.80 11.08
CA THR C 39 -26.43 -37.22 9.76
C THR C 39 -25.74 -35.91 9.95
N VAL C 40 -24.70 -35.71 9.20
CA VAL C 40 -23.97 -34.48 9.27
C VAL C 40 -24.45 -33.56 8.17
N TYR C 41 -24.76 -32.33 8.52
CA TYR C 41 -25.21 -31.38 7.54
C TYR C 41 -24.30 -30.17 7.49
N TYR C 42 -24.13 -29.65 6.28
CA TYR C 42 -23.41 -28.40 6.07
C TYR C 42 -24.32 -27.42 5.37
N GLY C 43 -24.46 -26.22 5.92
CA GLY C 43 -25.35 -25.20 5.35
C GLY C 43 -26.58 -24.99 6.24
N VAL C 44 -26.44 -25.30 7.51
CA VAL C 44 -27.48 -25.16 8.51
C VAL C 44 -27.65 -23.68 8.94
N PRO C 45 -28.85 -23.08 8.89
CA PRO C 45 -29.11 -21.66 9.18
C PRO C 45 -29.15 -21.30 10.64
N VAL C 46 -28.02 -21.45 11.30
CA VAL C 46 -27.92 -21.12 12.71
C VAL C 46 -26.76 -20.18 12.96
N TRP C 47 -26.78 -19.51 14.10
CA TRP C 47 -25.75 -18.56 14.42
C TRP C 47 -25.51 -18.32 15.90
N LYS C 48 -24.41 -17.65 16.18
CA LYS C 48 -24.03 -17.26 17.53
C LYS C 48 -23.61 -15.81 17.65
N ASP C 49 -23.83 -15.25 18.82
CA ASP C 49 -23.38 -13.88 19.05
C ASP C 49 -21.90 -13.84 18.81
N ALA C 50 -21.39 -12.85 18.07
CA ALA C 50 -19.96 -12.87 17.86
C ALA C 50 -19.34 -11.51 17.60
N GLU C 51 -18.05 -11.44 17.88
CA GLU C 51 -17.28 -10.25 17.59
C GLU C 51 -16.49 -10.38 16.31
N THR C 52 -16.68 -9.42 15.42
CA THR C 52 -15.94 -9.34 14.17
C THR C 52 -15.88 -7.90 13.78
N THR C 53 -14.87 -7.52 13.04
CA THR C 53 -14.73 -6.16 12.57
C THR C 53 -15.59 -5.93 11.36
N LEU C 54 -16.38 -4.87 11.38
CA LEU C 54 -17.25 -4.56 10.26
C LEU C 54 -16.59 -3.67 9.25
N PHE C 55 -17.05 -3.78 8.02
CA PHE C 55 -16.54 -3.00 6.92
C PHE C 55 -17.37 -1.72 6.73
N CYS C 56 -16.73 -0.54 6.49
CA CYS C 56 -17.46 0.71 6.26
C CYS C 56 -17.65 0.97 4.77
N ALA C 57 -18.89 1.23 4.39
CA ALA C 57 -19.28 1.52 3.02
C ALA C 57 -20.12 2.81 2.93
N SER C 58 -20.09 3.44 1.75
CA SER C 58 -20.82 4.71 1.51
C SER C 58 -21.73 4.64 0.27
N ASP C 59 -22.16 5.79 -0.25
CA ASP C 59 -23.08 5.77 -1.39
C ASP C 59 -23.04 6.98 -2.35
N ALA C 60 -22.53 6.78 -3.57
CA ALA C 60 -22.49 7.79 -4.64
C ALA C 60 -21.93 9.17 -4.31
N HIS C 68 -13.24 16.95 -0.55
CA HIS C 68 -12.21 16.43 0.36
C HIS C 68 -12.81 16.07 1.75
N ASN C 69 -13.98 15.40 1.74
CA ASN C 69 -14.69 14.90 2.92
C ASN C 69 -13.98 13.72 3.54
N VAL C 70 -13.85 13.76 4.85
CA VAL C 70 -13.12 12.74 5.56
C VAL C 70 -13.73 11.33 5.52
N TRP C 71 -15.04 11.22 5.56
CA TRP C 71 -15.60 9.89 5.57
C TRP C 71 -15.81 9.42 4.17
N ALA C 72 -15.97 10.36 3.23
CA ALA C 72 -16.14 9.98 1.84
C ALA C 72 -14.84 9.37 1.34
N THR C 73 -13.71 9.91 1.81
CA THR C 73 -12.42 9.39 1.40
C THR C 73 -12.21 7.99 1.93
N HIS C 74 -12.49 7.79 3.23
CA HIS C 74 -12.26 6.47 3.77
C HIS C 74 -13.20 5.37 3.30
N CYS C 75 -14.54 5.58 3.36
CA CYS C 75 -15.54 4.55 3.07
C CYS C 75 -15.81 4.60 1.56
N CYS C 76 -14.75 4.28 0.82
CA CYS C 76 -14.73 4.37 -0.63
C CYS C 76 -15.72 3.42 -1.28
N VAL C 77 -15.75 2.19 -0.81
CA VAL C 77 -16.59 1.22 -1.45
C VAL C 77 -18.04 1.55 -1.20
N PRO C 78 -18.88 1.63 -2.24
CA PRO C 78 -20.29 1.89 -2.14
C PRO C 78 -20.99 0.67 -1.63
N THR C 79 -22.14 0.85 -1.00
CA THR C 79 -22.96 -0.27 -0.61
C THR C 79 -23.69 -0.77 -1.81
N ASP C 80 -24.22 -1.97 -1.69
CA ASP C 80 -25.06 -2.53 -2.71
C ASP C 80 -26.24 -1.57 -2.86
N PRO C 81 -26.53 -1.01 -4.05
CA PRO C 81 -27.63 -0.09 -4.30
C PRO C 81 -28.99 -0.68 -3.92
N ASN C 82 -29.09 -2.01 -3.86
CA ASN C 82 -30.35 -2.65 -3.50
C ASN C 82 -30.18 -3.73 -2.43
N PRO C 83 -29.86 -3.36 -1.18
CA PRO C 83 -29.54 -4.25 -0.08
C PRO C 83 -30.80 -4.81 0.55
N GLN C 84 -31.51 -5.63 -0.20
CA GLN C 84 -32.78 -6.15 0.29
C GLN C 84 -32.64 -7.08 1.49
N GLU C 85 -33.43 -6.77 2.52
CA GLU C 85 -33.50 -7.51 3.77
C GLU C 85 -34.31 -8.80 3.70
N ILE C 86 -34.02 -9.72 4.61
CA ILE C 86 -34.77 -10.96 4.71
C ILE C 86 -35.62 -10.96 5.96
N HIS C 87 -36.91 -11.17 5.86
CA HIS C 87 -37.69 -11.21 7.10
C HIS C 87 -37.64 -12.60 7.68
N LEU C 88 -37.06 -12.73 8.87
CA LEU C 88 -36.91 -14.03 9.47
C LEU C 88 -38.15 -14.39 10.24
N GLU C 89 -39.15 -14.80 9.49
CA GLU C 89 -40.44 -15.11 10.06
C GLU C 89 -40.24 -16.22 11.09
N ASN C 90 -40.90 -16.04 12.25
CA ASN C 90 -40.95 -17.04 13.36
C ASN C 90 -39.79 -16.83 14.36
N VAL C 91 -38.77 -16.05 13.99
CA VAL C 91 -37.52 -15.94 14.76
C VAL C 91 -37.55 -14.83 15.78
N THR C 92 -37.25 -15.16 17.02
CA THR C 92 -37.19 -14.17 18.08
C THR C 92 -35.74 -14.16 18.56
N GLU C 93 -35.13 -12.99 18.62
CA GLU C 93 -33.73 -12.86 19.02
C GLU C 93 -33.59 -12.02 20.25
N GLU C 94 -32.55 -12.26 21.03
CA GLU C 94 -32.33 -11.41 22.18
C GLU C 94 -31.28 -10.36 21.89
N PHE C 95 -31.57 -9.14 22.30
CA PHE C 95 -30.69 -8.00 22.09
C PHE C 95 -30.25 -7.35 23.39
N ASN C 96 -29.12 -6.66 23.34
CA ASN C 96 -28.67 -5.85 24.46
C ASN C 96 -27.94 -4.65 23.90
N MET C 97 -28.64 -3.53 23.80
CA MET C 97 -28.08 -2.36 23.18
C MET C 97 -26.97 -1.72 23.98
N TRP C 98 -26.84 -2.10 25.23
CA TRP C 98 -25.87 -1.46 26.08
C TRP C 98 -24.53 -2.17 26.05
N LYS C 99 -24.49 -3.34 25.41
CA LYS C 99 -23.30 -4.16 25.36
C LYS C 99 -22.94 -4.47 23.92
N ASN C 100 -23.48 -3.67 23.03
CA ASN C 100 -23.35 -3.86 21.61
C ASN C 100 -21.97 -3.41 21.15
N ASN C 101 -21.17 -4.36 20.67
CA ASN C 101 -19.78 -4.07 20.32
C ASN C 101 -19.64 -3.30 19.02
N MET C 102 -20.76 -3.07 18.36
CA MET C 102 -20.74 -2.29 17.14
C MET C 102 -20.47 -0.85 17.52
N VAL C 103 -20.82 -0.50 18.76
CA VAL C 103 -20.65 0.83 19.27
C VAL C 103 -19.20 1.06 19.48
N GLU C 104 -18.53 0.07 20.05
CA GLU C 104 -17.12 0.21 20.31
C GLU C 104 -16.36 0.33 19.01
N GLN C 105 -16.81 -0.39 17.99
CA GLN C 105 -16.10 -0.21 16.74
C GLN C 105 -16.35 1.15 16.18
N MET C 106 -17.58 1.66 16.26
CA MET C 106 -17.79 2.97 15.67
C MET C 106 -16.93 4.00 16.38
N HIS C 107 -16.78 3.85 17.68
CA HIS C 107 -15.96 4.73 18.49
C HIS C 107 -14.51 4.66 18.06
N THR C 108 -13.98 3.45 17.96
CA THR C 108 -12.60 3.30 17.60
C THR C 108 -12.33 3.82 16.21
N ASP C 109 -13.21 3.52 15.26
CA ASP C 109 -13.00 3.89 13.90
C ASP C 109 -13.07 5.38 13.71
N ILE C 110 -14.00 6.05 14.38
CA ILE C 110 -14.12 7.46 14.16
C ILE C 110 -12.92 8.17 14.73
N ILE C 111 -12.40 7.71 15.86
CA ILE C 111 -11.26 8.38 16.41
C ILE C 111 -10.06 8.16 15.53
N SER C 112 -9.86 6.94 15.07
CA SER C 112 -8.70 6.68 14.25
C SER C 112 -8.71 7.49 12.97
N LEU C 113 -9.86 7.55 12.30
CA LEU C 113 -9.91 8.29 11.06
C LEU C 113 -9.72 9.75 11.33
N TRP C 114 -10.24 10.21 12.46
CA TRP C 114 -10.09 11.59 12.83
C TRP C 114 -8.62 11.93 12.96
N ASP C 115 -7.87 11.11 13.71
CA ASP C 115 -6.47 11.41 13.93
C ASP C 115 -5.66 11.35 12.66
N GLN C 116 -6.01 10.47 11.75
CA GLN C 116 -5.24 10.36 10.52
C GLN C 116 -5.54 11.48 9.55
N SER C 117 -6.54 12.29 9.88
CA SER C 117 -6.91 13.39 9.04
C SER C 117 -6.29 14.66 9.58
N LEU C 118 -5.63 14.54 10.73
CA LEU C 118 -5.00 15.68 11.36
C LEU C 118 -3.51 15.53 11.19
N LYS C 119 -3.03 14.31 11.43
CA LYS C 119 -1.64 13.93 11.34
C LYS C 119 -0.81 14.58 10.24
N PRO C 120 -1.19 14.53 8.96
CA PRO C 120 -0.39 15.07 7.86
C PRO C 120 -0.15 16.58 7.81
N CYS C 121 -0.90 17.42 8.55
CA CYS C 121 -0.79 18.88 8.52
C CYS C 121 0.15 19.46 9.58
N VAL C 122 0.46 20.74 9.32
CA VAL C 122 1.40 21.59 10.05
C VAL C 122 1.10 21.72 11.51
N LYS C 123 2.16 21.66 12.29
CA LYS C 123 2.07 21.75 13.71
C LYS C 123 2.09 23.22 14.04
N LEU C 124 1.44 23.61 15.12
CA LEU C 124 1.44 25.00 15.52
C LEU C 124 2.35 25.28 16.68
N THR C 125 3.24 24.35 16.96
CA THR C 125 4.20 24.50 18.03
C THR C 125 4.89 25.87 18.01
N PRO C 126 5.35 26.40 16.84
CA PRO C 126 6.04 27.65 16.74
C PRO C 126 5.24 28.85 17.23
N LEU C 127 3.94 28.70 17.42
CA LEU C 127 3.13 29.80 17.90
C LEU C 127 2.99 29.90 19.43
N CYS C 128 3.59 28.96 20.21
CA CYS C 128 3.49 28.98 21.68
C CYS C 128 4.53 29.97 22.24
N VAL C 129 4.19 31.23 22.08
CA VAL C 129 5.01 32.37 22.47
C VAL C 129 4.20 33.31 23.30
N THR C 130 4.85 34.25 23.97
CA THR C 130 4.09 35.23 24.73
C THR C 130 3.31 36.09 23.77
N LEU C 131 2.02 36.28 24.03
CA LEU C 131 1.20 37.11 23.19
C LEU C 131 1.01 38.45 23.85
N GLN C 132 0.93 39.52 23.07
CA GLN C 132 0.66 40.86 23.58
C GLN C 132 -0.76 41.23 23.18
N CYS C 133 -1.73 41.11 24.13
CA CYS C 133 -3.16 41.23 23.83
C CYS C 133 -3.79 42.45 24.47
N THR C 134 -4.75 42.99 23.74
CA THR C 134 -5.61 44.07 24.17
C THR C 134 -7.06 43.66 23.84
N ASN C 135 -8.06 44.39 24.40
CA ASN C 135 -9.48 44.16 24.12
C ASN C 135 -9.85 44.70 22.74
N VAL C 136 -10.79 44.02 22.02
CA VAL C 136 -11.37 44.61 20.81
C VAL C 136 -12.55 45.40 21.31
N THR C 137 -12.52 46.70 21.10
CA THR C 137 -13.56 47.60 21.58
C THR C 137 -14.31 48.21 20.42
N ASN C 138 -13.99 47.76 19.24
CA ASN C 138 -14.56 48.30 18.02
C ASN C 138 -15.89 47.62 17.65
N ASN C 139 -17.02 48.39 17.67
CA ASN C 139 -18.38 47.94 17.36
C ASN C 139 -18.83 46.71 18.18
N ILE C 140 -18.63 46.76 19.51
CA ILE C 140 -18.95 45.65 20.44
C ILE C 140 -20.28 45.79 21.14
N THR C 141 -21.12 44.76 21.05
CA THR C 141 -22.36 44.81 21.79
C THR C 141 -22.09 44.40 23.23
N ASP C 142 -23.04 44.59 24.14
CA ASP C 142 -22.74 44.28 25.54
C ASP C 142 -22.38 42.84 25.83
N ASP C 143 -23.01 41.95 25.11
CA ASP C 143 -22.89 40.53 25.30
C ASP C 143 -21.50 40.00 24.96
N MET C 144 -20.76 40.73 24.14
CA MET C 144 -19.44 40.32 23.72
C MET C 144 -18.32 41.08 24.37
N ARG C 145 -18.63 41.88 25.38
CA ARG C 145 -17.53 42.62 25.95
C ARG C 145 -16.63 41.68 26.68
N GLY C 146 -15.34 41.78 26.41
CA GLY C 146 -14.33 40.97 27.08
C GLY C 146 -14.14 39.58 26.45
N GLU C 147 -14.87 39.25 25.40
CA GLU C 147 -14.75 37.93 24.80
C GLU C 147 -13.86 37.87 23.60
N LEU C 148 -13.76 38.96 22.87
CA LEU C 148 -12.95 38.97 21.68
C LEU C 148 -11.66 39.74 21.94
N LYS C 149 -10.52 39.08 21.71
CA LYS C 149 -9.21 39.66 21.98
C LYS C 149 -8.38 39.90 20.71
N ASN C 150 -7.58 40.99 20.71
CA ASN C 150 -6.64 41.38 19.66
C ASN C 150 -5.20 41.14 20.13
N CYS C 151 -4.52 40.09 19.60
CA CYS C 151 -3.19 39.67 20.07
C CYS C 151 -2.09 39.77 19.01
N SER C 152 -0.98 40.38 19.41
CA SER C 152 0.19 40.51 18.57
C SER C 152 1.29 39.60 19.05
N PHE C 153 2.06 39.06 18.12
CA PHE C 153 3.15 38.18 18.51
C PHE C 153 4.27 38.07 17.48
N ASN C 154 5.46 37.60 17.93
CA ASN C 154 6.64 37.34 17.11
C ASN C 154 6.72 35.86 16.72
N MET C 155 6.50 35.56 15.42
CA MET C 155 6.53 34.19 14.85
C MET C 155 7.52 34.20 13.72
N THR C 156 8.01 33.03 13.35
CA THR C 156 9.00 32.99 12.29
C THR C 156 8.40 33.15 10.92
N THR C 157 9.28 33.40 9.96
CA THR C 157 8.94 33.49 8.54
C THR C 157 9.55 32.25 7.95
N GLU C 158 9.54 32.12 6.64
CA GLU C 158 10.11 30.92 6.04
C GLU C 158 11.62 30.80 6.21
N LEU C 159 12.31 31.91 6.50
CA LEU C 159 13.76 31.80 6.69
C LEU C 159 14.00 31.69 8.17
N ARG C 160 15.02 30.95 8.54
CA ARG C 160 15.29 30.72 9.94
C ARG C 160 15.88 31.94 10.64
N ASP C 161 16.32 32.90 9.87
CA ASP C 161 16.89 34.13 10.40
C ASP C 161 15.87 35.23 10.56
N LYS C 162 14.63 35.01 10.16
CA LYS C 162 13.71 36.12 10.20
C LYS C 162 12.44 35.85 10.93
N LYS C 163 11.98 36.90 11.57
CA LYS C 163 10.72 36.89 12.27
C LYS C 163 9.83 37.98 11.74
N GLN C 164 8.55 37.81 11.97
CA GLN C 164 7.56 38.79 11.59
C GLN C 164 6.64 39.06 12.76
N LYS C 165 6.18 40.29 12.87
CA LYS C 165 5.22 40.60 13.89
C LYS C 165 3.87 40.62 13.25
N VAL C 166 3.01 39.79 13.75
CA VAL C 166 1.70 39.65 13.17
C VAL C 166 0.69 39.77 14.26
N TYR C 167 -0.55 39.96 13.87
CA TYR C 167 -1.58 39.92 14.88
C TYR C 167 -2.81 39.23 14.34
N SER C 168 -3.58 38.70 15.27
CA SER C 168 -4.81 37.98 14.98
C SER C 168 -5.79 38.05 16.11
N LEU C 169 -7.01 37.64 15.82
CA LEU C 169 -8.01 37.63 16.87
C LEU C 169 -8.18 36.28 17.47
N PHE C 170 -8.46 36.28 18.76
CA PHE C 170 -8.69 35.09 19.55
C PHE C 170 -9.93 35.18 20.39
N TYR C 171 -10.49 34.04 20.72
CA TYR C 171 -11.58 34.04 21.65
C TYR C 171 -11.03 33.81 23.03
N ARG C 172 -11.62 34.47 24.01
CA ARG C 172 -11.23 34.37 25.39
C ARG C 172 -11.04 32.96 25.88
N LEU C 173 -11.86 32.03 25.44
CA LEU C 173 -11.78 30.68 25.94
C LEU C 173 -10.45 29.98 25.70
N ASP C 174 -9.71 30.38 24.67
CA ASP C 174 -8.46 29.72 24.35
C ASP C 174 -7.21 30.46 24.82
N VAL C 175 -7.40 31.56 25.55
CA VAL C 175 -6.25 32.37 25.93
C VAL C 175 -6.18 32.55 27.44
N VAL C 176 -5.03 32.27 28.02
CA VAL C 176 -4.85 32.37 29.46
C VAL C 176 -3.82 33.42 29.87
N GLN C 177 -4.18 34.26 30.83
CA GLN C 177 -3.27 35.32 31.28
C GLN C 177 -2.06 34.82 32.03
N ILE C 178 -0.91 35.40 31.71
CA ILE C 178 0.32 35.12 32.43
C ILE C 178 0.36 36.13 33.58
N ASN C 179 0.45 35.65 34.85
CA ASN C 179 0.46 36.46 36.08
C ASN C 179 -0.75 37.42 36.13
N ASN C 190 -1.04 42.14 32.51
CA ASN C 190 -2.40 42.24 31.92
C ASN C 190 -2.39 42.23 30.37
N LYS C 191 -1.20 42.38 29.75
CA LYS C 191 -0.99 42.35 28.30
C LYS C 191 -0.42 41.01 27.87
N GLU C 192 0.28 40.30 28.76
CA GLU C 192 0.92 39.06 28.35
C GLU C 192 0.06 37.83 28.57
N TYR C 193 -0.18 37.12 27.48
CA TYR C 193 -1.02 35.93 27.46
C TYR C 193 -0.38 34.73 26.78
N ARG C 194 -0.83 33.56 27.18
CA ARG C 194 -0.39 32.31 26.61
C ARG C 194 -1.55 31.55 25.98
N LEU C 195 -1.29 30.68 25.01
CA LEU C 195 -2.37 29.86 24.51
C LEU C 195 -2.67 28.83 25.58
N ILE C 196 -3.93 28.48 25.70
CA ILE C 196 -4.32 27.57 26.77
C ILE C 196 -3.64 26.22 26.80
N ASN C 197 -3.26 25.67 25.67
CA ASN C 197 -2.63 24.36 25.74
C ASN C 197 -1.11 24.29 25.86
N CYS C 198 -0.40 25.42 26.01
CA CYS C 198 1.07 25.44 26.09
C CYS C 198 1.62 24.65 27.26
N ASN C 199 0.88 24.56 28.35
CA ASN C 199 1.42 23.85 29.49
C ASN C 199 1.16 22.32 29.46
N THR C 200 0.37 21.79 28.48
CA THR C 200 -0.02 20.37 28.40
C THR C 200 0.24 19.66 27.08
N SER C 201 -0.06 20.30 25.97
CA SER C 201 -0.14 19.58 24.71
C SER C 201 0.34 20.26 23.46
N ALA C 202 0.55 19.45 22.44
CA ALA C 202 0.90 19.99 21.14
C ALA C 202 -0.37 20.30 20.40
N ILE C 203 -0.37 21.38 19.63
CA ILE C 203 -1.53 21.74 18.87
C ILE C 203 -1.23 21.56 17.39
N THR C 204 -2.08 20.84 16.69
CA THR C 204 -1.92 20.62 15.27
C THR C 204 -3.03 21.32 14.52
N GLN C 205 -2.70 22.02 13.45
CA GLN C 205 -3.73 22.71 12.70
C GLN C 205 -4.47 21.73 11.85
N ALA C 206 -5.79 21.79 11.87
CA ALA C 206 -6.55 20.92 11.01
C ALA C 206 -6.30 21.33 9.58
N CYS C 207 -6.31 20.37 8.66
CA CYS C 207 -6.10 20.59 7.23
C CYS C 207 -7.29 21.44 6.71
N PRO C 208 -7.03 22.60 6.10
CA PRO C 208 -8.01 23.58 5.70
C PRO C 208 -8.97 23.11 4.64
N LYS C 209 -8.58 22.07 3.91
CA LYS C 209 -9.42 21.57 2.86
C LYS C 209 -10.33 20.45 3.32
N VAL C 210 -10.08 19.87 4.50
CA VAL C 210 -10.84 18.70 4.87
C VAL C 210 -12.13 19.04 5.52
N SER C 211 -13.17 18.44 4.99
CA SER C 211 -14.48 18.67 5.52
C SER C 211 -14.96 17.55 6.40
N PHE C 212 -15.15 17.85 7.67
CA PHE C 212 -15.58 16.85 8.62
C PHE C 212 -17.08 16.90 8.73
N GLU C 213 -17.72 16.77 7.57
CA GLU C 213 -19.16 16.82 7.47
C GLU C 213 -19.72 15.42 7.54
N PRO C 214 -20.59 15.09 8.48
CA PRO C 214 -21.14 13.77 8.61
C PRO C 214 -21.87 13.31 7.35
N ILE C 215 -21.55 12.09 6.96
CA ILE C 215 -22.11 11.37 5.83
C ILE C 215 -22.72 10.16 6.44
N PRO C 216 -23.94 9.76 6.11
CA PRO C 216 -24.47 8.56 6.68
C PRO C 216 -23.61 7.46 6.15
N ILE C 217 -23.13 6.60 7.02
CA ILE C 217 -22.32 5.49 6.54
C ILE C 217 -22.93 4.20 6.94
N HIS C 218 -22.55 3.15 6.25
CA HIS C 218 -23.16 1.87 6.53
C HIS C 218 -22.12 0.85 6.95
N TYR C 219 -22.42 0.10 7.99
CA TYR C 219 -21.50 -0.96 8.37
C TYR C 219 -21.99 -2.29 7.83
N CYS C 220 -21.10 -3.04 7.15
CA CYS C 220 -21.37 -4.26 6.41
C CYS C 220 -20.68 -5.46 7.05
N ALA C 221 -21.38 -6.59 7.10
CA ALA C 221 -20.79 -7.79 7.69
C ALA C 221 -19.73 -8.38 6.77
N PRO C 222 -18.66 -8.96 7.30
CA PRO C 222 -17.68 -9.72 6.56
C PRO C 222 -18.33 -11.04 6.23
N ALA C 223 -17.86 -11.70 5.19
CA ALA C 223 -18.46 -12.97 4.88
C ALA C 223 -18.34 -13.92 6.05
N GLY C 224 -19.41 -14.67 6.29
CA GLY C 224 -19.47 -15.63 7.39
C GLY C 224 -20.23 -15.07 8.57
N PHE C 225 -20.55 -13.79 8.49
CA PHE C 225 -21.27 -13.06 9.50
C PHE C 225 -22.48 -12.37 8.93
N ALA C 226 -23.42 -12.04 9.80
CA ALA C 226 -24.58 -11.31 9.34
C ALA C 226 -25.06 -10.29 10.33
N ILE C 227 -25.67 -9.23 9.80
CA ILE C 227 -26.26 -8.20 10.61
C ILE C 227 -27.74 -8.39 10.71
N LEU C 228 -28.20 -8.50 11.93
CA LEU C 228 -29.61 -8.68 12.16
C LEU C 228 -30.16 -7.40 12.73
N LYS C 229 -31.37 -7.03 12.37
CA LYS C 229 -31.96 -5.85 13.01
C LYS C 229 -33.40 -6.14 13.38
N CYS C 230 -33.86 -5.63 14.56
CA CYS C 230 -35.23 -5.86 15.05
C CYS C 230 -36.16 -4.66 14.82
N LYS C 231 -37.24 -4.89 14.07
CA LYS C 231 -38.22 -3.85 13.80
C LYS C 231 -39.30 -3.76 14.88
N ASP C 232 -38.90 -3.49 16.10
CA ASP C 232 -39.86 -3.40 17.21
C ASP C 232 -40.11 -1.97 17.64
N LYS C 233 -41.30 -1.47 17.35
CA LYS C 233 -41.68 -0.10 17.61
C LYS C 233 -41.62 0.25 19.10
N LYS C 234 -41.71 -0.76 19.94
CA LYS C 234 -41.71 -0.60 21.37
C LYS C 234 -40.49 -1.25 22.01
N PHE C 235 -39.42 -1.43 21.25
CA PHE C 235 -38.27 -2.12 21.81
C PHE C 235 -37.79 -1.50 23.13
N ASN C 236 -37.67 -2.38 24.15
CA ASN C 236 -37.26 -2.12 25.54
C ASN C 236 -35.77 -1.72 25.67
N GLY C 237 -34.90 -2.24 24.80
CA GLY C 237 -33.44 -2.01 24.74
C GLY C 237 -32.70 -3.31 25.03
N THR C 238 -33.38 -4.20 25.74
CA THR C 238 -32.84 -5.51 26.04
C THR C 238 -33.88 -6.60 25.88
N GLY C 239 -33.40 -7.84 25.74
CA GLY C 239 -34.25 -9.01 25.76
C GLY C 239 -34.80 -9.39 24.39
N PRO C 240 -35.70 -10.39 24.35
CA PRO C 240 -36.29 -10.98 23.17
C PRO C 240 -36.97 -9.88 22.38
N CYS C 241 -36.84 -9.93 21.03
CA CYS C 241 -37.39 -8.92 20.13
C CYS C 241 -37.83 -9.67 18.86
N THR C 242 -39.02 -9.33 18.36
CA THR C 242 -39.64 -9.96 17.18
C THR C 242 -39.49 -9.10 15.92
N ASN C 243 -39.82 -9.66 14.75
CA ASN C 243 -39.72 -8.92 13.46
C ASN C 243 -38.25 -8.57 13.18
N VAL C 244 -37.39 -9.57 13.25
CA VAL C 244 -35.97 -9.47 12.95
C VAL C 244 -35.70 -9.79 11.50
N SER C 245 -35.01 -8.89 10.84
CA SER C 245 -34.66 -9.09 9.47
C SER C 245 -33.16 -9.15 9.33
N THR C 246 -32.70 -9.78 8.27
CA THR C 246 -31.27 -9.86 8.04
C THR C 246 -30.86 -8.98 6.90
N VAL C 247 -29.82 -8.21 7.14
CA VAL C 247 -29.36 -7.28 6.14
C VAL C 247 -27.89 -7.43 5.83
N GLN C 248 -27.52 -6.90 4.69
CA GLN C 248 -26.14 -6.88 4.27
C GLN C 248 -25.31 -5.84 5.03
N CYS C 249 -25.92 -4.67 5.33
CA CYS C 249 -25.31 -3.52 5.97
C CYS C 249 -26.40 -2.84 6.82
N THR C 250 -25.95 -1.99 7.74
CA THR C 250 -26.84 -1.20 8.59
C THR C 250 -27.37 -0.06 7.78
N HIS C 251 -28.36 0.66 8.32
CA HIS C 251 -28.85 1.84 7.64
C HIS C 251 -27.75 2.86 7.72
N GLY C 252 -27.94 3.98 7.05
CA GLY C 252 -26.90 5.00 7.05
C GLY C 252 -26.95 5.85 8.30
N ILE C 253 -25.89 5.77 9.09
CA ILE C 253 -25.80 6.51 10.34
C ILE C 253 -24.78 7.60 10.23
N LYS C 254 -25.21 8.85 10.43
CA LYS C 254 -24.26 9.95 10.37
C LYS C 254 -23.45 10.05 11.65
N PRO C 255 -22.13 10.25 11.58
CA PRO C 255 -21.23 10.42 12.69
C PRO C 255 -21.30 11.82 13.26
N VAL C 256 -22.43 12.15 13.83
CA VAL C 256 -22.67 13.47 14.39
C VAL C 256 -22.16 13.53 15.81
N VAL C 257 -21.43 14.58 16.13
CA VAL C 257 -20.89 14.74 17.47
C VAL C 257 -21.64 15.79 18.25
N SER C 258 -22.12 15.40 19.43
CA SER C 258 -22.85 16.26 20.33
C SER C 258 -22.77 15.76 21.76
N THR C 259 -23.32 16.52 22.71
CA THR C 259 -23.30 16.15 24.12
C THR C 259 -24.69 15.98 24.72
N GLN C 260 -25.27 17.05 25.20
CA GLN C 260 -26.57 17.01 25.86
C GLN C 260 -27.76 16.71 24.95
N LEU C 261 -27.71 17.17 23.70
CA LEU C 261 -28.79 16.95 22.76
C LEU C 261 -28.26 16.17 21.58
N LEU C 262 -29.00 15.13 21.18
CA LEU C 262 -28.66 14.26 20.06
C LEU C 262 -29.30 14.79 18.80
N LEU C 263 -28.48 15.05 17.81
CA LEU C 263 -28.94 15.63 16.56
C LEU C 263 -28.88 14.67 15.37
N ASN C 264 -29.81 14.90 14.40
CA ASN C 264 -29.95 14.30 13.06
C ASN C 264 -30.02 12.75 13.05
N GLY C 265 -30.71 12.13 14.03
CA GLY C 265 -30.91 10.66 14.12
C GLY C 265 -32.34 10.23 13.77
N SER C 266 -32.69 9.03 14.23
CA SER C 266 -33.99 8.42 14.01
C SER C 266 -35.01 8.98 15.00
N LEU C 267 -36.30 8.83 14.68
CA LEU C 267 -37.35 9.35 15.56
C LEU C 267 -38.29 8.41 16.29
N ALA C 268 -37.83 7.29 16.79
CA ALA C 268 -38.68 6.43 17.62
C ALA C 268 -40.01 6.03 16.99
N GLU C 269 -40.04 5.74 15.70
CA GLU C 269 -41.28 5.31 15.09
C GLU C 269 -42.48 6.22 15.47
N GLU C 270 -43.41 5.68 16.26
CA GLU C 270 -44.65 6.35 16.65
C GLU C 270 -44.75 6.94 18.07
N GLU C 271 -43.81 6.65 18.96
CA GLU C 271 -43.96 7.06 20.37
C GLU C 271 -42.70 7.61 21.04
N VAL C 272 -42.87 8.41 22.07
CA VAL C 272 -41.69 8.86 22.81
C VAL C 272 -41.22 7.71 23.67
N ILE C 273 -39.92 7.41 23.57
CA ILE C 273 -39.35 6.27 24.25
C ILE C 273 -38.22 6.56 25.23
N ILE C 274 -38.36 6.02 26.42
CA ILE C 274 -37.34 6.17 27.46
C ILE C 274 -36.56 4.88 27.60
N ARG C 275 -35.24 4.92 27.39
CA ARG C 275 -34.45 3.71 27.55
C ARG C 275 -33.17 3.90 28.33
N SER C 276 -32.94 3.02 29.27
CA SER C 276 -31.69 3.06 29.99
C SER C 276 -31.31 1.72 30.52
N GLU C 277 -30.03 1.54 30.73
CA GLU C 277 -29.56 0.36 31.38
C GLU C 277 -29.73 0.65 32.85
N ASN C 278 -30.31 -0.28 33.62
CA ASN C 278 -30.45 -0.13 35.10
C ASN C 278 -31.13 1.20 35.43
N ILE C 279 -32.39 1.37 35.00
CA ILE C 279 -33.20 2.60 35.21
C ILE C 279 -33.37 3.08 36.66
N THR C 280 -33.34 2.17 37.62
CA THR C 280 -33.50 2.53 39.01
C THR C 280 -32.23 3.19 39.57
N ASN C 281 -31.13 3.06 38.85
CA ASN C 281 -29.83 3.62 39.19
C ASN C 281 -29.71 4.99 38.53
N ASN C 282 -29.65 6.05 39.33
CA ASN C 282 -29.69 7.40 38.79
C ASN C 282 -28.42 7.75 38.01
N ALA C 283 -27.38 6.93 38.23
CA ALA C 283 -26.08 7.13 37.63
C ALA C 283 -26.01 6.64 36.20
N LYS C 284 -27.05 5.98 35.71
CA LYS C 284 -27.02 5.51 34.34
C LYS C 284 -27.74 6.50 33.45
N ASN C 285 -27.11 6.83 32.33
CA ASN C 285 -27.67 7.79 31.40
C ASN C 285 -28.93 7.29 30.76
N ILE C 286 -29.88 8.17 30.62
CA ILE C 286 -31.13 7.86 30.00
C ILE C 286 -31.17 8.41 28.61
N LEU C 287 -31.43 7.56 27.65
CA LEU C 287 -31.51 8.03 26.29
C LEU C 287 -32.96 8.21 25.98
N VAL C 288 -33.33 9.42 25.65
CA VAL C 288 -34.72 9.70 25.35
C VAL C 288 -34.87 9.93 23.88
N GLN C 289 -35.72 9.14 23.23
CA GLN C 289 -35.88 9.35 21.81
C GLN C 289 -37.24 9.95 21.55
N LEU C 290 -37.26 10.96 20.71
CA LEU C 290 -38.49 11.70 20.44
C LEU C 290 -39.18 11.11 19.24
N ASN C 291 -40.50 11.31 19.10
CA ASN C 291 -41.27 10.74 17.96
C ASN C 291 -41.33 11.72 16.77
N GLU C 292 -40.95 12.98 17.00
CA GLU C 292 -40.98 14.07 16.03
C GLU C 292 -39.69 14.81 16.26
N SER C 293 -39.19 15.49 15.26
CA SER C 293 -37.99 16.28 15.44
C SER C 293 -38.31 17.67 15.95
N VAL C 294 -37.33 18.27 16.61
CA VAL C 294 -37.47 19.65 16.99
C VAL C 294 -36.41 20.43 16.25
N GLN C 295 -36.81 21.40 15.46
CA GLN C 295 -35.79 22.10 14.69
C GLN C 295 -35.14 23.19 15.49
N ILE C 296 -33.83 23.22 15.44
CA ILE C 296 -33.02 24.23 16.11
C ILE C 296 -32.17 25.00 15.07
N ASN C 297 -32.24 26.35 15.12
CA ASN C 297 -31.53 27.28 14.23
C ASN C 297 -30.39 27.99 14.96
N CYS C 298 -29.13 27.71 14.59
CA CYS C 298 -27.94 28.28 15.25
C CYS C 298 -27.18 29.20 14.31
N THR C 299 -26.60 30.24 14.86
CA THR C 299 -25.84 31.15 14.05
C THR C 299 -24.61 31.74 14.69
N ARG C 300 -23.71 32.15 13.82
CA ARG C 300 -22.50 32.86 14.14
C ARG C 300 -22.63 34.15 13.31
N PRO C 301 -23.24 35.21 13.87
CA PRO C 301 -23.68 36.42 13.20
C PRO C 301 -22.59 37.32 12.64
N ASN C 302 -21.36 37.10 13.08
CA ASN C 302 -20.25 37.93 12.67
C ASN C 302 -19.72 37.52 11.30
N ASN C 303 -19.41 38.52 10.42
CA ASN C 303 -18.81 38.33 9.09
C ASN C 303 -17.29 38.36 9.22
N ASN C 304 -16.65 37.18 9.24
CA ASN C 304 -15.22 37.04 9.50
C ASN C 304 -14.36 37.01 8.26
N THR C 305 -13.11 37.38 8.45
CA THR C 305 -12.12 37.28 7.41
C THR C 305 -11.01 36.41 7.94
N ARG C 306 -10.18 35.91 7.05
CA ARG C 306 -9.05 35.08 7.41
C ARG C 306 -7.80 35.53 6.72
N LYS C 307 -6.66 35.31 7.37
CA LYS C 307 -5.40 35.62 6.71
C LYS C 307 -4.49 34.42 6.72
N SER C 308 -3.72 34.29 5.66
CA SER C 308 -2.77 33.20 5.54
C SER C 308 -1.37 33.70 5.86
N ILE C 309 -0.75 33.09 6.85
CA ILE C 309 0.57 33.52 7.24
C ILE C 309 1.57 32.41 6.96
N ARG C 310 2.62 32.72 6.22
CA ARG C 310 3.59 31.67 5.98
C ARG C 310 4.40 31.52 7.25
N ILE C 311 4.54 30.28 7.72
CA ILE C 311 5.23 29.98 8.98
C ILE C 311 6.46 29.13 8.78
N GLY C 312 6.67 28.70 7.55
CA GLY C 312 7.76 27.82 7.18
C GLY C 312 7.63 27.48 5.69
N PRO C 313 8.52 26.65 5.15
CA PRO C 313 8.58 26.27 3.75
C PRO C 313 7.41 25.39 3.38
N GLY C 314 6.41 25.99 2.73
CA GLY C 314 5.18 25.28 2.37
C GLY C 314 4.23 25.16 3.56
N GLN C 315 4.55 25.82 4.65
CA GLN C 315 3.76 25.70 5.86
C GLN C 315 2.90 26.91 6.07
N TRP C 316 1.61 26.72 6.19
CA TRP C 316 0.75 27.86 6.39
C TRP C 316 -0.10 27.79 7.61
N PHE C 317 -0.17 28.92 8.28
CA PHE C 317 -1.00 29.11 9.45
C PHE C 317 -2.20 29.95 9.13
N TYR C 318 -3.35 29.49 9.56
CA TYR C 318 -4.55 30.25 9.32
C TYR C 318 -5.00 30.99 10.54
N ALA C 319 -4.98 32.30 10.42
CA ALA C 319 -5.32 33.16 11.53
C ALA C 319 -6.64 33.86 11.31
N THR C 320 -7.33 34.17 12.40
CA THR C 320 -8.57 34.92 12.31
C THR C 320 -8.24 36.38 12.07
N GLY C 321 -8.85 36.97 11.06
CA GLY C 321 -8.61 38.35 10.69
C GLY C 321 -9.64 39.27 11.31
N ASP C 322 -9.73 40.48 10.78
CA ASP C 322 -10.66 41.46 11.31
C ASP C 322 -12.08 41.03 11.04
N ILE C 323 -13.00 41.51 11.86
CA ILE C 323 -14.40 41.21 11.66
C ILE C 323 -15.12 42.39 11.08
N ILE C 324 -15.91 42.10 10.06
CA ILE C 324 -16.70 43.05 9.33
C ILE C 324 -18.06 43.21 9.98
N GLY C 325 -18.43 44.44 10.25
CA GLY C 325 -19.71 44.72 10.87
C GLY C 325 -19.63 44.60 12.37
N ASP C 326 -20.78 44.64 13.01
CA ASP C 326 -20.87 44.62 14.46
C ASP C 326 -20.47 43.28 15.00
N ILE C 327 -19.98 43.28 16.23
CA ILE C 327 -19.64 42.05 16.89
C ILE C 327 -20.80 41.66 17.77
N ARG C 328 -21.39 40.54 17.45
CA ARG C 328 -22.57 40.03 18.10
C ARG C 328 -22.34 38.62 18.63
N GLN C 329 -23.15 38.21 19.60
CA GLN C 329 -23.00 36.88 20.18
C GLN C 329 -23.70 35.79 19.39
N ALA C 330 -23.01 34.65 19.28
CA ALA C 330 -23.53 33.46 18.63
C ALA C 330 -24.67 32.92 19.46
N HIS C 331 -25.65 32.34 18.82
CA HIS C 331 -26.80 31.85 19.56
C HIS C 331 -27.62 30.79 18.79
N CYS C 332 -28.51 30.06 19.51
CA CYS C 332 -29.46 29.10 18.96
C CYS C 332 -30.91 29.41 19.34
N ASN C 333 -31.82 29.24 18.38
CA ASN C 333 -33.26 29.45 18.53
C ASN C 333 -34.04 28.13 18.49
N VAL C 334 -34.81 27.85 19.58
CA VAL C 334 -35.66 26.67 19.75
C VAL C 334 -37.12 27.11 19.93
N SER C 335 -38.05 26.58 19.14
CA SER C 335 -39.44 27.01 19.32
C SER C 335 -39.91 26.70 20.71
N LYS C 336 -40.45 27.70 21.40
CA LYS C 336 -40.87 27.48 22.76
C LYS C 336 -41.99 26.49 22.87
N ALA C 337 -43.00 26.63 22.02
CA ALA C 337 -44.13 25.75 22.15
C ALA C 337 -43.75 24.32 21.82
N THR C 338 -42.91 24.13 20.81
CA THR C 338 -42.58 22.77 20.45
C THR C 338 -41.82 22.13 21.59
N TRP C 339 -40.88 22.87 22.15
CA TRP C 339 -40.07 22.36 23.24
C TRP C 339 -40.92 22.01 24.48
N ASN C 340 -41.85 22.90 24.83
CA ASN C 340 -42.79 22.68 25.96
C ASN C 340 -43.49 21.33 25.77
N GLU C 341 -44.15 21.16 24.62
CA GLU C 341 -44.92 19.96 24.29
C GLU C 341 -44.05 18.72 24.36
N THR C 342 -42.82 18.86 23.88
CA THR C 342 -41.91 17.74 23.87
C THR C 342 -41.59 17.29 25.27
N LEU C 343 -41.30 18.21 26.17
CA LEU C 343 -40.98 17.77 27.52
C LEU C 343 -42.20 17.19 28.19
N GLY C 344 -43.38 17.74 27.94
CA GLY C 344 -44.54 17.16 28.59
C GLY C 344 -44.67 15.69 28.22
N LYS C 345 -44.42 15.36 26.95
CA LYS C 345 -44.48 13.97 26.52
C LYS C 345 -43.41 13.12 27.20
N VAL C 346 -42.22 13.68 27.36
CA VAL C 346 -41.15 12.95 28.00
C VAL C 346 -41.49 12.63 29.43
N VAL C 347 -42.03 13.58 30.17
CA VAL C 347 -42.39 13.35 31.56
C VAL C 347 -43.47 12.30 31.67
N LYS C 348 -44.46 12.37 30.81
CA LYS C 348 -45.51 11.38 30.85
C LYS C 348 -44.90 9.99 30.83
N GLN C 349 -43.88 9.81 29.98
CA GLN C 349 -43.21 8.53 29.90
C GLN C 349 -42.25 8.29 31.07
N LEU C 350 -41.57 9.33 31.56
CA LEU C 350 -40.62 9.12 32.65
C LEU C 350 -41.32 8.57 33.87
N ARG C 351 -42.53 9.05 34.11
CA ARG C 351 -43.27 8.64 35.28
C ARG C 351 -43.52 7.15 35.37
N LYS C 352 -43.46 6.43 34.27
CA LYS C 352 -43.70 5.01 34.33
C LYS C 352 -42.71 4.32 35.28
N HIS C 353 -41.54 4.92 35.47
CA HIS C 353 -40.52 4.37 36.32
C HIS C 353 -40.34 5.10 37.66
N PHE C 354 -41.05 6.21 37.84
CA PHE C 354 -40.83 7.05 39.03
C PHE C 354 -42.07 7.31 39.86
N GLY C 355 -43.23 6.97 39.33
CA GLY C 355 -44.52 7.18 39.96
C GLY C 355 -45.42 8.10 39.12
N ASN C 356 -46.71 7.69 38.98
CA ASN C 356 -47.74 8.34 38.17
C ASN C 356 -48.14 9.75 38.66
N ASN C 357 -47.91 10.06 39.96
CA ASN C 357 -48.19 11.36 40.57
C ASN C 357 -46.91 12.01 41.05
N THR C 358 -45.78 11.55 40.55
CA THR C 358 -44.49 12.11 40.95
C THR C 358 -44.20 13.38 40.18
N ILE C 359 -43.75 14.39 40.91
CA ILE C 359 -43.46 15.67 40.32
C ILE C 359 -42.08 15.65 39.68
N ILE C 360 -41.98 16.03 38.41
CA ILE C 360 -40.69 15.98 37.75
C ILE C 360 -40.16 17.30 37.26
N ARG C 361 -38.96 17.58 37.72
CA ARG C 361 -38.26 18.80 37.39
C ARG C 361 -37.12 18.61 36.44
N PHE C 362 -37.03 19.55 35.51
CA PHE C 362 -35.91 19.64 34.62
C PHE C 362 -35.09 20.81 35.06
N ALA C 363 -33.88 20.48 35.46
CA ALA C 363 -32.91 21.40 35.97
C ALA C 363 -31.82 21.60 34.95
N ASN C 364 -31.01 22.61 35.16
CA ASN C 364 -29.93 22.88 34.27
C ASN C 364 -28.77 21.93 34.55
N SER C 365 -27.67 22.13 33.85
CA SER C 365 -26.53 21.25 33.94
C SER C 365 -25.72 21.46 35.21
N SER C 366 -24.82 20.52 35.46
CA SER C 366 -23.95 20.58 36.64
C SER C 366 -22.66 21.27 36.26
N GLY C 367 -21.63 21.10 37.07
CA GLY C 367 -20.36 21.78 36.82
C GLY C 367 -19.49 20.94 35.89
N GLY C 368 -18.26 21.39 35.67
CA GLY C 368 -17.35 20.68 34.76
C GLY C 368 -17.04 21.49 33.51
N ASP C 369 -16.35 20.83 32.58
CA ASP C 369 -15.88 21.40 31.31
C ASP C 369 -17.03 21.77 30.40
N LEU C 370 -16.81 22.64 29.43
CA LEU C 370 -17.88 23.01 28.53
C LEU C 370 -18.45 21.80 27.84
N GLU C 371 -17.63 20.78 27.56
CA GLU C 371 -18.15 19.57 26.90
C GLU C 371 -19.21 18.87 27.75
N VAL C 372 -19.22 19.15 29.04
CA VAL C 372 -20.13 18.58 30.00
C VAL C 372 -21.30 19.50 30.29
N THR C 373 -21.00 20.79 30.49
CA THR C 373 -22.01 21.72 30.95
C THR C 373 -22.83 22.36 29.85
N THR C 374 -22.35 22.32 28.62
CA THR C 374 -23.06 22.94 27.52
C THR C 374 -23.34 21.95 26.41
N HIS C 375 -24.10 22.42 25.45
CA HIS C 375 -24.34 21.64 24.27
C HIS C 375 -23.19 21.89 23.33
N SER C 376 -22.41 20.86 23.06
CA SER C 376 -21.28 21.01 22.19
C SER C 376 -21.76 20.75 20.79
N PHE C 377 -21.72 21.80 20.01
CA PHE C 377 -22.27 21.80 18.69
C PHE C 377 -21.23 22.10 17.62
N ASN C 378 -21.01 21.15 16.74
CA ASN C 378 -20.04 21.27 15.66
C ASN C 378 -20.75 21.61 14.36
N CYS C 379 -20.61 22.85 13.84
CA CYS C 379 -21.31 23.26 12.62
C CYS C 379 -20.45 24.17 11.75
N GLY C 380 -20.24 23.69 10.55
CA GLY C 380 -19.47 24.37 9.52
C GLY C 380 -18.00 24.13 9.72
N GLY C 381 -17.67 23.46 10.83
CA GLY C 381 -16.32 23.23 11.24
C GLY C 381 -15.98 24.07 12.49
N GLU C 382 -16.86 24.99 12.91
CA GLU C 382 -16.57 25.73 14.14
C GLU C 382 -17.31 25.11 15.30
N PHE C 383 -16.73 25.31 16.48
CA PHE C 383 -17.28 24.72 17.67
C PHE C 383 -17.96 25.71 18.57
N PHE C 384 -19.24 25.46 18.74
CA PHE C 384 -20.13 26.28 19.51
C PHE C 384 -20.42 25.61 20.83
N TYR C 385 -20.36 26.36 21.90
CA TYR C 385 -20.73 25.82 23.20
C TYR C 385 -21.93 26.61 23.69
N CYS C 386 -23.12 25.99 23.62
CA CYS C 386 -24.40 26.66 23.85
C CYS C 386 -24.98 26.37 25.23
N ASN C 387 -25.40 27.46 25.87
CA ASN C 387 -26.12 27.46 27.17
C ASN C 387 -27.53 26.90 26.98
N THR C 388 -27.76 25.71 27.52
CA THR C 388 -29.01 24.98 27.47
C THR C 388 -29.83 25.11 28.73
N SER C 389 -29.42 25.97 29.65
CA SER C 389 -30.21 26.07 30.86
C SER C 389 -31.63 26.55 30.57
N GLY C 390 -31.84 27.30 29.49
CA GLY C 390 -33.16 27.81 29.14
C GLY C 390 -34.09 26.71 28.63
N LEU C 391 -33.53 25.54 28.36
CA LEU C 391 -34.32 24.43 27.88
C LEU C 391 -34.75 23.51 29.00
N PHE C 392 -34.09 23.58 30.14
CA PHE C 392 -34.34 22.67 31.24
C PHE C 392 -34.50 23.47 32.51
N ASN C 393 -35.63 24.17 32.60
CA ASN C 393 -35.97 25.10 33.67
C ASN C 393 -37.50 25.09 33.91
N SER C 394 -38.05 23.90 34.23
CA SER C 394 -39.50 23.72 34.45
C SER C 394 -39.84 22.50 35.27
N THR C 395 -41.01 22.53 35.87
CA THR C 395 -41.48 21.38 36.61
C THR C 395 -42.84 20.96 36.12
N TRP C 396 -42.99 19.69 35.86
CA TRP C 396 -44.23 19.12 35.42
C TRP C 396 -44.93 18.47 36.61
N ILE C 397 -46.28 18.54 36.64
CA ILE C 397 -47.12 18.02 37.74
C ILE C 397 -48.54 17.73 37.23
N SER C 413 -40.28 31.19 21.18
CA SER C 413 -38.88 31.04 20.81
C SER C 413 -37.96 31.30 22.03
N ILE C 414 -37.07 30.32 22.31
CA ILE C 414 -36.07 30.30 23.38
C ILE C 414 -34.71 30.58 22.78
N THR C 415 -33.99 31.56 23.33
CA THR C 415 -32.66 31.84 22.79
C THR C 415 -31.58 31.38 23.73
N LEU C 416 -30.68 30.60 23.19
CA LEU C 416 -29.55 30.04 23.91
C LEU C 416 -28.30 30.79 23.46
N PRO C 417 -27.57 31.50 24.32
CA PRO C 417 -26.36 32.19 23.95
C PRO C 417 -25.33 31.09 23.74
N CYS C 418 -24.35 31.30 22.83
CA CYS C 418 -23.27 30.35 22.53
C CYS C 418 -21.89 31.03 22.52
N ARG C 419 -20.87 30.28 22.92
CA ARG C 419 -19.49 30.74 22.86
C ARG C 419 -18.76 30.04 21.72
N ILE C 420 -17.74 30.70 21.18
CA ILE C 420 -16.94 30.09 20.11
C ILE C 420 -15.55 29.75 20.58
N LYS C 421 -15.13 28.52 20.30
CA LYS C 421 -13.82 28.02 20.69
C LYS C 421 -13.09 27.50 19.45
N GLN C 422 -11.78 27.74 19.33
CA GLN C 422 -11.04 27.25 18.16
C GLN C 422 -10.07 26.13 18.49
N ILE C 423 -9.54 26.12 19.70
CA ILE C 423 -8.61 25.07 20.07
C ILE C 423 -9.36 24.05 20.90
N ILE C 424 -9.50 22.85 20.37
CA ILE C 424 -10.33 21.86 21.00
C ILE C 424 -9.64 20.53 21.30
N ASN C 425 -10.24 19.79 22.24
CA ASN C 425 -9.72 18.50 22.68
C ASN C 425 -10.78 17.43 22.60
N MET C 426 -10.98 16.91 21.40
CA MET C 426 -12.02 15.96 21.15
C MET C 426 -11.73 14.57 21.64
N TRP C 427 -12.84 13.86 21.85
CA TRP C 427 -12.90 12.48 22.27
C TRP C 427 -12.40 12.31 23.69
N GLN C 428 -12.60 13.34 24.52
CA GLN C 428 -12.22 13.29 25.93
C GLN C 428 -10.77 12.87 26.14
N ARG C 429 -9.85 13.54 25.47
CA ARG C 429 -8.43 13.21 25.55
C ARG C 429 -7.59 14.41 25.84
N ILE C 430 -6.40 14.19 26.37
CA ILE C 430 -5.45 15.27 26.55
C ILE C 430 -4.11 14.89 25.97
N GLY C 431 -3.30 15.91 25.73
CA GLY C 431 -1.94 15.74 25.21
C GLY C 431 -1.82 16.07 23.73
N GLN C 432 -2.97 16.13 23.06
CA GLN C 432 -3.03 16.47 21.66
C GLN C 432 -4.15 17.45 21.54
N ALA C 433 -4.06 18.39 20.63
CA ALA C 433 -5.19 19.28 20.42
C ALA C 433 -5.31 19.67 18.98
N MET C 434 -6.53 19.95 18.56
CA MET C 434 -6.79 20.40 17.22
C MET C 434 -7.10 21.86 17.16
N TYR C 435 -6.51 22.55 16.20
CA TYR C 435 -6.88 23.92 15.99
C TYR C 435 -7.73 24.01 14.75
N ALA C 436 -8.89 24.59 14.90
CA ALA C 436 -9.82 24.74 13.80
C ALA C 436 -9.59 26.07 13.10
N PRO C 437 -9.17 26.09 11.83
CA PRO C 437 -8.96 27.31 11.10
C PRO C 437 -10.31 27.97 11.11
N PRO C 438 -10.40 29.28 11.12
CA PRO C 438 -11.62 30.04 11.12
C PRO C 438 -12.33 29.97 9.79
N ILE C 439 -13.63 30.18 9.84
CA ILE C 439 -14.49 30.24 8.66
C ILE C 439 -14.84 31.67 8.33
N GLN C 440 -14.59 32.07 7.08
CA GLN C 440 -14.88 33.43 6.62
C GLN C 440 -16.37 33.55 6.34
N GLY C 441 -16.91 34.76 6.43
CA GLY C 441 -18.32 34.94 6.20
C GLY C 441 -19.06 34.66 7.49
N VAL C 442 -20.29 34.19 7.40
CA VAL C 442 -21.12 33.98 8.56
C VAL C 442 -21.59 32.55 8.57
N ILE C 443 -22.06 32.10 9.71
CA ILE C 443 -22.53 30.72 9.79
C ILE C 443 -24.02 30.63 10.09
N ARG C 444 -24.73 29.89 9.26
CA ARG C 444 -26.15 29.63 9.52
C ARG C 444 -26.35 28.11 9.49
N CYS C 445 -26.82 27.54 10.61
CA CYS C 445 -26.98 26.11 10.82
C CYS C 445 -28.44 25.74 11.07
N VAL C 446 -28.85 24.64 10.48
CA VAL C 446 -30.17 24.11 10.78
C VAL C 446 -30.04 22.65 11.14
N SER C 447 -30.48 22.30 12.33
CA SER C 447 -30.37 20.91 12.78
C SER C 447 -31.65 20.38 13.39
N ASN C 448 -31.80 19.04 13.42
CA ASN C 448 -32.93 18.32 14.00
C ASN C 448 -32.56 17.66 15.34
N ILE C 449 -33.25 18.03 16.45
CA ILE C 449 -33.06 17.40 17.76
C ILE C 449 -33.93 16.17 17.72
N THR C 450 -33.31 15.02 17.85
CA THR C 450 -34.00 13.76 17.72
C THR C 450 -34.03 13.00 19.04
N GLY C 451 -33.19 13.40 19.98
CA GLY C 451 -33.17 12.75 21.27
C GLY C 451 -32.40 13.56 22.28
N LEU C 452 -32.56 13.18 23.54
CA LEU C 452 -31.94 13.88 24.66
C LEU C 452 -31.13 12.94 25.53
N ILE C 453 -30.06 13.42 26.19
CA ILE C 453 -29.45 12.56 27.19
C ILE C 453 -29.62 13.15 28.57
N LEU C 454 -30.26 12.38 29.43
CA LEU C 454 -30.53 12.81 30.80
C LEU C 454 -29.82 11.98 31.87
N THR C 455 -29.59 12.61 33.00
CA THR C 455 -29.07 11.93 34.18
C THR C 455 -30.02 12.27 35.31
N ARG C 456 -30.09 11.43 36.34
CA ARG C 456 -31.03 11.71 37.41
C ARG C 456 -30.32 12.00 38.73
N ASP C 457 -30.94 12.83 39.54
CA ASP C 457 -30.39 13.16 40.84
C ASP C 457 -30.44 11.95 41.75
N GLY C 458 -29.56 11.90 42.75
CA GLY C 458 -29.60 10.79 43.71
C GLY C 458 -30.96 10.77 44.42
N GLY C 459 -31.51 11.95 44.70
CA GLY C 459 -32.81 12.10 45.31
C GLY C 459 -32.87 12.03 46.82
N SER C 460 -31.78 11.69 47.49
CA SER C 460 -31.80 11.57 48.94
C SER C 460 -32.96 10.66 49.39
N THR C 461 -33.89 11.22 50.17
CA THR C 461 -35.04 10.52 50.71
C THR C 461 -36.34 11.11 50.14
N ASN C 462 -36.21 11.82 49.03
CA ASN C 462 -37.32 12.47 48.36
C ASN C 462 -38.09 11.53 47.46
N SER C 463 -39.27 11.17 47.92
CA SER C 463 -40.14 10.23 47.23
C SER C 463 -41.32 10.94 46.58
N THR C 464 -41.29 12.28 46.60
CA THR C 464 -42.40 13.08 46.09
C THR C 464 -42.11 13.72 44.75
N THR C 465 -40.89 14.17 44.57
CA THR C 465 -40.53 14.81 43.34
C THR C 465 -39.24 14.15 42.90
N GLU C 466 -38.84 14.41 41.67
CA GLU C 466 -37.58 13.93 41.15
C GLU C 466 -37.02 14.95 40.18
N THR C 467 -35.70 14.99 40.04
CA THR C 467 -35.05 15.93 39.14
C THR C 467 -34.08 15.28 38.16
N PHE C 468 -34.19 15.75 36.92
CA PHE C 468 -33.31 15.34 35.86
C PHE C 468 -32.51 16.51 35.38
N ARG C 469 -31.31 16.22 34.94
CA ARG C 469 -30.42 17.22 34.38
C ARG C 469 -29.90 16.72 33.05
N PRO C 470 -29.52 17.59 32.12
CA PRO C 470 -28.82 17.22 30.93
C PRO C 470 -27.54 16.52 31.31
N GLY C 471 -27.25 15.43 30.65
CA GLY C 471 -26.06 14.64 30.89
C GLY C 471 -25.35 14.34 29.58
N GLY C 472 -24.78 13.14 29.49
CA GLY C 472 -24.04 12.74 28.30
C GLY C 472 -22.60 13.21 28.38
N GLY C 473 -21.94 13.30 27.22
CA GLY C 473 -20.52 13.63 27.14
C GLY C 473 -19.67 12.40 26.80
N ASP C 474 -20.27 11.23 26.94
CA ASP C 474 -19.60 9.99 26.60
C ASP C 474 -20.02 9.69 25.20
N MET C 475 -19.10 9.77 24.27
CA MET C 475 -19.41 9.65 22.86
C MET C 475 -20.07 8.37 22.45
N ARG C 476 -19.92 7.34 23.23
CA ARG C 476 -20.51 6.08 22.83
C ARG C 476 -22.04 6.14 22.92
N ASP C 477 -22.56 7.09 23.69
CA ASP C 477 -23.99 7.24 23.84
C ASP C 477 -24.59 7.81 22.58
N ASN C 478 -23.76 8.40 21.72
CA ASN C 478 -24.29 9.02 20.54
C ASN C 478 -24.44 8.01 19.43
N TRP C 479 -23.98 6.79 19.68
CA TRP C 479 -24.07 5.78 18.67
C TRP C 479 -25.03 4.72 19.10
N ARG C 480 -25.19 4.53 20.41
CA ARG C 480 -26.13 3.54 20.87
C ARG C 480 -27.52 3.91 20.38
N SER C 481 -27.77 5.19 20.28
CA SER C 481 -29.04 5.71 19.86
C SER C 481 -29.44 5.29 18.44
N GLU C 482 -28.49 4.89 17.60
CA GLU C 482 -28.80 4.41 16.26
C GLU C 482 -28.52 2.91 16.12
N LEU C 483 -27.53 2.41 16.85
CA LEU C 483 -27.11 1.03 16.74
C LEU C 483 -27.85 0.04 17.63
N TYR C 484 -28.72 0.52 18.48
CA TYR C 484 -29.49 -0.31 19.39
C TYR C 484 -30.29 -1.44 18.77
N LYS C 485 -30.69 -1.32 17.51
CA LYS C 485 -31.51 -2.37 16.94
C LYS C 485 -30.68 -3.39 16.21
N TYR C 486 -29.37 -3.21 16.15
CA TYR C 486 -28.53 -4.11 15.38
C TYR C 486 -27.71 -5.08 16.19
N LYS C 487 -27.55 -6.27 15.66
CA LYS C 487 -26.69 -7.26 16.27
C LYS C 487 -25.88 -7.99 15.21
N VAL C 488 -24.66 -8.39 15.54
CA VAL C 488 -23.87 -9.16 14.59
C VAL C 488 -23.61 -10.55 15.08
N VAL C 489 -23.92 -11.52 14.23
CA VAL C 489 -23.73 -12.90 14.60
C VAL C 489 -22.89 -13.65 13.60
N LYS C 490 -22.26 -14.70 14.10
CA LYS C 490 -21.45 -15.61 13.31
C LYS C 490 -22.29 -16.72 12.81
N ILE C 491 -22.13 -17.06 11.56
CA ILE C 491 -22.88 -18.14 11.01
C ILE C 491 -22.12 -19.42 11.24
N GLU C 492 -22.82 -20.44 11.69
CA GLU C 492 -22.23 -21.75 11.98
C GLU C 492 -22.85 -22.87 11.15
N PRO C 493 -22.37 -23.10 9.91
CA PRO C 493 -22.91 -24.03 8.94
C PRO C 493 -22.96 -25.50 9.32
N LEU C 494 -22.18 -25.96 10.31
CA LEU C 494 -22.26 -27.39 10.64
C LEU C 494 -23.14 -27.73 11.80
N GLY C 495 -23.76 -28.89 11.67
CA GLY C 495 -24.54 -29.45 12.75
C GLY C 495 -24.97 -30.84 12.38
N VAL C 496 -25.59 -31.52 13.32
CA VAL C 496 -26.04 -32.87 13.13
C VAL C 496 -27.46 -33.03 13.58
N ALA C 497 -28.11 -34.07 13.11
CA ALA C 497 -29.46 -34.44 13.55
C ALA C 497 -29.66 -35.93 13.27
N PRO C 498 -30.53 -36.66 14.00
CA PRO C 498 -30.82 -38.05 13.75
C PRO C 498 -31.61 -38.23 12.48
N THR C 499 -31.35 -39.34 11.79
CA THR C 499 -32.04 -39.71 10.57
C THR C 499 -32.40 -41.19 10.47
N ARG C 500 -32.98 -41.56 9.32
CA ARG C 500 -33.36 -42.95 9.00
C ARG C 500 -32.38 -43.74 8.08
N CYS C 501 -31.26 -43.13 7.64
CA CYS C 501 -30.24 -43.71 6.74
C CYS C 501 -28.95 -44.05 7.46
N LYS C 502 -28.29 -45.06 6.91
CA LYS C 502 -26.98 -45.51 7.29
C LYS C 502 -26.28 -45.81 5.97
N ARG C 503 -24.95 -45.66 5.90
CA ARG C 503 -24.11 -45.99 4.74
C ARG C 503 -24.29 -47.47 4.32
N GLY D 2 -32.75 -16.02 0.23
CA GLY D 2 -31.78 -15.05 0.68
C GLY D 2 -30.65 -15.76 1.44
N PHE D 3 -29.69 -14.97 1.98
CA PHE D 3 -28.49 -15.43 2.72
C PHE D 3 -28.78 -16.38 3.89
N LEU D 4 -29.73 -16.06 4.76
CA LEU D 4 -30.08 -17.01 5.81
C LEU D 4 -31.25 -17.85 5.40
N GLY D 5 -32.06 -17.30 4.52
CA GLY D 5 -33.25 -17.99 4.10
C GLY D 5 -34.23 -18.02 5.24
N ALA D 6 -35.08 -19.02 5.23
CA ALA D 6 -36.10 -19.14 6.24
C ALA D 6 -35.54 -19.75 7.50
N ALA D 7 -34.79 -18.96 8.24
CA ALA D 7 -34.13 -19.43 9.45
C ALA D 7 -35.13 -19.95 10.47
N GLY D 8 -36.34 -19.40 10.47
CA GLY D 8 -37.34 -19.83 11.44
C GLY D 8 -38.17 -21.02 10.97
N SER D 9 -37.87 -21.56 9.78
CA SER D 9 -38.65 -22.68 9.28
C SER D 9 -38.18 -23.90 10.01
N THR D 10 -38.93 -24.99 9.93
CA THR D 10 -38.49 -26.17 10.64
C THR D 10 -37.40 -26.87 9.86
N MET D 11 -36.70 -27.76 10.53
CA MET D 11 -35.50 -28.40 10.01
C MET D 11 -35.67 -29.07 8.67
N GLY D 12 -36.77 -29.77 8.47
CA GLY D 12 -36.98 -30.43 7.20
C GLY D 12 -37.04 -29.46 6.03
N ALA D 13 -37.60 -28.27 6.23
CA ALA D 13 -37.73 -27.30 5.17
C ALA D 13 -36.43 -26.59 4.95
N ALA D 14 -35.73 -26.36 6.05
CA ALA D 14 -34.48 -25.65 6.00
C ALA D 14 -33.48 -26.37 5.13
N SER D 15 -33.56 -27.70 5.14
CA SER D 15 -32.64 -28.56 4.40
C SER D 15 -32.69 -28.34 2.89
N MET D 16 -33.71 -27.66 2.38
CA MET D 16 -33.85 -27.42 0.95
C MET D 16 -32.84 -26.40 0.41
N THR D 17 -32.33 -25.50 1.25
CA THR D 17 -31.44 -24.42 0.79
C THR D 17 -30.04 -24.49 1.37
N LEU D 18 -29.60 -25.67 1.76
CA LEU D 18 -28.28 -25.81 2.38
C LEU D 18 -27.20 -25.27 1.47
N THR D 19 -27.38 -25.46 0.16
CA THR D 19 -26.44 -25.03 -0.85
C THR D 19 -26.27 -23.53 -0.87
N VAL D 20 -27.36 -22.82 -0.67
CA VAL D 20 -27.27 -21.39 -0.74
C VAL D 20 -26.41 -20.94 0.38
N GLN D 21 -26.64 -21.48 1.55
CA GLN D 21 -25.83 -21.06 2.67
C GLN D 21 -24.39 -21.52 2.55
N ALA D 22 -24.20 -22.72 2.03
CA ALA D 22 -22.89 -23.31 1.94
C ALA D 22 -21.92 -22.49 1.12
N ARG D 23 -22.40 -21.93 0.02
CA ARG D 23 -21.55 -21.18 -0.88
C ARG D 23 -21.32 -19.74 -0.46
N ASN D 24 -22.04 -19.27 0.54
CA ASN D 24 -21.97 -17.86 0.83
C ASN D 24 -20.67 -17.41 1.44
N LEU D 25 -19.99 -18.26 2.17
CA LEU D 25 -18.78 -17.78 2.79
C LEU D 25 -17.75 -17.39 1.77
N LEU D 26 -17.57 -18.18 0.73
CA LEU D 26 -16.52 -17.81 -0.17
C LEU D 26 -16.99 -16.86 -1.24
N SER D 27 -18.27 -16.93 -1.65
CA SER D 27 -18.67 -16.04 -2.72
C SER D 27 -18.68 -14.62 -2.21
N GLY D 28 -18.96 -14.45 -0.91
CA GLY D 28 -18.99 -13.15 -0.29
C GLY D 28 -17.63 -12.51 -0.27
N ILE D 29 -16.60 -13.32 -0.12
CA ILE D 29 -15.25 -12.82 -0.02
C ILE D 29 -14.79 -12.38 -1.38
N VAL D 30 -15.08 -13.20 -2.38
CA VAL D 30 -14.67 -12.84 -3.71
C VAL D 30 -15.41 -11.57 -4.12
N GLN D 31 -16.70 -11.48 -3.79
CA GLN D 31 -17.45 -10.29 -4.12
C GLN D 31 -16.88 -9.08 -3.40
N GLN D 32 -16.36 -9.23 -2.19
CA GLN D 32 -15.78 -8.08 -1.52
C GLN D 32 -14.63 -7.54 -2.36
N GLN D 33 -13.85 -8.43 -3.01
CA GLN D 33 -12.78 -7.91 -3.86
C GLN D 33 -13.40 -7.20 -5.07
N SER D 34 -14.50 -7.75 -5.58
CA SER D 34 -15.16 -7.16 -6.73
C SER D 34 -15.69 -5.78 -6.37
N ASN D 35 -16.06 -5.58 -5.10
CA ASN D 35 -16.55 -4.30 -4.65
C ASN D 35 -15.40 -3.29 -4.53
N LEU D 36 -14.21 -3.74 -4.12
CA LEU D 36 -13.05 -2.83 -4.04
C LEU D 36 -12.70 -2.32 -5.42
N LEU D 37 -12.88 -3.20 -6.39
CA LEU D 37 -12.54 -2.90 -7.76
C LEU D 37 -13.54 -2.00 -8.45
N ARG D 38 -14.58 -1.57 -7.73
CA ARG D 38 -15.54 -0.63 -8.29
C ARG D 38 -14.89 0.75 -8.36
N ALA D 39 -13.79 0.94 -7.62
CA ALA D 39 -13.05 2.20 -7.62
C ALA D 39 -11.56 1.94 -7.38
N PRO D 40 -10.84 1.28 -8.30
CA PRO D 40 -9.45 0.88 -8.14
C PRO D 40 -8.55 2.05 -7.81
N GLU D 41 -8.93 3.24 -8.26
CA GLU D 41 -8.15 4.44 -8.03
C GLU D 41 -8.05 4.90 -6.56
N CYS D 42 -8.95 4.42 -5.65
CA CYS D 42 -8.96 4.80 -4.25
C CYS D 42 -8.17 3.79 -3.45
N GLN D 43 -7.73 2.69 -4.06
CA GLN D 43 -7.11 1.68 -3.22
C GLN D 43 -5.83 2.21 -2.62
N GLN D 44 -5.14 3.07 -3.36
CA GLN D 44 -3.90 3.66 -2.92
C GLN D 44 -4.10 4.57 -1.72
N HIS D 45 -5.34 5.03 -1.53
CA HIS D 45 -5.66 5.96 -0.41
C HIS D 45 -6.07 5.15 0.81
N LEU D 46 -6.35 3.86 0.61
CA LEU D 46 -6.82 2.99 1.66
C LEU D 46 -5.62 2.26 2.24
N LEU D 47 -4.62 2.00 1.40
CA LEU D 47 -3.40 1.28 1.78
C LEU D 47 -2.50 2.09 2.68
N LYS D 48 -2.74 3.39 2.76
CA LYS D 48 -1.96 4.24 3.63
C LYS D 48 -2.37 3.98 5.08
N LEU D 49 -3.58 3.46 5.27
CA LEU D 49 -4.11 3.23 6.57
C LEU D 49 -3.66 1.87 6.99
N THR D 50 -2.42 1.79 7.41
CA THR D 50 -1.76 0.54 7.71
C THR D 50 -2.60 -0.35 8.58
N VAL D 51 -3.20 0.19 9.63
CA VAL D 51 -3.96 -0.67 10.51
C VAL D 51 -5.21 -1.22 9.84
N TRP D 52 -5.83 -0.47 8.94
CA TRP D 52 -7.03 -0.93 8.31
C TRP D 52 -6.68 -2.03 7.33
N GLY D 53 -5.50 -1.89 6.74
CA GLY D 53 -4.97 -2.86 5.79
C GLY D 53 -4.76 -4.19 6.48
N ILE D 54 -4.09 -4.15 7.62
CA ILE D 54 -3.81 -5.36 8.35
C ILE D 54 -5.10 -5.98 8.85
N LYS D 55 -6.03 -5.19 9.37
CA LYS D 55 -7.25 -5.80 9.84
C LYS D 55 -8.02 -6.48 8.73
N GLN D 56 -8.07 -5.90 7.53
CA GLN D 56 -8.78 -6.58 6.47
C GLN D 56 -8.08 -7.86 6.05
N LEU D 57 -6.75 -7.87 6.05
CA LEU D 57 -6.09 -9.11 5.71
C LEU D 57 -6.39 -10.15 6.76
N GLN D 58 -6.43 -9.75 8.02
CA GLN D 58 -6.72 -10.73 9.03
C GLN D 58 -8.12 -11.27 8.87
N ALA D 59 -9.07 -10.41 8.52
CA ALA D 59 -10.42 -10.87 8.37
C ALA D 59 -10.55 -11.90 7.26
N ARG D 60 -9.85 -11.68 6.15
CA ARG D 60 -9.95 -12.63 5.07
C ARG D 60 -9.24 -13.92 5.40
N VAL D 61 -8.10 -13.81 6.06
CA VAL D 61 -7.37 -15.00 6.38
C VAL D 61 -8.17 -15.83 7.33
N LEU D 62 -8.79 -15.23 8.34
CA LEU D 62 -9.57 -16.01 9.25
C LEU D 62 -10.72 -16.69 8.57
N ALA D 63 -11.38 -16.01 7.64
CA ALA D 63 -12.50 -16.66 6.97
C ALA D 63 -12.04 -17.87 6.21
N VAL D 64 -10.89 -17.78 5.58
CA VAL D 64 -10.37 -18.90 4.85
C VAL D 64 -10.00 -20.03 5.78
N GLU D 65 -9.36 -19.72 6.89
CA GLU D 65 -8.97 -20.75 7.81
C GLU D 65 -10.17 -21.46 8.38
N ARG D 66 -11.24 -20.73 8.67
CA ARG D 66 -12.42 -21.38 9.21
C ARG D 66 -13.03 -22.29 8.17
N TYR D 67 -13.08 -21.82 6.93
CA TYR D 67 -13.65 -22.61 5.89
C TYR D 67 -12.92 -23.90 5.73
N LEU D 68 -11.61 -23.81 5.65
CA LEU D 68 -10.84 -25.00 5.43
C LEU D 68 -10.90 -25.93 6.59
N ARG D 69 -10.92 -25.41 7.82
CA ARG D 69 -10.97 -26.30 8.94
C ARG D 69 -12.22 -27.13 8.86
N ASP D 70 -13.34 -26.50 8.54
CA ASP D 70 -14.58 -27.26 8.50
C ASP D 70 -14.58 -28.25 7.34
N GLN D 71 -14.02 -27.87 6.21
CA GLN D 71 -14.02 -28.82 5.12
C GLN D 71 -13.13 -30.00 5.43
N GLN D 72 -12.01 -29.75 6.09
CA GLN D 72 -11.13 -30.85 6.41
C GLN D 72 -11.84 -31.78 7.34
N LEU D 73 -12.57 -31.21 8.29
CA LEU D 73 -13.24 -32.02 9.26
C LEU D 73 -14.25 -32.92 8.59
N LEU D 74 -14.98 -32.40 7.62
CA LEU D 74 -15.91 -33.26 6.95
C LEU D 74 -15.15 -34.38 6.25
N GLY D 75 -14.01 -34.05 5.65
CA GLY D 75 -13.20 -35.08 5.01
C GLY D 75 -12.73 -36.14 5.99
N ILE D 76 -12.39 -35.72 7.20
CA ILE D 76 -11.93 -36.62 8.24
C ILE D 76 -13.00 -37.63 8.57
N TRP D 77 -14.23 -37.19 8.57
CA TRP D 77 -15.37 -38.04 8.86
C TRP D 77 -15.88 -38.81 7.66
N GLY D 78 -15.28 -38.60 6.48
CA GLY D 78 -15.75 -39.24 5.25
C GLY D 78 -17.00 -38.59 4.60
N CYS D 79 -17.25 -37.28 4.85
CA CYS D 79 -18.39 -36.51 4.39
C CYS D 79 -18.01 -35.48 3.33
N SER D 80 -16.78 -35.55 2.86
CA SER D 80 -16.36 -34.57 1.87
C SER D 80 -17.15 -34.72 0.60
N GLY D 81 -17.48 -33.60 -0.01
CA GLY D 81 -18.18 -33.63 -1.28
C GLY D 81 -19.70 -33.65 -1.14
N LYS D 82 -20.21 -33.72 0.08
CA LYS D 82 -21.66 -33.75 0.26
C LYS D 82 -22.16 -32.72 1.25
N LEU D 83 -23.39 -32.25 1.06
CA LEU D 83 -23.98 -31.36 2.05
C LEU D 83 -24.72 -32.19 3.07
N ILE D 84 -25.19 -33.35 2.63
CA ILE D 84 -25.89 -34.28 3.50
C ILE D 84 -25.10 -35.58 3.59
N CYS D 85 -24.60 -35.96 4.78
CA CYS D 85 -23.78 -37.17 4.99
C CYS D 85 -24.37 -38.16 5.99
N CYS D 86 -24.72 -39.34 5.46
CA CYS D 86 -25.24 -40.42 6.29
C CYS D 86 -23.95 -41.04 6.87
N THR D 87 -24.01 -41.49 8.11
CA THR D 87 -22.82 -42.08 8.73
C THR D 87 -23.16 -43.37 9.41
N ASN D 88 -22.14 -44.01 9.96
CA ASN D 88 -22.32 -45.27 10.67
C ASN D 88 -22.37 -45.10 12.18
N VAL D 89 -22.52 -43.88 12.67
CA VAL D 89 -22.62 -43.66 14.10
C VAL D 89 -24.09 -43.51 14.47
N PRO D 90 -24.63 -44.32 15.39
CA PRO D 90 -26.02 -44.30 15.84
C PRO D 90 -26.24 -43.10 16.69
N TRP D 91 -27.47 -42.63 16.75
CA TRP D 91 -27.83 -41.53 17.61
C TRP D 91 -28.15 -42.06 19.02
N ASN D 92 -27.66 -41.36 20.07
CA ASN D 92 -27.88 -41.64 21.49
C ASN D 92 -29.08 -40.84 22.03
N SER D 93 -30.05 -41.52 22.69
CA SER D 93 -31.28 -40.93 23.29
C SER D 93 -30.96 -40.00 24.44
N THR D 94 -29.72 -40.09 24.96
CA THR D 94 -29.31 -39.19 26.00
C THR D 94 -29.03 -37.82 25.37
N TRP D 95 -28.60 -37.80 24.09
CA TRP D 95 -28.32 -36.53 23.48
C TRP D 95 -29.65 -35.84 23.33
N SER D 96 -30.63 -36.60 22.85
CA SER D 96 -31.99 -36.12 22.70
C SER D 96 -33.01 -37.25 22.72
N ASN D 97 -33.88 -37.26 23.71
CA ASN D 97 -34.89 -38.30 23.81
C ASN D 97 -36.14 -37.84 23.06
N ARG D 98 -36.01 -37.74 21.75
CA ARG D 98 -37.08 -37.19 20.93
C ARG D 98 -37.23 -37.97 19.60
N ASN D 99 -38.48 -38.08 19.09
CA ASN D 99 -38.86 -38.79 17.86
C ASN D 99 -38.57 -37.99 16.57
N LEU D 100 -38.42 -38.74 15.43
CA LEU D 100 -38.22 -38.18 14.07
C LEU D 100 -39.55 -37.80 13.44
N SER D 101 -40.19 -36.90 14.13
CA SER D 101 -41.44 -36.28 13.84
C SER D 101 -41.30 -34.89 14.39
N GLU D 102 -41.13 -34.78 15.70
CA GLU D 102 -40.96 -33.47 16.28
C GLU D 102 -39.67 -32.86 15.81
N ILE D 103 -38.61 -33.67 15.71
CA ILE D 103 -37.33 -33.12 15.33
C ILE D 103 -37.32 -32.53 13.95
N TRP D 104 -37.85 -33.24 12.97
CA TRP D 104 -37.78 -32.69 11.63
C TRP D 104 -38.93 -31.78 11.20
N ASP D 105 -40.14 -32.03 11.67
CA ASP D 105 -41.24 -31.20 11.20
C ASP D 105 -41.58 -30.00 12.05
N ASN D 106 -41.39 -30.07 13.38
CA ASN D 106 -41.81 -28.95 14.22
C ASN D 106 -40.66 -28.08 14.70
N MET D 107 -39.54 -28.69 15.03
CA MET D 107 -38.42 -27.91 15.51
C MET D 107 -37.63 -27.26 14.42
N THR D 108 -37.05 -26.10 14.74
CA THR D 108 -36.18 -25.37 13.85
C THR D 108 -34.74 -25.72 14.18
N TRP D 109 -33.82 -25.36 13.29
CA TRP D 109 -32.42 -25.66 13.57
C TRP D 109 -31.90 -24.85 14.73
N LEU D 110 -32.45 -23.66 14.94
CA LEU D 110 -31.99 -22.83 16.04
C LEU D 110 -32.33 -23.48 17.38
N GLN D 111 -33.53 -24.06 17.46
CA GLN D 111 -33.96 -24.69 18.70
C GLN D 111 -33.17 -25.94 18.96
N TRP D 112 -32.96 -26.70 17.89
CA TRP D 112 -32.26 -27.95 17.92
C TRP D 112 -30.83 -27.73 18.36
N ASP D 113 -30.21 -26.71 17.79
CA ASP D 113 -28.85 -26.41 18.13
C ASP D 113 -28.72 -26.20 19.62
N LYS D 114 -29.64 -25.49 20.24
CA LYS D 114 -29.51 -25.36 21.66
C LYS D 114 -29.73 -26.69 22.39
N GLU D 115 -30.74 -27.46 21.95
CA GLU D 115 -31.07 -28.69 22.66
C GLU D 115 -29.91 -29.65 22.81
N ILE D 116 -29.12 -29.79 21.76
CA ILE D 116 -28.02 -30.75 21.82
C ILE D 116 -26.64 -30.10 21.86
N SER D 117 -26.55 -28.86 22.31
CA SER D 117 -25.27 -28.14 22.29
C SER D 117 -24.13 -28.74 23.14
N ASN D 118 -24.44 -29.62 24.11
CA ASN D 118 -23.48 -30.27 25.02
C ASN D 118 -22.75 -31.47 24.41
N TYR D 119 -23.13 -31.94 23.18
CA TYR D 119 -22.59 -33.17 22.58
C TYR D 119 -21.79 -32.99 21.31
N THR D 120 -21.59 -31.77 20.86
CA THR D 120 -20.91 -31.56 19.60
C THR D 120 -19.54 -32.22 19.52
N GLN D 121 -18.74 -32.05 20.55
CA GLN D 121 -17.38 -32.60 20.55
C GLN D 121 -17.35 -34.11 20.71
N ILE D 122 -18.45 -34.67 21.18
CA ILE D 122 -18.52 -36.10 21.41
C ILE D 122 -18.86 -36.75 20.11
N ILE D 123 -19.83 -36.19 19.44
CA ILE D 123 -20.28 -36.75 18.21
C ILE D 123 -19.15 -36.68 17.23
N TYR D 124 -18.46 -35.56 17.19
CA TYR D 124 -17.39 -35.44 16.24
C TYR D 124 -16.31 -36.47 16.50
N GLY D 125 -15.93 -36.71 17.76
CA GLY D 125 -14.91 -37.71 18.00
C GLY D 125 -15.36 -39.11 17.53
N LEU D 126 -16.65 -39.41 17.72
CA LEU D 126 -17.16 -40.72 17.32
C LEU D 126 -17.10 -40.88 15.81
N LEU D 127 -17.40 -39.81 15.10
CA LEU D 127 -17.37 -39.88 13.65
C LEU D 127 -15.96 -40.13 13.17
N GLU D 128 -14.97 -39.51 13.82
CA GLU D 128 -13.60 -39.70 13.39
C GLU D 128 -13.16 -41.13 13.54
N GLU D 129 -13.55 -41.75 14.65
CA GLU D 129 -13.11 -43.11 14.86
C GLU D 129 -13.73 -44.08 13.88
N SER D 130 -15.01 -43.88 13.57
CA SER D 130 -15.62 -44.80 12.65
C SER D 130 -14.96 -44.70 11.29
N GLN D 131 -14.66 -43.49 10.83
CA GLN D 131 -14.03 -43.35 9.53
C GLN D 131 -12.65 -43.94 9.50
N ASN D 132 -11.91 -43.84 10.61
CA ASN D 132 -10.57 -44.37 10.62
C ASN D 132 -10.60 -45.88 10.38
N GLN D 133 -11.58 -46.54 10.99
CA GLN D 133 -11.70 -47.97 10.83
C GLN D 133 -12.15 -48.36 9.45
N GLN D 134 -13.06 -47.58 8.88
CA GLN D 134 -13.58 -47.92 7.56
C GLN D 134 -12.51 -47.86 6.50
N GLU D 135 -11.63 -46.88 6.56
CA GLU D 135 -10.61 -46.79 5.52
C GLU D 135 -9.65 -47.97 5.58
N LYS D 136 -9.23 -48.39 6.77
CA LYS D 136 -8.32 -49.51 6.77
C LYS D 136 -9.01 -50.75 6.26
N ASN D 137 -10.28 -50.91 6.59
CA ASN D 137 -10.99 -52.09 6.14
C ASN D 137 -11.10 -52.10 4.63
N GLU D 138 -11.30 -50.91 4.03
CA GLU D 138 -11.38 -50.83 2.58
C GLU D 138 -10.10 -51.29 1.92
N GLN D 139 -8.95 -50.88 2.48
CA GLN D 139 -7.68 -51.28 1.89
C GLN D 139 -7.50 -52.79 1.90
N ASP D 140 -7.86 -53.45 3.00
CA ASP D 140 -7.70 -54.90 3.02
C ASP D 140 -8.61 -55.59 2.03
N LEU D 141 -9.84 -55.09 1.88
CA LEU D 141 -10.76 -55.71 0.94
C LEU D 141 -10.28 -55.53 -0.48
N LEU D 142 -9.74 -54.34 -0.79
CA LEU D 142 -9.24 -54.10 -2.13
C LEU D 142 -8.07 -55.03 -2.41
N ALA D 143 -7.18 -55.19 -1.44
CA ALA D 143 -6.03 -56.07 -1.62
C ALA D 143 -6.42 -57.53 -1.94
N ASN E 35 -29.80 -35.41 -28.13
CA ASN E 35 -29.60 -35.67 -26.72
C ASN E 35 -28.18 -35.48 -26.20
N LEU E 36 -27.58 -34.33 -26.47
CA LEU E 36 -26.27 -34.03 -25.94
C LEU E 36 -26.45 -33.52 -24.53
N TRP E 37 -25.41 -33.69 -23.73
CA TRP E 37 -25.38 -33.33 -22.32
C TRP E 37 -24.36 -32.29 -21.97
N VAL E 38 -24.56 -31.60 -20.86
CA VAL E 38 -23.57 -30.63 -20.41
C VAL E 38 -22.39 -31.33 -19.73
N THR E 39 -21.18 -30.99 -20.14
CA THR E 39 -19.97 -31.49 -19.48
C THR E 39 -19.23 -30.34 -18.87
N VAL E 40 -18.59 -30.61 -17.75
CA VAL E 40 -17.87 -29.59 -17.04
C VAL E 40 -16.39 -29.92 -16.96
N TYR E 41 -15.56 -28.93 -17.27
CA TYR E 41 -14.13 -29.09 -17.21
C TYR E 41 -13.45 -28.09 -16.29
N TYR E 42 -12.39 -28.55 -15.61
CA TYR E 42 -11.54 -27.67 -14.82
C TYR E 42 -10.10 -27.72 -15.27
N GLY E 43 -9.55 -26.56 -15.56
CA GLY E 43 -8.18 -26.46 -16.06
C GLY E 43 -8.18 -26.06 -17.53
N VAL E 44 -9.25 -25.47 -18.00
CA VAL E 44 -9.37 -25.06 -19.38
C VAL E 44 -8.48 -23.85 -19.65
N PRO E 45 -7.60 -23.86 -20.67
CA PRO E 45 -6.65 -22.80 -20.97
C PRO E 45 -7.24 -21.56 -21.62
N VAL E 46 -8.06 -20.87 -20.87
CA VAL E 46 -8.71 -19.64 -21.28
C VAL E 46 -8.38 -18.48 -20.38
N TRP E 47 -8.07 -17.35 -20.98
CA TRP E 47 -7.72 -16.17 -20.22
C TRP E 47 -8.53 -14.96 -20.62
N LYS E 48 -8.65 -14.03 -19.68
CA LYS E 48 -9.34 -12.77 -19.89
C LYS E 48 -8.51 -11.59 -19.42
N ASP E 49 -8.74 -10.44 -20.00
CA ASP E 49 -8.00 -9.27 -19.59
C ASP E 49 -8.20 -9.01 -18.13
N ALA E 50 -7.13 -8.66 -17.40
CA ALA E 50 -7.32 -8.43 -15.98
C ALA E 50 -6.34 -7.45 -15.38
N GLU E 51 -6.71 -6.90 -14.23
CA GLU E 51 -5.85 -5.98 -13.53
C GLU E 51 -5.39 -6.54 -12.21
N THR E 52 -4.11 -6.81 -12.08
CA THR E 52 -3.59 -7.34 -10.84
C THR E 52 -2.31 -6.65 -10.49
N THR E 53 -1.72 -7.02 -9.39
CA THR E 53 -0.46 -6.43 -9.00
C THR E 53 0.67 -7.38 -9.33
N LEU E 54 1.63 -6.89 -10.08
CA LEU E 54 2.79 -7.68 -10.48
C LEU E 54 3.87 -7.49 -9.47
N PHE E 55 4.80 -8.42 -9.37
CA PHE E 55 5.88 -8.23 -8.41
C PHE E 55 7.21 -8.08 -9.13
N CYS E 56 8.18 -7.45 -8.43
CA CYS E 56 9.52 -7.14 -8.90
C CYS E 56 10.46 -8.34 -8.71
N ALA E 57 11.26 -8.61 -9.73
CA ALA E 57 12.33 -9.59 -9.68
C ALA E 57 13.58 -9.02 -10.35
N SER E 58 14.75 -9.50 -9.90
CA SER E 58 16.03 -8.87 -10.32
C SER E 58 17.00 -9.93 -10.86
N ASP E 59 17.91 -9.52 -11.75
CA ASP E 59 18.89 -10.46 -12.35
C ASP E 59 19.93 -10.86 -11.29
N ALA E 60 20.53 -12.04 -11.45
CA ALA E 60 21.59 -12.50 -10.51
C ALA E 60 22.63 -11.39 -10.31
N HIS E 68 23.15 -1.67 -1.79
CA HIS E 68 23.09 -0.22 -1.62
C HIS E 68 22.43 0.55 -2.82
N ASN E 69 22.14 -0.15 -3.94
CA ASN E 69 21.45 0.37 -5.12
C ASN E 69 19.97 0.19 -4.92
N VAL E 70 19.26 1.29 -4.89
CA VAL E 70 17.85 1.31 -4.54
C VAL E 70 17.01 0.35 -5.36
N TRP E 71 17.37 0.15 -6.60
CA TRP E 71 16.58 -0.67 -7.46
C TRP E 71 16.73 -2.14 -7.09
N ALA E 72 17.88 -2.52 -6.53
CA ALA E 72 18.17 -3.90 -6.21
C ALA E 72 17.78 -4.28 -4.79
N THR E 73 17.94 -3.36 -3.85
CA THR E 73 17.76 -3.72 -2.45
C THR E 73 16.30 -3.92 -2.14
N HIS E 74 15.47 -3.43 -3.03
CA HIS E 74 14.05 -3.58 -2.87
C HIS E 74 13.40 -4.53 -3.90
N CYS E 75 14.20 -5.42 -4.57
CA CYS E 75 13.74 -6.33 -5.61
C CYS E 75 14.53 -7.63 -5.41
N CYS E 76 14.15 -8.33 -4.36
CA CYS E 76 14.90 -9.46 -3.85
C CYS E 76 14.61 -10.75 -4.59
N VAL E 77 13.48 -10.86 -5.24
CA VAL E 77 13.19 -12.12 -5.87
C VAL E 77 14.13 -12.28 -7.04
N PRO E 78 14.87 -13.37 -7.16
CA PRO E 78 15.75 -13.62 -8.27
C PRO E 78 14.93 -13.96 -9.47
N THR E 79 15.42 -13.65 -10.63
CA THR E 79 14.78 -14.12 -11.82
C THR E 79 15.23 -15.49 -12.14
N ASP E 80 14.46 -16.14 -12.99
CA ASP E 80 14.78 -17.43 -13.54
C ASP E 80 15.89 -17.21 -14.55
N PRO E 81 17.08 -17.82 -14.43
CA PRO E 81 18.16 -17.70 -15.39
C PRO E 81 17.72 -18.15 -16.78
N ASN E 82 16.67 -18.99 -16.84
CA ASN E 82 16.17 -19.49 -18.10
C ASN E 82 14.63 -19.41 -18.19
N PRO E 83 14.04 -18.22 -18.42
CA PRO E 83 12.61 -17.99 -18.49
C PRO E 83 12.10 -18.81 -19.64
N GLN E 84 10.87 -19.29 -19.55
CA GLN E 84 10.38 -20.11 -20.65
C GLN E 84 9.29 -19.47 -21.43
N GLU E 85 9.64 -19.05 -22.63
CA GLU E 85 8.68 -18.39 -23.48
C GLU E 85 7.96 -19.44 -24.28
N ILE E 86 6.65 -19.46 -24.16
CA ILE E 86 5.88 -20.46 -24.83
C ILE E 86 5.13 -19.93 -26.01
N HIS E 87 5.48 -20.38 -27.19
CA HIS E 87 4.81 -19.91 -28.38
C HIS E 87 3.38 -20.34 -28.39
N LEU E 88 2.45 -19.45 -28.71
CA LEU E 88 1.09 -19.92 -28.77
C LEU E 88 0.67 -20.06 -30.21
N GLU E 89 0.59 -21.29 -30.65
CA GLU E 89 0.24 -21.50 -32.02
C GLU E 89 -1.25 -21.21 -32.20
N ASN E 90 -1.63 -20.55 -33.33
CA ASN E 90 -2.99 -20.18 -33.77
C ASN E 90 -3.77 -19.32 -32.76
N VAL E 91 -3.11 -18.34 -32.12
CA VAL E 91 -3.74 -17.39 -31.19
C VAL E 91 -3.56 -15.98 -31.65
N THR E 92 -4.66 -15.28 -31.81
CA THR E 92 -4.60 -13.89 -32.18
C THR E 92 -5.12 -13.15 -30.98
N GLU E 93 -4.40 -12.11 -30.57
CA GLU E 93 -4.83 -11.36 -29.41
C GLU E 93 -4.70 -9.87 -29.63
N GLU E 94 -5.53 -9.09 -28.96
CA GLU E 94 -5.51 -7.64 -29.07
C GLU E 94 -4.77 -6.93 -27.95
N PHE E 95 -3.84 -6.08 -28.36
CA PHE E 95 -3.03 -5.30 -27.44
C PHE E 95 -3.35 -3.82 -27.56
N ASN E 96 -3.18 -3.07 -26.48
CA ASN E 96 -3.37 -1.62 -26.53
C ASN E 96 -2.44 -0.93 -25.56
N MET E 97 -1.35 -0.40 -26.06
CA MET E 97 -0.32 0.19 -25.20
C MET E 97 -0.79 1.45 -24.50
N TRP E 98 -1.85 2.05 -24.98
CA TRP E 98 -2.28 3.30 -24.42
C TRP E 98 -3.20 3.09 -23.24
N LYS E 99 -3.62 1.85 -23.04
CA LYS E 99 -4.56 1.51 -21.99
C LYS E 99 -3.97 0.44 -21.09
N ASN E 100 -2.67 0.27 -21.19
CA ASN E 100 -1.96 -0.78 -20.50
C ASN E 100 -1.67 -0.42 -19.05
N ASN E 101 -2.32 -1.11 -18.13
CA ASN E 101 -2.22 -0.79 -16.71
C ASN E 101 -0.89 -1.20 -16.10
N MET E 102 -0.05 -1.86 -16.89
CA MET E 102 1.26 -2.23 -16.41
C MET E 102 2.06 -0.96 -16.30
N VAL E 103 1.71 0.05 -17.10
CA VAL E 103 2.43 1.29 -17.09
C VAL E 103 2.10 2.00 -15.81
N GLU E 104 0.83 2.00 -15.45
CA GLU E 104 0.43 2.68 -14.23
C GLU E 104 1.07 2.03 -13.05
N GLN E 105 1.15 0.69 -13.05
CA GLN E 105 1.80 0.12 -11.92
C GLN E 105 3.26 0.50 -11.89
N MET E 106 3.94 0.44 -13.03
CA MET E 106 5.36 0.75 -12.96
C MET E 106 5.58 2.14 -12.45
N HIS E 107 4.75 3.07 -12.87
CA HIS E 107 4.87 4.43 -12.43
C HIS E 107 4.69 4.53 -10.94
N THR E 108 3.64 3.92 -10.43
CA THR E 108 3.37 4.01 -9.02
C THR E 108 4.49 3.38 -8.22
N ASP E 109 5.00 2.23 -8.66
CA ASP E 109 6.04 1.57 -7.92
C ASP E 109 7.28 2.41 -7.86
N ILE E 110 7.61 3.08 -8.95
CA ILE E 110 8.78 3.93 -8.93
C ILE E 110 8.63 5.07 -7.98
N ILE E 111 7.48 5.72 -7.97
CA ILE E 111 7.37 6.84 -7.08
C ILE E 111 7.49 6.35 -5.66
N SER E 112 6.84 5.24 -5.34
CA SER E 112 6.88 4.73 -3.99
C SER E 112 8.29 4.38 -3.57
N LEU E 113 9.03 3.72 -4.45
CA LEU E 113 10.37 3.32 -4.14
C LEU E 113 11.22 4.52 -3.89
N TRP E 114 11.05 5.52 -4.71
CA TRP E 114 11.80 6.71 -4.59
C TRP E 114 11.60 7.36 -3.24
N ASP E 115 10.37 7.52 -2.81
CA ASP E 115 10.12 8.18 -1.53
C ASP E 115 10.71 7.41 -0.36
N GLN E 116 10.68 6.10 -0.45
CA GLN E 116 11.19 5.27 0.63
C GLN E 116 12.69 5.29 0.70
N SER E 117 13.31 5.88 -0.29
CA SER E 117 14.74 5.92 -0.32
C SER E 117 15.24 7.19 0.29
N LEU E 118 14.36 8.16 0.49
CA LEU E 118 14.81 9.42 1.05
C LEU E 118 14.38 9.51 2.48
N LYS E 119 13.27 8.86 2.78
CA LYS E 119 12.68 8.86 4.09
C LYS E 119 13.69 8.80 5.26
N PRO E 120 14.64 7.84 5.33
CA PRO E 120 15.59 7.71 6.43
C PRO E 120 16.71 8.75 6.57
N CYS E 121 16.97 9.60 5.55
CA CYS E 121 18.07 10.57 5.55
C CYS E 121 17.64 11.95 6.00
N VAL E 122 18.66 12.69 6.42
CA VAL E 122 18.55 14.01 7.03
C VAL E 122 17.90 15.06 6.17
N LYS E 123 17.05 15.83 6.82
CA LYS E 123 16.35 16.93 6.21
C LYS E 123 17.27 18.11 6.28
N LEU E 124 17.26 18.96 5.27
CA LEU E 124 18.16 20.08 5.26
C LEU E 124 17.53 21.40 5.63
N THR E 125 16.42 21.35 6.36
CA THR E 125 15.72 22.63 6.67
C THR E 125 16.67 23.63 7.40
N PRO E 126 17.71 23.24 8.24
CA PRO E 126 18.64 24.16 8.85
C PRO E 126 19.40 25.05 7.88
N LEU E 127 19.46 24.68 6.61
CA LEU E 127 20.18 25.51 5.62
C LEU E 127 19.37 26.66 5.03
N CYS E 128 18.04 26.78 5.31
CA CYS E 128 17.22 27.83 4.73
C CYS E 128 17.37 29.13 5.52
N VAL E 129 18.51 29.73 5.29
CA VAL E 129 18.97 30.93 5.96
C VAL E 129 19.37 31.94 4.93
N THR E 130 19.55 33.18 5.33
CA THR E 130 20.02 34.13 4.36
C THR E 130 21.44 33.80 3.99
N LEU E 131 21.73 33.78 2.71
CA LEU E 131 23.06 33.50 2.25
C LEU E 131 23.71 34.79 1.84
N GLN E 132 25.01 34.89 2.05
CA GLN E 132 25.79 36.03 1.58
C GLN E 132 26.60 35.54 0.39
N CYS E 133 26.16 35.87 -0.84
CA CYS E 133 26.74 35.30 -2.05
C CYS E 133 27.41 36.35 -2.92
N THR E 134 28.49 35.92 -3.51
CA THR E 134 29.21 36.66 -4.52
C THR E 134 29.42 35.69 -5.67
N ASN E 135 29.79 36.18 -6.87
CA ASN E 135 30.10 35.37 -8.04
C ASN E 135 31.46 34.69 -7.85
N VAL E 136 31.66 33.48 -8.42
CA VAL E 136 32.98 32.85 -8.46
C VAL E 136 33.69 33.50 -9.63
N THR E 137 34.89 33.98 -9.42
CA THR E 137 35.66 34.63 -10.47
C THR E 137 37.05 34.03 -10.52
N ASN E 138 37.15 32.82 -11.03
CA ASN E 138 38.41 32.10 -11.02
C ASN E 138 38.62 31.21 -12.25
N ASN E 139 39.32 31.69 -13.27
CA ASN E 139 39.53 30.87 -14.46
C ASN E 139 38.26 30.26 -15.04
N ILE E 140 37.26 31.09 -15.19
CA ILE E 140 35.97 30.66 -15.68
C ILE E 140 35.79 31.01 -17.13
N THR E 141 35.41 30.03 -17.92
CA THR E 141 35.12 30.25 -19.33
C THR E 141 33.94 31.18 -19.44
N ASP E 142 33.85 31.97 -20.49
CA ASP E 142 32.75 32.94 -20.58
C ASP E 142 31.38 32.32 -20.42
N ASP E 143 31.21 31.12 -20.94
CA ASP E 143 29.93 30.42 -20.92
C ASP E 143 29.43 30.06 -19.52
N MET E 144 30.32 30.05 -18.53
CA MET E 144 29.96 29.72 -17.16
C MET E 144 29.95 30.92 -16.26
N ARG E 145 30.12 32.11 -16.79
CA ARG E 145 30.17 33.20 -15.86
C ARG E 145 28.81 33.46 -15.32
N GLY E 146 28.74 33.60 -14.01
CA GLY E 146 27.49 33.89 -13.34
C GLY E 146 26.67 32.65 -13.04
N GLU E 147 27.15 31.48 -13.48
CA GLU E 147 26.40 30.24 -13.27
C GLU E 147 26.77 29.51 -12.01
N LEU E 148 27.78 30.01 -11.32
CA LEU E 148 28.28 29.42 -10.11
C LEU E 148 28.53 30.50 -9.09
N LYS E 149 27.95 30.35 -7.90
CA LYS E 149 28.10 31.35 -6.86
C LYS E 149 28.70 30.78 -5.57
N ASN E 150 29.47 31.64 -4.88
CA ASN E 150 30.15 31.37 -3.61
C ASN E 150 29.36 31.99 -2.46
N CYS E 151 28.68 31.15 -1.63
CA CYS E 151 27.77 31.60 -0.58
C CYS E 151 28.21 31.20 0.81
N SER E 152 28.26 32.19 1.70
CA SER E 152 28.60 31.92 3.09
C SER E 152 27.38 32.14 3.94
N PHE E 153 27.31 31.43 5.04
CA PHE E 153 26.16 31.58 5.91
C PHE E 153 26.39 31.14 7.35
N ASN E 154 25.49 31.60 8.25
CA ASN E 154 25.43 31.22 9.67
C ASN E 154 24.50 30.01 9.82
N MET E 155 25.07 28.86 10.21
CA MET E 155 24.37 27.59 10.40
C MET E 155 24.66 27.12 11.79
N THR E 156 23.75 26.38 12.39
CA THR E 156 24.03 25.90 13.74
C THR E 156 24.98 24.75 13.67
N THR E 157 25.57 24.42 14.80
CA THR E 157 26.44 23.26 14.91
C THR E 157 25.79 22.21 15.77
N GLU E 158 26.55 21.22 16.20
CA GLU E 158 26.00 20.12 16.96
C GLU E 158 25.34 20.55 18.26
N LEU E 159 25.78 21.64 18.88
CA LEU E 159 25.16 22.07 20.09
C LEU E 159 24.13 23.10 19.76
N ARG E 160 23.07 23.11 20.52
CA ARG E 160 21.96 24.01 20.27
C ARG E 160 22.23 25.45 20.63
N ASP E 161 23.31 25.70 21.36
CA ASP E 161 23.69 27.02 21.76
C ASP E 161 24.91 27.55 21.02
N LYS E 162 25.32 26.91 19.92
CA LYS E 162 26.46 27.40 19.16
C LYS E 162 26.22 27.44 17.67
N LYS E 163 26.82 28.42 17.01
CA LYS E 163 26.77 28.55 15.57
C LYS E 163 28.14 28.51 14.95
N GLN E 164 28.16 28.21 13.66
CA GLN E 164 29.37 28.17 12.87
C GLN E 164 29.19 28.91 11.55
N LYS E 165 30.28 29.46 11.03
CA LYS E 165 30.22 30.08 9.73
C LYS E 165 30.82 29.15 8.72
N VAL E 166 30.04 28.84 7.70
CA VAL E 166 30.49 27.91 6.69
C VAL E 166 30.24 28.49 5.32
N TYR E 167 30.85 27.92 4.31
CA TYR E 167 30.52 28.34 2.96
C TYR E 167 30.59 27.19 2.00
N SER E 168 29.86 27.35 0.92
CA SER E 168 29.78 26.36 -0.15
C SER E 168 29.43 26.96 -1.49
N LEU E 169 29.62 26.18 -2.53
CA LEU E 169 29.24 26.68 -3.83
C LEU E 169 27.90 26.14 -4.25
N PHE E 170 27.17 26.97 -4.96
CA PHE E 170 25.87 26.63 -5.50
C PHE E 170 25.75 26.98 -6.96
N TYR E 171 24.91 26.23 -7.65
CA TYR E 171 24.63 26.58 -9.02
C TYR E 171 23.55 27.62 -9.04
N ARG E 172 23.62 28.49 -10.02
CA ARG E 172 22.67 29.58 -10.17
C ARG E 172 21.22 29.17 -10.12
N LEU E 173 20.90 28.04 -10.70
CA LEU E 173 19.52 27.60 -10.79
C LEU E 173 18.86 27.30 -9.46
N ASP E 174 19.66 27.04 -8.44
CA ASP E 174 19.14 26.69 -7.14
C ASP E 174 19.00 27.87 -6.20
N VAL E 175 19.47 29.04 -6.62
CA VAL E 175 19.52 30.17 -5.70
C VAL E 175 18.78 31.40 -6.22
N VAL E 176 17.93 31.98 -5.39
CA VAL E 176 17.16 33.15 -5.77
C VAL E 176 17.47 34.37 -4.93
N GLN E 177 17.65 35.49 -5.60
CA GLN E 177 17.97 36.74 -4.90
C GLN E 177 16.83 37.30 -4.10
N ILE E 178 17.16 37.79 -2.92
CA ILE E 178 16.22 38.45 -2.04
C ILE E 178 16.17 39.93 -2.44
N ASN E 179 14.94 40.47 -2.67
CA ASN E 179 14.66 41.87 -3.07
C ASN E 179 15.07 42.06 -4.53
N LYS E 191 23.72 40.75 -2.66
CA LYS E 191 24.46 39.77 -1.89
C LYS E 191 23.54 38.83 -1.12
N GLU E 192 22.30 39.25 -0.85
CA GLU E 192 21.43 38.40 -0.04
C GLU E 192 20.60 37.47 -0.91
N TYR E 193 20.75 36.17 -0.66
CA TYR E 193 20.06 35.10 -1.41
C TYR E 193 19.45 34.03 -0.54
N ARG E 194 18.47 33.34 -1.07
CA ARG E 194 17.87 32.20 -0.39
C ARG E 194 17.74 31.06 -1.36
N LEU E 195 17.52 29.86 -0.86
CA LEU E 195 17.36 28.76 -1.77
C LEU E 195 15.98 28.83 -2.37
N ILE E 196 15.84 28.37 -3.59
CA ILE E 196 14.55 28.45 -4.28
C ILE E 196 13.41 27.70 -3.63
N ASN E 197 13.69 26.67 -2.89
CA ASN E 197 12.64 25.92 -2.22
C ASN E 197 12.21 26.45 -0.84
N CYS E 198 12.83 27.54 -0.32
CA CYS E 198 12.56 28.07 1.02
C CYS E 198 11.15 28.51 1.29
N ASN E 199 10.38 28.87 0.29
CA ASN E 199 9.02 29.29 0.61
C ASN E 199 7.96 28.20 0.33
N THR E 200 8.31 27.08 -0.39
CA THR E 200 7.35 26.06 -0.81
C THR E 200 7.56 24.64 -0.31
N SER E 201 8.78 24.25 0.05
CA SER E 201 8.95 22.85 0.41
C SER E 201 10.12 22.55 1.32
N ALA E 202 10.06 21.40 1.98
CA ALA E 202 11.20 20.96 2.74
C ALA E 202 12.06 20.14 1.82
N ILE E 203 13.36 20.30 1.92
CA ILE E 203 14.22 19.54 1.05
C ILE E 203 14.99 18.51 1.83
N THR E 204 15.03 17.30 1.29
CA THR E 204 15.70 16.16 1.94
C THR E 204 16.99 15.83 1.23
N GLN E 205 18.06 15.59 1.99
CA GLN E 205 19.32 15.25 1.34
C GLN E 205 19.28 13.84 0.85
N ALA E 206 19.68 13.62 -0.38
CA ALA E 206 19.73 12.27 -0.87
C ALA E 206 20.78 11.55 -0.06
N CYS E 207 20.56 10.25 0.19
CA CYS E 207 21.45 9.41 0.96
C CYS E 207 22.77 9.23 0.17
N PRO E 208 23.93 9.57 0.76
CA PRO E 208 25.24 9.57 0.14
C PRO E 208 25.74 8.19 -0.21
N LYS E 209 25.10 7.19 0.36
CA LYS E 209 25.47 5.81 0.15
C LYS E 209 24.51 5.08 -0.75
N VAL E 210 23.55 5.79 -1.34
CA VAL E 210 22.58 5.11 -2.18
C VAL E 210 22.74 5.39 -3.64
N SER E 211 22.80 4.31 -4.40
CA SER E 211 22.91 4.44 -5.84
C SER E 211 21.57 4.41 -6.50
N PHE E 212 21.41 5.22 -7.53
CA PHE E 212 20.19 5.24 -8.32
C PHE E 212 20.39 4.71 -9.72
N GLU E 213 21.53 4.10 -9.98
CA GLU E 213 21.81 3.60 -11.31
C GLU E 213 20.80 2.54 -11.74
N PRO E 214 20.09 2.68 -12.86
CA PRO E 214 19.11 1.74 -13.34
C PRO E 214 19.65 0.33 -13.52
N ILE E 215 18.85 -0.62 -13.09
CA ILE E 215 19.11 -2.05 -13.14
C ILE E 215 17.96 -2.64 -13.89
N PRO E 216 18.13 -3.55 -14.84
CA PRO E 216 16.99 -4.10 -15.54
C PRO E 216 16.05 -4.72 -14.53
N ILE E 217 14.80 -4.34 -14.57
CA ILE E 217 13.80 -4.88 -13.66
C ILE E 217 12.82 -5.72 -14.38
N HIS E 218 12.55 -6.89 -13.84
CA HIS E 218 11.60 -7.78 -14.47
C HIS E 218 10.29 -7.78 -13.71
N TYR E 219 9.18 -7.60 -14.41
CA TYR E 219 7.90 -7.73 -13.72
C TYR E 219 7.43 -9.14 -13.92
N CYS E 220 6.94 -9.78 -12.84
CA CYS E 220 6.49 -11.17 -12.84
C CYS E 220 5.04 -11.31 -12.38
N ALA E 221 4.34 -12.21 -13.04
CA ALA E 221 2.95 -12.46 -12.68
C ALA E 221 2.83 -13.29 -11.41
N PRO E 222 1.84 -13.03 -10.55
CA PRO E 222 1.46 -13.83 -9.42
C PRO E 222 0.74 -15.04 -9.95
N ALA E 223 0.65 -16.08 -9.15
CA ALA E 223 -0.07 -17.24 -9.61
C ALA E 223 -1.49 -16.89 -9.98
N GLY E 224 -1.96 -17.51 -11.05
CA GLY E 224 -3.31 -17.28 -11.55
C GLY E 224 -3.31 -16.33 -12.73
N PHE E 225 -2.17 -15.69 -12.96
CA PHE E 225 -1.99 -14.72 -14.04
C PHE E 225 -0.87 -15.08 -14.97
N ALA E 226 -0.93 -14.51 -16.15
CA ALA E 226 0.10 -14.72 -17.13
C ALA E 226 0.35 -13.46 -17.92
N ILE E 227 1.57 -13.30 -18.42
CA ILE E 227 1.84 -12.14 -19.23
C ILE E 227 1.99 -12.55 -20.67
N LEU E 228 1.23 -11.92 -21.53
CA LEU E 228 1.30 -12.26 -22.92
C LEU E 228 2.19 -11.28 -23.61
N LYS E 229 3.04 -11.76 -24.48
CA LYS E 229 3.96 -10.91 -25.22
C LYS E 229 3.64 -10.91 -26.72
N CYS E 230 3.64 -9.71 -27.33
CA CYS E 230 3.45 -9.51 -28.77
C CYS E 230 4.81 -9.46 -29.46
N LYS E 231 4.97 -10.36 -30.43
CA LYS E 231 6.27 -10.56 -31.13
C LYS E 231 6.18 -10.02 -32.56
N ASP E 232 5.02 -9.49 -32.96
CA ASP E 232 4.91 -9.05 -34.34
C ASP E 232 5.86 -7.94 -34.69
N LYS E 233 6.50 -8.11 -35.82
CA LYS E 233 7.38 -7.07 -36.27
C LYS E 233 6.47 -5.99 -36.71
N LYS E 234 6.86 -4.77 -36.45
CA LYS E 234 6.10 -3.60 -36.81
C LYS E 234 4.77 -3.47 -36.07
N PHE E 235 4.62 -4.11 -34.92
CA PHE E 235 3.43 -3.81 -34.16
C PHE E 235 3.60 -2.38 -33.65
N ASN E 236 2.59 -1.48 -33.88
CA ASN E 236 2.68 -0.06 -33.54
C ASN E 236 1.75 0.37 -32.39
N GLY E 237 1.51 -0.54 -31.44
CA GLY E 237 0.81 -0.31 -30.17
C GLY E 237 -0.64 -0.71 -30.04
N THR E 238 -1.39 -0.86 -31.12
CA THR E 238 -2.77 -1.25 -30.93
C THR E 238 -3.26 -2.31 -31.89
N GLY E 239 -4.28 -3.01 -31.46
CA GLY E 239 -4.99 -3.93 -32.31
C GLY E 239 -4.43 -5.34 -32.22
N PRO E 240 -4.95 -6.24 -33.05
CA PRO E 240 -4.61 -7.64 -33.10
C PRO E 240 -3.12 -7.82 -33.39
N CYS E 241 -2.54 -8.84 -32.78
CA CYS E 241 -1.17 -9.31 -32.90
C CYS E 241 -1.27 -10.80 -33.15
N THR E 242 -0.60 -11.29 -34.18
CA THR E 242 -0.70 -12.72 -34.50
C THR E 242 0.46 -13.62 -34.07
N ASN E 243 1.66 -13.04 -33.84
CA ASN E 243 2.83 -13.75 -33.33
C ASN E 243 2.91 -13.47 -31.83
N VAL E 244 2.36 -14.38 -30.99
CA VAL E 244 2.28 -14.17 -29.53
C VAL E 244 2.81 -15.36 -28.77
N SER E 245 3.21 -15.08 -27.54
CA SER E 245 3.73 -16.09 -26.64
C SER E 245 3.43 -15.75 -25.20
N THR E 246 3.55 -16.75 -24.35
CA THR E 246 3.31 -16.54 -22.92
C THR E 246 4.59 -16.59 -22.13
N VAL E 247 4.75 -15.63 -21.24
CA VAL E 247 5.93 -15.61 -20.39
C VAL E 247 5.55 -15.52 -18.92
N GLN E 248 6.51 -15.87 -18.07
CA GLN E 248 6.29 -15.72 -16.64
C GLN E 248 6.54 -14.30 -16.14
N CYS E 249 7.54 -13.62 -16.76
CA CYS E 249 8.01 -12.29 -16.43
C CYS E 249 8.37 -11.58 -17.71
N THR E 250 8.48 -10.27 -17.63
CA THR E 250 8.92 -9.43 -18.73
C THR E 250 10.41 -9.52 -18.76
N HIS E 251 11.01 -8.98 -19.79
CA HIS E 251 12.46 -8.95 -19.85
C HIS E 251 12.85 -7.85 -18.91
N GLY E 252 14.15 -7.65 -18.72
CA GLY E 252 14.54 -6.62 -17.79
C GLY E 252 14.55 -5.25 -18.40
N ILE E 253 13.75 -4.37 -17.83
CA ILE E 253 13.64 -3.01 -18.32
C ILE E 253 14.33 -2.08 -17.38
N LYS E 254 15.34 -1.36 -17.84
CA LYS E 254 15.97 -0.44 -16.92
C LYS E 254 15.05 0.76 -16.72
N PRO E 255 14.78 1.18 -15.49
CA PRO E 255 13.95 2.32 -15.15
C PRO E 255 14.70 3.61 -15.36
N VAL E 256 15.01 3.89 -16.60
CA VAL E 256 15.74 5.09 -16.93
C VAL E 256 14.75 6.22 -16.97
N VAL E 257 15.07 7.31 -16.31
CA VAL E 257 14.19 8.45 -16.27
C VAL E 257 14.78 9.62 -17.03
N SER E 258 14.06 10.08 -18.05
CA SER E 258 14.52 11.19 -18.87
C SER E 258 13.38 11.90 -19.56
N THR E 259 13.69 13.04 -20.12
CA THR E 259 12.70 13.76 -20.95
C THR E 259 13.25 13.96 -22.32
N GLN E 260 12.35 14.11 -23.30
CA GLN E 260 12.63 14.38 -24.72
C GLN E 260 13.31 13.21 -25.45
N LEU E 261 14.47 12.79 -24.97
CA LEU E 261 15.14 11.66 -25.60
C LEU E 261 15.21 10.51 -24.63
N LEU E 262 14.75 9.37 -25.11
CA LEU E 262 14.76 8.15 -24.34
C LEU E 262 16.11 7.53 -24.47
N LEU E 263 16.64 7.07 -23.36
CA LEU E 263 17.95 6.47 -23.36
C LEU E 263 17.91 5.03 -22.90
N ASN E 264 18.83 4.20 -23.45
CA ASN E 264 19.13 2.81 -23.11
C ASN E 264 17.88 1.89 -23.10
N GLY E 265 16.94 2.08 -24.06
CA GLY E 265 15.73 1.29 -24.19
C GLY E 265 15.88 0.20 -25.23
N SER E 266 14.77 -0.40 -25.56
CA SER E 266 14.78 -1.44 -26.56
C SER E 266 14.98 -0.79 -27.90
N LEU E 267 15.70 -1.43 -28.78
CA LEU E 267 15.88 -0.87 -30.11
C LEU E 267 14.94 -1.63 -31.03
N ALA E 268 14.34 -0.95 -32.01
CA ALA E 268 13.41 -1.59 -32.93
C ALA E 268 14.13 -2.52 -33.87
N GLU E 269 13.46 -3.58 -34.27
CA GLU E 269 14.00 -4.46 -35.30
C GLU E 269 13.42 -4.01 -36.61
N GLU E 270 14.14 -4.24 -37.68
CA GLU E 270 13.70 -3.85 -39.01
C GLU E 270 13.55 -2.33 -39.09
N GLU E 271 12.37 -1.83 -39.40
CA GLU E 271 12.11 -0.40 -39.57
C GLU E 271 11.94 0.42 -38.29
N VAL E 272 12.15 1.71 -38.43
CA VAL E 272 11.87 2.69 -37.38
C VAL E 272 10.36 2.72 -37.19
N ILE E 273 9.88 2.65 -35.96
CA ILE E 273 8.43 2.61 -35.75
C ILE E 273 7.88 3.82 -35.05
N ILE E 274 6.86 4.40 -35.64
CA ILE E 274 6.23 5.55 -35.01
C ILE E 274 4.91 5.16 -34.38
N ARG E 275 4.80 5.31 -33.07
CA ARG E 275 3.60 4.91 -32.37
C ARG E 275 2.90 6.10 -31.74
N SER E 276 1.61 6.20 -31.93
CA SER E 276 0.87 7.28 -31.30
C SER E 276 -0.55 6.87 -31.06
N GLU E 277 -1.14 7.40 -30.01
CA GLU E 277 -2.53 7.08 -29.70
C GLU E 277 -3.53 7.48 -30.81
N ASN E 278 -3.23 8.57 -31.53
CA ASN E 278 -4.12 9.08 -32.61
C ASN E 278 -3.35 9.34 -33.91
N ILE E 279 -2.18 9.99 -33.82
CA ILE E 279 -1.39 10.53 -34.96
C ILE E 279 -1.96 11.88 -35.43
N THR E 280 -3.24 11.87 -35.72
CA THR E 280 -4.02 13.00 -36.18
C THR E 280 -4.25 14.09 -35.12
N ASN E 281 -4.25 13.69 -33.88
CA ASN E 281 -4.54 14.54 -32.75
C ASN E 281 -3.31 15.27 -32.27
N ASN E 282 -3.34 16.58 -32.34
CA ASN E 282 -2.17 17.37 -32.01
C ASN E 282 -1.97 17.48 -30.51
N ALA E 283 -2.91 16.94 -29.75
CA ALA E 283 -2.84 16.93 -28.30
C ALA E 283 -2.11 15.70 -27.78
N LYS E 284 -1.72 14.80 -28.67
CA LYS E 284 -1.09 13.56 -28.26
C LYS E 284 0.39 13.48 -28.58
N ASN E 285 1.10 12.67 -27.80
CA ASN E 285 2.51 12.46 -28.04
C ASN E 285 2.73 11.38 -29.07
N ILE E 286 3.88 11.47 -29.70
CA ILE E 286 4.35 10.48 -30.62
C ILE E 286 5.60 9.85 -30.07
N LEU E 287 5.62 8.54 -29.98
CA LEU E 287 6.80 7.86 -29.50
C LEU E 287 7.50 7.21 -30.66
N VAL E 288 8.73 7.62 -30.90
CA VAL E 288 9.43 7.07 -32.04
C VAL E 288 10.53 6.15 -31.60
N GLN E 289 10.46 4.89 -32.00
CA GLN E 289 11.48 3.94 -31.61
C GLN E 289 12.44 3.76 -32.79
N LEU E 290 13.72 3.96 -32.53
CA LEU E 290 14.73 3.90 -33.57
C LEU E 290 15.15 2.47 -33.79
N ASN E 291 15.60 2.10 -35.02
CA ASN E 291 16.11 0.76 -35.37
C ASN E 291 17.66 0.66 -35.29
N GLU E 292 18.36 1.79 -35.10
CA GLU E 292 19.81 1.92 -34.98
C GLU E 292 19.99 2.88 -33.83
N SER E 293 20.89 2.58 -32.93
CA SER E 293 21.09 3.47 -31.80
C SER E 293 21.97 4.62 -32.16
N VAL E 294 21.88 5.70 -31.39
CA VAL E 294 22.80 6.81 -31.58
C VAL E 294 23.61 7.02 -30.33
N GLN E 295 24.92 7.01 -30.47
CA GLN E 295 25.75 7.19 -29.29
C GLN E 295 25.88 8.63 -28.89
N ILE E 296 25.69 8.89 -27.62
CA ILE E 296 25.86 10.22 -27.05
C ILE E 296 26.85 10.16 -25.85
N ASN E 297 27.87 11.06 -25.85
CA ASN E 297 28.92 11.17 -24.84
C ASN E 297 28.75 12.46 -24.02
N CYS E 298 28.37 12.34 -22.72
CA CYS E 298 28.10 13.47 -21.82
C CYS E 298 29.17 13.61 -20.76
N THR E 299 29.50 14.84 -20.42
CA THR E 299 30.48 15.09 -19.37
C THR E 299 30.27 16.34 -18.55
N ARG E 300 30.80 16.27 -17.35
CA ARG E 300 30.84 17.37 -16.43
C ARG E 300 32.32 17.51 -16.07
N PRO E 301 33.07 18.35 -16.80
CA PRO E 301 34.51 18.45 -16.79
C PRO E 301 35.19 19.02 -15.56
N ASN E 302 34.44 19.69 -14.70
CA ASN E 302 35.07 20.34 -13.57
C ASN E 302 35.48 19.33 -12.50
N ASN E 303 36.73 19.44 -11.95
CA ASN E 303 37.25 18.56 -10.91
C ASN E 303 36.79 19.09 -9.54
N ASN E 304 35.78 18.44 -8.97
CA ASN E 304 35.11 18.82 -7.74
C ASN E 304 35.67 18.19 -6.51
N THR E 305 35.43 18.83 -5.40
CA THR E 305 35.78 18.24 -4.14
C THR E 305 34.58 18.42 -3.27
N ARG E 306 34.51 17.67 -2.21
CA ARG E 306 33.38 17.76 -1.31
C ARG E 306 33.79 17.95 0.11
N LYS E 307 32.98 18.67 0.85
CA LYS E 307 33.26 18.80 2.26
C LYS E 307 32.04 18.31 3.00
N SER E 308 32.26 17.79 4.19
CA SER E 308 31.16 17.30 5.00
C SER E 308 31.07 18.10 6.27
N ILE E 309 29.94 18.75 6.44
CA ILE E 309 29.75 19.64 7.55
C ILE E 309 28.86 19.02 8.59
N ARG E 310 29.32 19.03 9.83
CA ARG E 310 28.53 18.49 10.92
C ARG E 310 27.43 19.48 11.18
N ILE E 311 26.18 19.02 11.16
CA ILE E 311 25.07 19.93 11.39
C ILE E 311 24.21 19.55 12.59
N GLY E 312 24.43 18.36 13.11
CA GLY E 312 23.65 17.92 14.25
C GLY E 312 24.16 16.60 14.76
N PRO E 313 23.56 16.05 15.80
CA PRO E 313 23.95 14.83 16.46
C PRO E 313 23.73 13.59 15.62
N GLY E 314 24.69 13.37 14.72
CA GLY E 314 24.68 12.27 13.75
C GLY E 314 24.24 12.73 12.36
N GLN E 315 24.14 14.03 12.18
CA GLN E 315 23.72 14.56 10.90
C GLN E 315 24.82 15.33 10.21
N TRP E 316 25.00 14.99 8.94
CA TRP E 316 26.00 15.63 8.11
C TRP E 316 25.41 16.11 6.81
N PHE E 317 25.88 17.27 6.40
CA PHE E 317 25.52 17.88 5.14
C PHE E 317 26.65 17.86 4.17
N TYR E 318 26.33 17.51 2.93
CA TYR E 318 27.37 17.49 1.90
C TYR E 318 27.33 18.70 1.03
N ALA E 319 28.42 19.45 1.09
CA ALA E 319 28.54 20.70 0.38
C ALA E 319 29.55 20.65 -0.73
N THR E 320 29.31 21.44 -1.77
CA THR E 320 30.24 21.54 -2.88
C THR E 320 31.42 22.41 -2.46
N GLY E 321 32.64 21.90 -2.64
CA GLY E 321 33.82 22.66 -2.28
C GLY E 321 34.36 23.37 -3.50
N ASP E 322 35.58 23.89 -3.41
CA ASP E 322 36.14 24.62 -4.53
C ASP E 322 36.43 23.71 -5.70
N ILE E 323 36.34 24.26 -6.90
CA ILE E 323 36.73 23.53 -8.10
C ILE E 323 38.22 23.63 -8.27
N ILE E 324 38.82 22.50 -8.54
CA ILE E 324 40.22 22.38 -8.76
C ILE E 324 40.46 22.55 -10.23
N GLY E 325 41.27 23.50 -10.60
CA GLY E 325 41.53 23.74 -11.99
C GLY E 325 40.46 24.62 -12.63
N ASP E 326 40.47 24.63 -13.95
CA ASP E 326 39.63 25.48 -14.79
C ASP E 326 38.16 25.15 -14.65
N ILE E 327 37.31 26.16 -14.80
CA ILE E 327 35.87 25.96 -14.78
C ILE E 327 35.29 26.03 -16.18
N ARG E 328 34.70 24.92 -16.58
CA ARG E 328 34.15 24.70 -17.90
C ARG E 328 32.70 24.24 -17.86
N GLN E 329 32.02 24.40 -18.98
CA GLN E 329 30.63 24.02 -19.07
C GLN E 329 30.40 22.56 -19.40
N ALA E 330 29.42 21.97 -18.73
CA ALA E 330 29.00 20.60 -18.98
C ALA E 330 28.38 20.52 -20.35
N HIS E 331 28.56 19.40 -21.01
CA HIS E 331 28.02 19.26 -22.36
C HIS E 331 27.89 17.80 -22.81
N CYS E 332 27.13 17.58 -23.91
CA CYS E 332 26.97 16.28 -24.57
C CYS E 332 27.31 16.36 -26.07
N ASN E 333 28.00 15.32 -26.54
CA ASN E 333 28.38 15.21 -27.97
C ASN E 333 27.50 14.16 -28.66
N VAL E 334 27.02 14.50 -29.85
CA VAL E 334 26.27 13.63 -30.77
C VAL E 334 26.94 13.66 -32.15
N SER E 335 27.21 12.51 -32.75
CA SER E 335 27.85 12.56 -34.05
C SER E 335 26.90 13.21 -35.04
N LYS E 336 27.37 14.20 -35.79
CA LYS E 336 26.45 14.88 -36.67
C LYS E 336 25.92 14.03 -37.78
N ALA E 337 26.79 13.29 -38.45
CA ALA E 337 26.31 12.52 -39.57
C ALA E 337 25.32 11.48 -39.14
N THR E 338 25.57 10.88 -37.99
CA THR E 338 24.71 9.85 -37.51
C THR E 338 23.36 10.44 -37.22
N TRP E 339 23.34 11.58 -36.54
CA TRP E 339 22.07 12.19 -36.21
C TRP E 339 21.26 12.54 -37.45
N ASN E 340 21.89 13.13 -38.49
CA ASN E 340 21.25 13.54 -39.73
C ASN E 340 20.62 12.34 -40.47
N GLU E 341 21.33 11.18 -40.49
CA GLU E 341 20.88 9.95 -41.12
C GLU E 341 19.72 9.36 -40.33
N THR E 342 19.84 9.39 -39.02
CA THR E 342 18.82 8.84 -38.17
C THR E 342 17.54 9.62 -38.33
N LEU E 343 17.67 10.93 -38.35
CA LEU E 343 16.50 11.72 -38.43
C LEU E 343 15.85 11.52 -39.76
N GLY E 344 16.63 11.42 -40.84
CA GLY E 344 16.03 11.21 -42.14
C GLY E 344 15.17 9.95 -42.16
N LYS E 345 15.58 8.91 -41.43
CA LYS E 345 14.83 7.68 -41.36
C LYS E 345 13.48 7.92 -40.69
N VAL E 346 13.47 8.78 -39.68
CA VAL E 346 12.25 9.10 -38.98
C VAL E 346 11.33 9.80 -39.94
N VAL E 347 11.89 10.69 -40.73
CA VAL E 347 11.09 11.44 -41.66
C VAL E 347 10.45 10.53 -42.68
N LYS E 348 11.20 9.55 -43.19
CA LYS E 348 10.60 8.64 -44.15
C LYS E 348 9.38 7.98 -43.56
N GLN E 349 9.44 7.60 -42.30
CA GLN E 349 8.29 6.97 -41.67
C GLN E 349 7.15 7.96 -41.46
N LEU E 350 7.47 9.21 -41.14
CA LEU E 350 6.38 10.17 -40.94
C LEU E 350 5.58 10.38 -42.19
N ARG E 351 6.23 10.34 -43.34
CA ARG E 351 5.52 10.60 -44.57
C ARG E 351 4.41 9.61 -44.84
N LYS E 352 4.46 8.43 -44.22
CA LYS E 352 3.44 7.44 -44.45
C LYS E 352 2.10 7.98 -44.01
N HIS E 353 2.08 8.88 -43.04
CA HIS E 353 0.85 9.42 -42.54
C HIS E 353 0.62 10.86 -42.96
N PHE E 354 1.68 11.58 -43.31
CA PHE E 354 1.51 13.00 -43.61
C PHE E 354 1.63 13.45 -45.08
N GLY E 355 2.06 12.57 -45.98
CA GLY E 355 2.13 12.94 -47.40
C GLY E 355 3.54 13.14 -47.98
N ASN E 356 3.68 12.72 -49.23
CA ASN E 356 4.78 13.15 -50.13
C ASN E 356 4.43 14.59 -50.55
N ASN E 357 5.35 15.56 -50.38
CA ASN E 357 5.10 17.01 -50.69
C ASN E 357 4.57 17.77 -49.47
N THR E 358 4.44 17.10 -48.33
CA THR E 358 4.06 17.85 -47.10
C THR E 358 5.35 18.15 -46.32
N ILE E 359 5.90 19.35 -46.48
CA ILE E 359 7.18 19.69 -45.91
C ILE E 359 7.23 19.29 -44.45
N ILE E 360 8.31 18.65 -44.02
CA ILE E 360 8.41 18.24 -42.62
C ILE E 360 9.46 19.04 -41.89
N ARG E 361 9.05 19.66 -40.80
CA ARG E 361 9.99 20.49 -40.07
C ARG E 361 10.22 20.08 -38.64
N PHE E 362 11.49 20.17 -38.23
CA PHE E 362 11.88 19.95 -36.87
C PHE E 362 12.32 21.24 -36.25
N ALA E 363 11.54 21.65 -35.29
CA ALA E 363 11.71 22.91 -34.62
C ALA E 363 12.14 22.70 -33.18
N ASN E 364 12.43 23.81 -32.52
CA ASN E 364 12.87 23.76 -31.15
C ASN E 364 11.71 23.46 -30.24
N SER E 365 12.01 23.37 -28.97
CA SER E 365 11.01 23.12 -27.97
C SER E 365 10.23 24.38 -27.68
N SER E 366 9.12 24.23 -26.97
CA SER E 366 8.28 25.36 -26.64
C SER E 366 8.67 25.92 -25.30
N GLY E 367 7.81 26.70 -24.68
CA GLY E 367 8.17 27.31 -23.41
C GLY E 367 7.97 26.33 -22.27
N GLY E 368 8.27 26.77 -21.05
CA GLY E 368 8.17 25.91 -19.88
C GLY E 368 9.48 25.94 -19.11
N ASP E 369 9.54 25.21 -18.00
CA ASP E 369 10.74 25.17 -17.18
C ASP E 369 11.69 24.10 -17.71
N LEU E 370 12.77 23.85 -17.00
CA LEU E 370 13.80 22.94 -17.51
C LEU E 370 13.41 21.48 -17.52
N GLU E 371 12.28 21.14 -16.95
CA GLU E 371 11.88 19.74 -16.96
C GLU E 371 11.12 19.48 -18.24
N VAL E 372 10.87 20.55 -18.98
CA VAL E 372 10.10 20.52 -20.20
C VAL E 372 10.90 20.89 -21.42
N THR E 373 11.58 22.03 -21.35
CA THR E 373 12.19 22.60 -22.52
C THR E 373 13.55 22.04 -22.85
N THR E 374 14.21 21.43 -21.88
CA THR E 374 15.51 20.83 -22.09
C THR E 374 15.45 19.36 -21.84
N HIS E 375 16.49 18.66 -22.27
CA HIS E 375 16.60 17.25 -22.05
C HIS E 375 16.95 17.01 -20.63
N SER E 376 16.28 16.04 -20.03
CA SER E 376 16.59 15.74 -18.64
C SER E 376 17.40 14.49 -18.55
N PHE E 377 18.62 14.67 -18.07
CA PHE E 377 19.58 13.60 -18.01
C PHE E 377 20.13 13.36 -16.61
N ASN E 378 19.86 12.19 -16.10
CA ASN E 378 20.26 11.78 -14.77
C ASN E 378 21.37 10.75 -14.88
N CYS E 379 22.63 11.11 -14.58
CA CYS E 379 23.76 10.19 -14.74
C CYS E 379 24.87 10.49 -13.75
N GLY E 380 25.28 9.44 -13.06
CA GLY E 380 26.32 9.51 -12.06
C GLY E 380 25.69 9.95 -10.75
N GLY E 381 24.40 10.24 -10.83
CA GLY E 381 23.63 10.77 -9.74
C GLY E 381 23.57 12.28 -9.91
N GLU E 382 24.19 12.79 -10.99
CA GLU E 382 24.17 14.21 -11.24
C GLU E 382 22.97 14.56 -12.12
N PHE E 383 22.49 15.78 -12.01
CA PHE E 383 21.37 16.21 -12.83
C PHE E 383 21.68 17.29 -13.84
N PHE E 384 21.60 16.89 -15.09
CA PHE E 384 21.92 17.72 -16.22
C PHE E 384 20.67 18.15 -16.95
N TYR E 385 20.65 19.40 -17.33
CA TYR E 385 19.59 19.95 -18.14
C TYR E 385 20.20 20.43 -19.45
N CYS E 386 20.04 19.65 -20.55
CA CYS E 386 20.76 19.85 -21.80
C CYS E 386 19.91 20.51 -22.88
N ASN E 387 20.50 21.46 -23.54
CA ASN E 387 19.83 22.23 -24.58
C ASN E 387 19.92 21.48 -25.93
N THR E 388 18.77 20.97 -26.39
CA THR E 388 18.57 20.14 -27.57
C THR E 388 18.17 20.91 -28.78
N SER E 389 18.22 22.23 -28.73
CA SER E 389 17.81 22.97 -29.91
C SER E 389 18.71 22.65 -31.11
N GLY E 390 19.96 22.25 -30.85
CA GLY E 390 20.90 21.93 -31.90
C GLY E 390 20.57 20.63 -32.62
N LEU E 391 19.65 19.85 -32.08
CA LEU E 391 19.25 18.60 -32.68
C LEU E 391 18.00 18.74 -33.55
N PHE E 392 17.26 19.83 -33.38
CA PHE E 392 15.98 19.99 -34.06
C PHE E 392 15.91 21.38 -34.69
N ASN E 393 16.70 21.59 -35.76
CA ASN E 393 16.88 22.87 -36.44
C ASN E 393 16.97 22.63 -37.95
N SER E 394 15.90 22.03 -38.56
CA SER E 394 15.91 21.70 -40.01
C SER E 394 14.55 21.54 -40.63
N THR E 395 14.53 21.71 -41.95
CA THR E 395 13.34 21.46 -42.73
C THR E 395 13.67 20.45 -43.81
N TRP E 396 12.88 19.41 -43.87
CA TRP E 396 13.05 18.35 -44.81
C TRP E 396 12.13 18.49 -46.00
N ILE E 397 12.71 18.41 -47.17
CA ILE E 397 11.99 18.53 -48.41
C ILE E 397 11.95 17.17 -49.07
N SER E 398 10.79 16.80 -49.52
CA SER E 398 10.56 15.51 -50.14
C SER E 398 11.41 15.30 -51.37
N ASN E 399 11.87 14.06 -51.53
CA ASN E 399 12.71 13.63 -52.65
C ASN E 399 14.02 14.41 -52.86
N THR E 400 14.72 14.72 -51.75
CA THR E 400 15.99 15.42 -51.66
C THR E 400 16.44 15.45 -50.20
N SER E 413 29.95 16.29 -35.64
CA SER E 413 29.89 16.42 -34.20
C SER E 413 29.08 17.68 -33.78
N ILE E 414 28.01 17.44 -33.00
CA ILE E 414 27.06 18.41 -32.45
C ILE E 414 27.29 18.58 -30.96
N THR E 415 27.49 19.80 -30.49
CA THR E 415 27.69 19.97 -29.06
C THR E 415 26.49 20.63 -28.42
N LEU E 416 25.97 19.97 -27.41
CA LEU E 416 24.83 20.45 -26.67
C LEU E 416 25.33 20.92 -25.30
N PRO E 417 25.22 22.19 -24.93
CA PRO E 417 25.66 22.69 -23.65
C PRO E 417 24.64 22.18 -22.66
N CYS E 418 25.03 21.98 -21.39
CA CYS E 418 24.17 21.52 -20.29
C CYS E 418 24.33 22.36 -19.03
N ARG E 419 23.25 22.47 -18.27
CA ARG E 419 23.25 23.14 -16.98
C ARG E 419 23.16 22.11 -15.87
N ILE E 420 23.71 22.42 -14.72
CA ILE E 420 23.66 21.51 -13.58
C ILE E 420 22.81 22.09 -12.48
N LYS E 421 21.90 21.29 -11.93
CA LYS E 421 21.03 21.76 -10.86
C LYS E 421 20.99 20.76 -9.71
N GLN E 422 21.08 21.21 -8.44
CA GLN E 422 21.04 20.28 -7.30
C GLN E 422 19.69 20.13 -6.61
N ILE E 423 18.73 21.02 -6.83
CA ILE E 423 17.43 20.85 -6.20
C ILE E 423 16.47 20.28 -7.19
N ILE E 424 16.06 19.05 -6.97
CA ILE E 424 15.26 18.36 -7.95
C ILE E 424 13.83 18.01 -7.57
N ASN E 425 12.86 18.59 -8.28
CA ASN E 425 11.45 18.26 -8.06
C ASN E 425 11.13 17.15 -9.05
N MET E 426 11.67 15.99 -8.75
CA MET E 426 11.73 14.92 -9.75
C MET E 426 10.45 14.42 -10.36
N TRP E 427 9.39 14.34 -9.59
CA TRP E 427 8.21 13.73 -10.18
C TRP E 427 7.13 14.68 -10.59
N GLN E 428 7.47 15.95 -10.71
CA GLN E 428 6.51 17.01 -11.07
C GLN E 428 5.49 17.22 -9.98
N ARG E 429 5.79 16.65 -8.84
CA ARG E 429 4.99 16.74 -7.65
C ARG E 429 5.57 17.89 -6.88
N ILE E 430 4.74 18.76 -6.37
CA ILE E 430 5.23 19.92 -5.66
C ILE E 430 4.97 19.85 -4.18
N GLY E 431 6.01 20.20 -3.40
CA GLY E 431 5.91 20.22 -1.95
C GLY E 431 7.02 19.40 -1.32
N GLN E 432 7.73 18.67 -2.14
CA GLN E 432 8.85 17.86 -1.71
C GLN E 432 9.96 18.17 -2.65
N ALA E 433 11.18 18.01 -2.22
CA ALA E 433 12.30 18.18 -3.13
C ALA E 433 13.46 17.36 -2.66
N MET E 434 14.29 16.93 -3.59
CA MET E 434 15.49 16.23 -3.23
C MET E 434 16.72 17.07 -3.44
N TYR E 435 17.66 17.01 -2.52
CA TYR E 435 18.93 17.67 -2.71
C TYR E 435 19.97 16.68 -3.17
N ALA E 436 20.57 16.97 -4.29
CA ALA E 436 21.58 16.09 -4.81
C ALA E 436 22.95 16.53 -4.29
N PRO E 437 23.65 15.72 -3.50
CA PRO E 437 24.92 16.05 -2.92
C PRO E 437 25.87 16.01 -4.07
N PRO E 438 26.99 16.70 -4.01
CA PRO E 438 28.02 16.72 -5.01
C PRO E 438 28.80 15.45 -5.13
N ILE E 439 29.32 15.25 -6.32
CA ILE E 439 30.19 14.15 -6.70
C ILE E 439 31.59 14.69 -6.96
N GLN E 440 32.57 14.09 -6.32
CA GLN E 440 33.95 14.55 -6.43
C GLN E 440 34.60 14.07 -7.71
N GLY E 441 35.64 14.77 -8.15
CA GLY E 441 36.29 14.38 -9.37
C GLY E 441 35.43 14.88 -10.51
N VAL E 442 35.43 14.14 -11.60
CA VAL E 442 34.71 14.54 -12.80
C VAL E 442 33.87 13.37 -13.21
N ILE E 443 32.87 13.60 -14.04
CA ILE E 443 32.12 12.45 -14.52
C ILE E 443 32.00 12.43 -16.02
N ARG E 444 31.86 11.22 -16.54
CA ARG E 444 31.62 10.98 -17.95
C ARG E 444 30.59 9.88 -18.06
N CYS E 445 29.67 9.99 -19.03
CA CYS E 445 28.60 9.05 -19.29
C CYS E 445 28.49 8.76 -20.77
N VAL E 446 28.35 7.50 -21.11
CA VAL E 446 28.12 7.16 -22.50
C VAL E 446 26.84 6.38 -22.57
N SER E 447 25.93 6.83 -23.40
CA SER E 447 24.64 6.17 -23.49
C SER E 447 24.11 6.11 -24.92
N ASN E 448 23.08 5.26 -25.13
CA ASN E 448 22.41 5.06 -26.41
C ASN E 448 21.07 5.79 -26.46
N ILE E 449 20.84 6.61 -27.50
CA ILE E 449 19.53 7.25 -27.76
C ILE E 449 18.78 6.19 -28.51
N THR E 450 17.63 5.81 -27.96
CA THR E 450 16.85 4.75 -28.56
C THR E 450 15.50 5.20 -29.05
N GLY E 451 15.12 6.43 -28.73
CA GLY E 451 13.83 6.90 -29.17
C GLY E 451 13.58 8.35 -28.82
N LEU E 452 12.61 8.92 -29.49
CA LEU E 452 12.27 10.32 -29.35
C LEU E 452 10.86 10.54 -28.87
N ILE E 453 10.63 11.60 -28.10
CA ILE E 453 9.27 11.95 -27.78
C ILE E 453 8.94 13.25 -28.48
N LEU E 454 8.02 13.19 -29.41
CA LEU E 454 7.66 14.33 -30.23
C LEU E 454 6.20 14.72 -30.17
N THR E 455 5.92 15.98 -30.39
CA THR E 455 4.53 16.42 -30.52
C THR E 455 4.34 17.20 -31.78
N ARG E 456 3.10 17.29 -32.24
CA ARG E 456 2.81 18.10 -33.40
C ARG E 456 2.38 19.47 -32.99
N ASP E 457 2.78 20.44 -33.78
CA ASP E 457 2.35 21.80 -33.61
C ASP E 457 1.03 21.87 -34.34
N GLY E 458 -0.05 22.08 -33.60
CA GLY E 458 -1.36 22.02 -34.19
C GLY E 458 -1.83 23.32 -34.83
N GLY E 459 -1.00 24.35 -34.83
CA GLY E 459 -1.45 25.61 -35.42
C GLY E 459 -1.72 25.48 -36.92
N SER E 460 -0.93 24.67 -37.60
CA SER E 460 -1.02 24.51 -39.04
C SER E 460 -2.08 23.53 -39.49
N THR E 461 -3.34 23.88 -39.27
CA THR E 461 -4.44 22.97 -39.65
C THR E 461 -4.56 22.71 -41.17
N ASN E 462 -4.53 23.79 -41.96
CA ASN E 462 -4.51 23.67 -43.44
C ASN E 462 -3.25 24.35 -43.96
N SER E 463 -2.28 23.54 -44.36
CA SER E 463 -0.90 23.92 -44.67
C SER E 463 -0.21 23.05 -45.67
N THR E 464 0.96 23.51 -46.03
CA THR E 464 1.89 22.83 -46.92
C THR E 464 3.00 22.16 -46.13
N THR E 465 2.96 22.30 -44.81
CA THR E 465 3.99 21.77 -43.93
C THR E 465 3.48 21.46 -42.54
N GLU E 466 4.16 20.55 -41.88
CA GLU E 466 3.85 20.28 -40.49
C GLU E 466 5.11 20.32 -39.66
N THR E 467 4.98 20.86 -38.46
CA THR E 467 6.11 21.01 -37.55
C THR E 467 6.01 20.11 -36.35
N PHE E 468 7.12 19.44 -36.08
CA PHE E 468 7.30 18.58 -34.94
C PHE E 468 8.26 19.20 -33.96
N ARG E 469 7.99 19.02 -32.68
CA ARG E 469 8.83 19.58 -31.65
C ARG E 469 9.11 18.53 -30.57
N PRO E 470 10.22 18.58 -29.85
CA PRO E 470 10.48 17.73 -28.71
C PRO E 470 9.42 17.97 -27.68
N GLY E 471 8.97 16.90 -27.04
CA GLY E 471 7.95 17.00 -26.01
C GLY E 471 8.17 16.00 -24.89
N GLY E 472 7.09 15.59 -24.25
CA GLY E 472 7.17 14.66 -23.14
C GLY E 472 7.13 15.37 -21.80
N GLY E 473 7.67 14.73 -20.78
CA GLY E 473 7.62 15.20 -19.40
C GLY E 473 6.72 14.33 -18.55
N ASP E 474 5.86 13.56 -19.20
CA ASP E 474 5.01 12.63 -18.50
C ASP E 474 5.76 11.33 -18.47
N MET E 475 6.27 10.99 -17.31
CA MET E 475 7.15 9.85 -17.14
C MET E 475 6.53 8.56 -17.53
N ARG E 476 5.22 8.48 -17.54
CA ARG E 476 4.62 7.22 -17.87
C ARG E 476 4.93 6.82 -19.29
N ASP E 477 5.19 7.77 -20.17
CA ASP E 477 5.45 7.43 -21.55
C ASP E 477 6.79 6.78 -21.70
N ASN E 478 7.67 6.93 -20.71
CA ASN E 478 8.98 6.37 -20.83
C ASN E 478 8.94 4.90 -20.59
N TRP E 479 7.85 4.43 -20.02
CA TRP E 479 7.74 3.04 -19.71
C TRP E 479 6.76 2.46 -20.67
N ARG E 480 5.85 3.30 -21.15
CA ARG E 480 4.87 2.85 -22.10
C ARG E 480 5.61 2.35 -23.31
N SER E 481 6.71 3.01 -23.64
CA SER E 481 7.55 2.70 -24.76
C SER E 481 8.26 1.35 -24.66
N GLU E 482 8.32 0.77 -23.47
CA GLU E 482 8.96 -0.52 -23.27
C GLU E 482 7.96 -1.64 -23.03
N LEU E 483 6.86 -1.29 -22.39
CA LEU E 483 5.83 -2.22 -22.00
C LEU E 483 4.74 -2.39 -23.04
N TYR E 484 4.89 -1.75 -24.17
CA TYR E 484 3.88 -1.77 -25.22
C TYR E 484 3.59 -3.16 -25.74
N LYS E 485 4.53 -4.06 -25.62
CA LYS E 485 4.36 -5.39 -26.14
C LYS E 485 3.81 -6.36 -25.10
N TYR E 486 3.57 -5.92 -23.87
CA TYR E 486 3.11 -6.86 -22.87
C TYR E 486 1.69 -6.62 -22.38
N LYS E 487 0.97 -7.71 -22.11
CA LYS E 487 -0.37 -7.61 -21.57
C LYS E 487 -0.60 -8.57 -20.41
N VAL E 488 -1.39 -8.16 -19.41
CA VAL E 488 -1.70 -9.04 -18.30
C VAL E 488 -3.08 -9.63 -18.36
N VAL E 489 -3.14 -10.96 -18.27
CA VAL E 489 -4.43 -11.63 -18.29
C VAL E 489 -4.56 -12.57 -17.11
N LYS E 490 -5.80 -12.88 -16.78
CA LYS E 490 -6.16 -13.80 -15.71
C LYS E 490 -6.63 -15.09 -16.27
N ILE E 491 -6.26 -16.17 -15.63
CA ILE E 491 -6.67 -17.46 -16.11
C ILE E 491 -7.99 -17.83 -15.45
N GLU E 492 -8.96 -18.30 -16.25
CA GLU E 492 -10.27 -18.73 -15.76
C GLU E 492 -10.52 -20.19 -16.15
N PRO E 493 -10.07 -21.15 -15.33
CA PRO E 493 -10.06 -22.58 -15.56
C PRO E 493 -11.39 -23.29 -15.74
N LEU E 494 -12.51 -22.72 -15.33
CA LEU E 494 -13.74 -23.46 -15.53
C LEU E 494 -14.43 -23.13 -16.80
N GLY E 495 -15.07 -24.15 -17.35
CA GLY E 495 -15.90 -23.94 -18.50
C GLY E 495 -16.71 -25.18 -18.78
N VAL E 496 -17.67 -25.02 -19.67
CA VAL E 496 -18.56 -26.10 -20.01
C VAL E 496 -18.62 -26.25 -21.50
N ALA E 497 -19.10 -27.39 -21.93
CA ALA E 497 -19.27 -27.72 -23.34
C ALA E 497 -20.30 -28.82 -23.45
N PRO E 498 -20.91 -29.08 -24.60
CA PRO E 498 -21.74 -30.23 -24.83
C PRO E 498 -20.90 -31.48 -24.89
N THR E 499 -21.52 -32.61 -24.62
CA THR E 499 -20.92 -33.94 -24.73
C THR E 499 -21.88 -35.05 -25.02
N ARG E 500 -21.34 -36.13 -25.55
CA ARG E 500 -22.11 -37.37 -25.73
C ARG E 500 -22.34 -38.18 -24.39
N CYS E 501 -21.59 -37.86 -23.32
CA CYS E 501 -21.55 -38.45 -21.98
C CYS E 501 -22.60 -37.89 -21.01
N LYS E 502 -23.24 -38.78 -20.28
CA LYS E 502 -24.18 -38.40 -19.21
C LYS E 502 -23.91 -39.31 -18.02
N ARG E 503 -24.25 -38.89 -16.76
CA ARG E 503 -24.10 -39.75 -15.56
C ARG E 503 -24.94 -41.03 -15.70
N LEU F 1 3.96 -29.24 -22.80
CA LEU F 1 4.22 -28.24 -23.84
C LEU F 1 4.62 -26.86 -23.25
N GLY F 2 3.94 -26.45 -22.16
CA GLY F 2 4.13 -25.18 -21.46
C GLY F 2 2.84 -24.84 -20.73
N PHE F 3 2.86 -23.82 -19.89
CA PHE F 3 1.66 -23.52 -19.11
C PHE F 3 0.41 -23.34 -19.95
N LEU F 4 0.46 -22.54 -21.00
CA LEU F 4 -0.70 -22.41 -21.86
C LEU F 4 -0.42 -23.01 -23.21
N GLY F 5 0.36 -24.07 -23.24
CA GLY F 5 0.70 -24.65 -24.52
C GLY F 5 -0.56 -25.13 -25.21
N ALA F 6 -0.54 -25.06 -26.53
CA ALA F 6 -1.65 -25.44 -27.39
C ALA F 6 -2.91 -24.64 -27.11
N ALA F 7 -2.78 -23.36 -26.77
CA ALA F 7 -3.94 -22.53 -26.50
C ALA F 7 -4.83 -22.41 -27.72
N GLY F 8 -4.25 -22.47 -28.92
CA GLY F 8 -5.00 -22.34 -30.15
C GLY F 8 -5.47 -23.68 -30.71
N SER F 9 -5.28 -24.76 -29.96
CA SER F 9 -5.69 -26.07 -30.43
C SER F 9 -7.17 -26.22 -30.21
N THR F 10 -7.78 -27.24 -30.77
CA THR F 10 -9.20 -27.34 -30.61
C THR F 10 -9.60 -27.75 -29.23
N MET F 11 -10.88 -27.55 -28.93
CA MET F 11 -11.43 -27.86 -27.63
C MET F 11 -11.20 -29.28 -27.22
N GLY F 12 -11.39 -30.20 -28.17
CA GLY F 12 -11.18 -31.58 -27.89
C GLY F 12 -9.70 -31.83 -27.64
N ALA F 13 -8.84 -31.32 -28.52
CA ALA F 13 -7.42 -31.58 -28.40
C ALA F 13 -6.85 -31.09 -27.08
N ALA F 14 -7.36 -29.96 -26.64
CA ALA F 14 -6.93 -29.26 -25.46
C ALA F 14 -7.18 -30.04 -24.19
N SER F 15 -8.04 -31.05 -24.23
CA SER F 15 -8.31 -31.77 -23.01
C SER F 15 -7.07 -32.50 -22.52
N MET F 16 -6.12 -32.74 -23.42
CA MET F 16 -4.92 -33.46 -23.08
C MET F 16 -4.00 -32.71 -22.13
N THR F 17 -4.12 -31.40 -22.06
CA THR F 17 -3.25 -30.62 -21.20
C THR F 17 -4.00 -30.05 -20.03
N LEU F 18 -5.25 -30.50 -19.83
CA LEU F 18 -6.13 -29.95 -18.82
C LEU F 18 -5.48 -29.92 -17.43
N THR F 19 -4.72 -30.96 -17.12
CA THR F 19 -4.03 -31.09 -15.85
C THR F 19 -2.99 -30.01 -15.62
N VAL F 20 -2.32 -29.58 -16.68
CA VAL F 20 -1.23 -28.66 -16.51
C VAL F 20 -1.67 -27.34 -15.97
N GLN F 21 -2.75 -26.79 -16.50
CA GLN F 21 -3.10 -25.51 -15.97
C GLN F 21 -3.68 -25.70 -14.60
N ALA F 22 -4.44 -26.77 -14.41
CA ALA F 22 -5.05 -26.94 -13.11
C ALA F 22 -4.02 -26.94 -11.98
N ARG F 23 -2.88 -27.59 -12.18
CA ARG F 23 -1.91 -27.62 -11.11
C ARG F 23 -1.05 -26.35 -11.01
N ASN F 24 -0.67 -25.75 -12.14
CA ASN F 24 0.26 -24.62 -12.07
C ASN F 24 -0.34 -23.40 -11.41
N LEU F 25 -1.65 -23.30 -11.51
CA LEU F 25 -2.38 -22.20 -10.94
C LEU F 25 -2.25 -22.12 -9.44
N LEU F 26 -1.98 -23.23 -8.76
CA LEU F 26 -1.87 -23.19 -7.33
C LEU F 26 -0.41 -23.35 -6.91
N SER F 27 0.33 -24.28 -7.54
CA SER F 27 1.69 -24.59 -7.11
C SER F 27 2.70 -23.48 -7.34
N GLY F 28 2.42 -22.57 -8.27
CA GLY F 28 3.35 -21.49 -8.51
C GLY F 28 3.48 -20.59 -7.30
N ILE F 29 2.52 -20.65 -6.39
CA ILE F 29 2.51 -19.81 -5.24
C ILE F 29 3.66 -20.16 -4.30
N VAL F 30 3.88 -21.46 -4.10
CA VAL F 30 4.90 -21.87 -3.17
C VAL F 30 6.25 -21.68 -3.82
N GLN F 31 6.32 -21.82 -5.14
CA GLN F 31 7.61 -21.59 -5.75
C GLN F 31 8.01 -20.14 -5.59
N GLN F 32 7.06 -19.21 -5.66
CA GLN F 32 7.47 -17.84 -5.51
C GLN F 32 8.05 -17.61 -4.11
N GLN F 33 7.47 -18.22 -3.05
CA GLN F 33 8.14 -18.01 -1.75
C GLN F 33 9.53 -18.63 -1.75
N SER F 34 9.69 -19.77 -2.43
CA SER F 34 10.99 -20.41 -2.49
C SER F 34 12.01 -19.56 -3.23
N ASN F 35 11.56 -18.62 -4.06
CA ASN F 35 12.49 -17.76 -4.76
C ASN F 35 12.94 -16.66 -3.78
N LEU F 36 12.03 -16.19 -2.92
CA LEU F 36 12.40 -15.19 -1.91
C LEU F 36 13.42 -15.75 -0.92
N LEU F 37 13.31 -17.06 -0.65
CA LEU F 37 14.19 -17.73 0.30
C LEU F 37 15.63 -17.81 -0.17
N ARG F 38 15.91 -17.37 -1.40
CA ARG F 38 17.27 -17.30 -1.87
C ARG F 38 18.10 -16.42 -0.95
N ALA F 39 17.50 -15.32 -0.49
CA ALA F 39 18.23 -14.36 0.34
C ALA F 39 17.35 -13.78 1.42
N PRO F 40 17.09 -14.50 2.53
CA PRO F 40 16.26 -14.08 3.64
C PRO F 40 16.72 -12.73 4.16
N GLU F 41 18.03 -12.46 4.05
CA GLU F 41 18.60 -11.19 4.48
C GLU F 41 18.14 -9.96 3.67
N CYS F 42 17.58 -10.19 2.45
CA CYS F 42 17.05 -9.21 1.54
C CYS F 42 15.55 -9.16 1.84
N GLN F 43 14.92 -10.33 1.98
CA GLN F 43 13.48 -10.31 2.25
C GLN F 43 13.16 -9.54 3.54
N GLN F 44 14.03 -9.63 4.56
CA GLN F 44 13.76 -8.94 5.82
C GLN F 44 13.74 -7.42 5.62
N HIS F 45 14.36 -6.94 4.55
CA HIS F 45 14.38 -5.53 4.22
C HIS F 45 13.01 -5.21 3.67
N LEU F 46 12.53 -6.06 2.78
CA LEU F 46 11.24 -5.84 2.14
C LEU F 46 10.11 -5.88 3.14
N LEU F 47 10.29 -6.58 4.25
CA LEU F 47 9.25 -6.63 5.27
C LEU F 47 9.02 -5.27 5.94
N LYS F 48 9.92 -4.31 5.73
CA LYS F 48 9.79 -3.00 6.31
C LYS F 48 8.96 -2.09 5.39
N LEU F 49 8.71 -2.55 4.18
CA LEU F 49 7.95 -1.79 3.23
C LEU F 49 6.51 -2.04 3.49
N THR F 50 5.93 -1.23 4.33
CA THR F 50 4.58 -1.50 4.79
C THR F 50 3.56 -1.66 3.67
N VAL F 51 3.55 -0.76 2.70
CA VAL F 51 2.55 -0.89 1.65
C VAL F 51 2.83 -2.10 0.78
N TRP F 52 4.11 -2.32 0.46
CA TRP F 52 4.49 -3.47 -0.42
C TRP F 52 4.06 -4.78 0.26
N GLY F 53 4.28 -4.90 1.57
CA GLY F 53 3.97 -6.11 2.28
C GLY F 53 2.48 -6.37 2.27
N ILE F 54 1.68 -5.33 2.44
CA ILE F 54 0.25 -5.51 2.40
C ILE F 54 -0.18 -5.93 1.03
N LYS F 55 0.33 -5.29 -0.02
CA LYS F 55 -0.08 -5.70 -1.35
C LYS F 55 0.28 -7.14 -1.66
N GLN F 56 1.45 -7.60 -1.23
CA GLN F 56 1.82 -8.97 -1.53
C GLN F 56 0.95 -9.96 -0.81
N LEU F 57 0.58 -9.65 0.42
CA LEU F 57 -0.31 -10.55 1.11
C LEU F 57 -1.65 -10.55 0.44
N GLN F 58 -2.12 -9.40 -0.03
CA GLN F 58 -3.40 -9.39 -0.67
C GLN F 58 -3.36 -10.26 -1.91
N ALA F 59 -2.26 -10.19 -2.66
CA ALA F 59 -2.15 -10.99 -3.86
C ALA F 59 -2.15 -12.49 -3.58
N ARG F 60 -1.46 -12.92 -2.52
CA ARG F 60 -1.43 -14.34 -2.22
C ARG F 60 -2.78 -14.79 -1.74
N VAL F 61 -3.44 -13.95 -0.96
CA VAL F 61 -4.72 -14.29 -0.44
C VAL F 61 -5.70 -14.43 -1.56
N LEU F 62 -5.69 -13.53 -2.52
CA LEU F 62 -6.61 -13.66 -3.60
C LEU F 62 -6.36 -14.89 -4.41
N ALA F 63 -5.10 -15.26 -4.64
CA ALA F 63 -4.91 -16.47 -5.43
C ALA F 63 -5.58 -17.65 -4.74
N VAL F 64 -5.50 -17.69 -3.41
CA VAL F 64 -6.15 -18.73 -2.68
C VAL F 64 -7.65 -18.63 -2.75
N GLU F 65 -8.19 -17.44 -2.59
CA GLU F 65 -9.62 -17.30 -2.60
C GLU F 65 -10.22 -17.69 -3.93
N ARG F 66 -9.56 -17.29 -5.02
CA ARG F 66 -10.06 -17.65 -6.36
C ARG F 66 -10.09 -19.19 -6.45
N TYR F 67 -9.01 -19.83 -6.02
CA TYR F 67 -8.91 -21.26 -6.11
C TYR F 67 -10.01 -21.93 -5.34
N LEU F 68 -10.19 -21.50 -4.10
CA LEU F 68 -11.19 -22.16 -3.30
C LEU F 68 -12.58 -21.94 -3.82
N ARG F 69 -12.89 -20.75 -4.34
CA ARG F 69 -14.25 -20.60 -4.81
C ARG F 69 -14.54 -21.58 -5.92
N ASP F 70 -13.59 -21.78 -6.82
CA ASP F 70 -13.84 -22.71 -7.90
C ASP F 70 -13.94 -24.13 -7.36
N GLN F 71 -13.12 -24.48 -6.38
CA GLN F 71 -13.22 -25.83 -5.89
C GLN F 71 -14.53 -26.08 -5.20
N GLN F 72 -15.02 -25.06 -4.48
CA GLN F 72 -16.27 -25.25 -3.79
C GLN F 72 -17.38 -25.44 -4.79
N LEU F 73 -17.32 -24.70 -5.88
CA LEU F 73 -18.36 -24.80 -6.87
C LEU F 73 -18.36 -26.19 -7.49
N LEU F 74 -17.18 -26.74 -7.78
CA LEU F 74 -17.16 -28.07 -8.33
C LEU F 74 -17.77 -29.04 -7.35
N GLY F 75 -17.49 -28.86 -6.06
CA GLY F 75 -18.08 -29.74 -5.06
C GLY F 75 -19.60 -29.61 -5.06
N ILE F 76 -20.11 -28.40 -5.20
CA ILE F 76 -21.54 -28.14 -5.22
C ILE F 76 -22.20 -28.83 -6.38
N TRP F 77 -21.53 -28.90 -7.50
CA TRP F 77 -22.05 -29.57 -8.66
C TRP F 77 -21.84 -31.08 -8.64
N GLY F 78 -21.19 -31.60 -7.60
CA GLY F 78 -20.89 -33.02 -7.50
C GLY F 78 -19.68 -33.52 -8.31
N CYS F 79 -18.71 -32.64 -8.64
CA CYS F 79 -17.52 -32.93 -9.45
C CYS F 79 -16.23 -32.78 -8.64
N SER F 80 -16.32 -32.90 -7.34
CA SER F 80 -15.10 -32.75 -6.57
C SER F 80 -14.13 -33.86 -6.91
N GLY F 81 -12.87 -33.52 -7.03
CA GLY F 81 -11.83 -34.52 -7.29
C GLY F 81 -11.66 -34.88 -8.76
N LYS F 82 -12.42 -34.25 -9.64
CA LYS F 82 -12.33 -34.58 -11.05
C LYS F 82 -11.94 -33.37 -11.87
N LEU F 83 -11.29 -33.59 -12.99
CA LEU F 83 -11.00 -32.50 -13.90
C LEU F 83 -12.05 -32.52 -14.99
N ILE F 84 -12.56 -33.71 -15.26
CA ILE F 84 -13.58 -33.91 -16.27
C ILE F 84 -14.76 -34.62 -15.60
N CYS F 85 -16.00 -34.11 -15.75
CA CYS F 85 -17.19 -34.77 -15.20
C CYS F 85 -18.40 -34.56 -16.11
N CYS F 86 -19.37 -35.43 -15.89
CA CYS F 86 -20.62 -35.43 -16.61
C CYS F 86 -21.70 -35.17 -15.58
N THR F 87 -22.82 -34.65 -16.04
CA THR F 87 -23.95 -34.34 -15.19
C THR F 87 -25.28 -34.90 -15.73
N ASN F 88 -26.39 -34.44 -15.14
CA ASN F 88 -27.75 -34.84 -15.48
C ASN F 88 -28.51 -33.69 -16.14
N VAL F 89 -27.79 -32.72 -16.62
CA VAL F 89 -28.33 -31.56 -17.26
C VAL F 89 -28.04 -31.68 -18.74
N PRO F 90 -29.05 -31.72 -19.62
CA PRO F 90 -28.94 -31.85 -21.05
C PRO F 90 -28.44 -30.57 -21.61
N TRP F 91 -27.85 -30.62 -22.78
CA TRP F 91 -27.46 -29.42 -23.47
C TRP F 91 -28.76 -28.89 -24.10
N ASN F 92 -28.98 -27.58 -24.00
CA ASN F 92 -30.24 -26.92 -24.43
C ASN F 92 -30.30 -26.82 -25.97
N SER F 93 -29.17 -26.45 -26.58
CA SER F 93 -29.00 -26.11 -28.03
C SER F 93 -29.44 -24.68 -28.36
N THR F 94 -29.75 -23.93 -27.32
CA THR F 94 -30.13 -22.54 -27.43
C THR F 94 -28.95 -21.71 -27.03
N TRP F 95 -28.10 -22.32 -26.22
CA TRP F 95 -26.91 -21.70 -25.72
C TRP F 95 -25.98 -21.54 -26.89
N SER F 96 -25.97 -22.55 -27.74
CA SER F 96 -25.20 -22.63 -28.95
C SER F 96 -25.91 -23.55 -29.90
N ASN F 97 -26.33 -23.02 -31.05
CA ASN F 97 -27.05 -23.87 -31.99
C ASN F 97 -26.08 -24.53 -32.94
N ARG F 98 -25.29 -25.44 -32.40
CA ARG F 98 -24.24 -26.13 -33.10
C ARG F 98 -24.25 -27.63 -32.75
N ASN F 99 -23.69 -28.49 -33.63
CA ASN F 99 -23.56 -29.95 -33.41
C ASN F 99 -22.28 -30.24 -32.63
N LEU F 100 -22.12 -31.51 -32.11
CA LEU F 100 -20.96 -31.85 -31.28
C LEU F 100 -19.65 -31.81 -32.06
N SER F 101 -19.64 -32.31 -33.28
CA SER F 101 -18.40 -32.35 -34.02
C SER F 101 -17.84 -30.97 -34.30
N GLU F 102 -18.70 -30.02 -34.66
CA GLU F 102 -18.23 -28.67 -34.97
C GLU F 102 -17.82 -27.86 -33.75
N ILE F 103 -18.05 -28.39 -32.55
CA ILE F 103 -17.68 -27.71 -31.35
C ILE F 103 -16.38 -28.28 -30.83
N TRP F 104 -16.29 -29.61 -30.75
CA TRP F 104 -15.05 -30.15 -30.22
C TRP F 104 -13.89 -29.97 -31.19
N ASP F 105 -14.19 -29.95 -32.50
CA ASP F 105 -13.19 -29.76 -33.52
C ASP F 105 -13.44 -28.43 -34.21
N ASN F 106 -12.42 -27.91 -34.85
CA ASN F 106 -12.49 -26.66 -35.61
C ASN F 106 -12.97 -25.49 -34.75
N MET F 107 -12.57 -25.49 -33.49
CA MET F 107 -12.92 -24.46 -32.54
C MET F 107 -12.01 -24.56 -31.36
N THR F 108 -11.57 -23.42 -30.83
CA THR F 108 -10.73 -23.40 -29.65
C THR F 108 -11.55 -23.04 -28.42
N TRP F 109 -10.98 -23.23 -27.23
CA TRP F 109 -11.70 -22.88 -26.02
C TRP F 109 -11.88 -21.38 -25.87
N LEU F 110 -10.95 -20.61 -26.43
CA LEU F 110 -11.06 -19.17 -26.32
C LEU F 110 -12.29 -18.72 -27.10
N GLN F 111 -12.48 -19.29 -28.28
CA GLN F 111 -13.60 -18.92 -29.13
C GLN F 111 -14.91 -19.34 -28.54
N TRP F 112 -14.90 -20.53 -27.97
CA TRP F 112 -16.07 -21.09 -27.37
C TRP F 112 -16.52 -20.25 -26.20
N ASP F 113 -15.58 -19.83 -25.36
CA ASP F 113 -16.02 -19.05 -24.24
C ASP F 113 -16.70 -17.80 -24.70
N LYS F 114 -16.21 -17.18 -25.76
CA LYS F 114 -16.91 -16.00 -26.19
C LYS F 114 -18.31 -16.35 -26.69
N GLU F 115 -18.43 -17.44 -27.46
CA GLU F 115 -19.71 -17.79 -28.03
C GLU F 115 -20.82 -18.00 -27.02
N ILE F 116 -20.51 -18.64 -25.90
CA ILE F 116 -21.56 -18.90 -24.92
C ILE F 116 -21.44 -18.13 -23.64
N SER F 117 -20.71 -17.02 -23.63
CA SER F 117 -20.51 -16.34 -22.35
C SER F 117 -21.79 -15.88 -21.63
N ASN F 118 -22.88 -15.60 -22.36
CA ASN F 118 -24.18 -15.11 -21.87
C ASN F 118 -24.93 -16.11 -20.98
N TYR F 119 -24.59 -17.41 -21.05
CA TYR F 119 -25.29 -18.49 -20.36
C TYR F 119 -24.50 -19.02 -19.20
N THR F 120 -23.42 -18.34 -18.83
CA THR F 120 -22.60 -18.89 -17.75
C THR F 120 -23.35 -19.10 -16.46
N GLN F 121 -24.13 -18.11 -16.05
CA GLN F 121 -24.81 -18.20 -14.78
C GLN F 121 -25.99 -19.12 -14.86
N ILE F 122 -26.60 -19.19 -16.03
CA ILE F 122 -27.73 -20.06 -16.21
C ILE F 122 -27.30 -21.48 -16.06
N ILE F 123 -26.21 -21.83 -16.72
CA ILE F 123 -25.76 -23.17 -16.65
C ILE F 123 -25.34 -23.51 -15.24
N TYR F 124 -24.63 -22.62 -14.58
CA TYR F 124 -24.20 -22.93 -13.25
C TYR F 124 -25.38 -23.16 -12.32
N GLY F 125 -26.43 -22.35 -12.42
CA GLY F 125 -27.58 -22.55 -11.57
C GLY F 125 -28.25 -23.90 -11.82
N LEU F 126 -28.31 -24.32 -13.08
CA LEU F 126 -28.92 -25.59 -13.39
C LEU F 126 -28.11 -26.73 -12.80
N LEU F 127 -26.80 -26.59 -12.84
CA LEU F 127 -25.94 -27.63 -12.31
C LEU F 127 -26.13 -27.75 -10.81
N GLU F 128 -26.28 -26.62 -10.11
CA GLU F 128 -26.48 -26.68 -8.67
C GLU F 128 -27.77 -27.40 -8.34
N GLU F 129 -28.81 -27.12 -9.11
CA GLU F 129 -30.10 -27.71 -8.83
C GLU F 129 -30.08 -29.20 -9.04
N SER F 130 -29.36 -29.65 -10.06
CA SER F 130 -29.30 -31.06 -10.29
C SER F 130 -28.69 -31.76 -9.11
N GLN F 131 -27.59 -31.21 -8.58
CA GLN F 131 -26.95 -31.84 -7.45
C GLN F 131 -27.84 -31.78 -6.22
N ASN F 132 -28.60 -30.70 -6.07
CA ASN F 132 -29.43 -30.58 -4.90
C ASN F 132 -30.42 -31.72 -4.84
N GLN F 133 -31.01 -32.03 -5.98
CA GLN F 133 -31.97 -33.09 -6.04
C GLN F 133 -31.32 -34.44 -5.85
N GLN F 134 -30.15 -34.62 -6.43
CA GLN F 134 -29.51 -35.91 -6.31
C GLN F 134 -29.18 -36.24 -4.89
N GLU F 135 -28.67 -35.29 -4.11
CA GLU F 135 -28.30 -35.64 -2.76
C GLU F 135 -29.52 -35.98 -1.93
N LYS F 136 -30.64 -35.29 -2.14
CA LYS F 136 -31.81 -35.66 -1.37
C LYS F 136 -32.21 -37.06 -1.74
N ASN F 137 -32.14 -37.39 -3.04
CA ASN F 137 -32.56 -38.71 -3.44
C ASN F 137 -31.68 -39.76 -2.82
N GLU F 138 -30.37 -39.50 -2.72
CA GLU F 138 -29.50 -40.49 -2.13
C GLU F 138 -29.84 -40.73 -0.67
N GLN F 139 -30.14 -39.66 0.07
CA GLN F 139 -30.47 -39.84 1.48
C GLN F 139 -31.75 -40.64 1.64
N ASP F 140 -32.74 -40.37 0.79
CA ASP F 140 -34.01 -41.06 0.87
C ASP F 140 -33.91 -42.53 0.47
N LEU F 141 -33.01 -42.85 -0.46
CA LEU F 141 -32.84 -44.24 -0.86
C LEU F 141 -32.06 -45.04 0.16
N LEU F 142 -31.12 -44.40 0.84
CA LEU F 142 -30.35 -45.05 1.89
C LEU F 142 -31.22 -45.27 3.12
N ALA F 143 -32.15 -44.35 3.34
CA ALA F 143 -33.04 -44.43 4.46
C ALA F 143 -33.92 -45.66 4.40
N ASN G 35 4.87 -58.32 -6.34
CA ASN G 35 3.56 -57.68 -6.59
C ASN G 35 3.28 -56.45 -5.75
N LEU G 36 4.27 -55.56 -5.65
CA LEU G 36 4.05 -54.36 -4.86
C LEU G 36 3.72 -53.18 -5.74
N TRP G 37 2.77 -52.44 -5.24
CA TRP G 37 2.18 -51.27 -5.87
C TRP G 37 2.34 -50.05 -5.01
N VAL G 38 2.26 -48.89 -5.64
CA VAL G 38 2.42 -47.63 -4.93
C VAL G 38 1.21 -47.23 -4.10
N THR G 39 1.47 -46.90 -2.85
CA THR G 39 0.47 -46.35 -1.96
C THR G 39 0.94 -44.98 -1.56
N VAL G 40 0.02 -44.04 -1.61
CA VAL G 40 0.34 -42.69 -1.27
C VAL G 40 -0.20 -42.46 0.12
N TYR G 41 0.66 -42.04 1.01
CA TYR G 41 0.29 -41.87 2.39
C TYR G 41 0.27 -40.43 2.80
N TYR G 42 -0.75 -40.06 3.55
CA TYR G 42 -0.81 -38.71 4.05
C TYR G 42 -0.99 -38.74 5.56
N GLY G 43 -0.15 -38.01 6.28
CA GLY G 43 -0.17 -38.00 7.74
C GLY G 43 1.05 -38.74 8.29
N VAL G 44 2.07 -38.86 7.46
CA VAL G 44 3.31 -39.52 7.78
C VAL G 44 4.15 -38.72 8.79
N PRO G 45 4.61 -39.31 9.92
CA PRO G 45 5.38 -38.64 10.98
C PRO G 45 6.83 -38.39 10.63
N VAL G 46 7.04 -37.57 9.62
CA VAL G 46 8.35 -37.20 9.15
C VAL G 46 8.59 -35.71 9.12
N TRP G 47 9.73 -35.33 9.64
CA TRP G 47 10.13 -33.95 9.71
C TRP G 47 11.46 -33.67 9.05
N LYS G 48 11.62 -32.42 8.65
CA LYS G 48 12.86 -31.95 8.04
C LYS G 48 13.29 -30.62 8.64
N ASP G 49 14.58 -30.35 8.65
CA ASP G 49 15.06 -29.09 9.18
C ASP G 49 14.43 -27.93 8.46
N ALA G 50 14.03 -26.90 9.20
CA ALA G 50 13.40 -25.78 8.52
C ALA G 50 13.59 -24.44 9.21
N GLU G 51 13.49 -23.38 8.43
CA GLU G 51 13.58 -22.05 8.96
C GLU G 51 12.26 -21.32 8.85
N THR G 52 11.59 -21.16 9.98
CA THR G 52 10.31 -20.47 9.99
C THR G 52 10.35 -19.49 11.08
N THR G 53 9.33 -18.67 11.17
CA THR G 53 9.20 -17.68 12.21
C THR G 53 8.44 -18.24 13.40
N LEU G 54 9.02 -18.10 14.57
CA LEU G 54 8.39 -18.57 15.79
C LEU G 54 7.68 -17.43 16.45
N PHE G 55 6.74 -17.74 17.34
CA PHE G 55 5.88 -16.70 17.95
C PHE G 55 6.04 -16.68 19.48
N CYS G 56 6.14 -15.49 20.06
CA CYS G 56 6.40 -15.37 21.53
C CYS G 56 5.16 -15.75 22.34
N ALA G 57 5.37 -16.35 23.51
CA ALA G 57 4.24 -16.68 24.42
C ALA G 57 4.61 -16.24 25.84
N SER G 58 3.62 -15.80 26.62
CA SER G 58 3.89 -15.32 28.01
C SER G 58 2.87 -15.93 28.98
N ASP G 59 3.23 -16.00 30.26
CA ASP G 59 2.31 -16.55 31.30
C ASP G 59 0.95 -15.87 31.18
N HIS G 68 3.26 -2.23 32.82
CA HIS G 68 3.83 -1.60 31.63
C HIS G 68 5.21 -2.23 31.26
N ASN G 69 5.34 -3.55 31.47
CA ASN G 69 6.50 -4.38 31.13
C ASN G 69 6.52 -4.67 29.64
N VAL G 70 7.66 -4.39 29.02
CA VAL G 70 7.81 -4.38 27.54
C VAL G 70 7.54 -5.78 26.99
N TRP G 71 8.38 -6.75 27.36
CA TRP G 71 8.24 -8.13 26.85
C TRP G 71 6.84 -8.65 27.16
N ALA G 72 6.41 -8.44 28.40
CA ALA G 72 5.11 -9.01 28.84
C ALA G 72 3.99 -8.45 27.98
N THR G 73 4.00 -7.13 27.75
CA THR G 73 2.92 -6.50 26.95
C THR G 73 2.98 -7.03 25.52
N HIS G 74 4.18 -7.24 24.99
CA HIS G 74 4.30 -7.60 23.55
C HIS G 74 4.00 -9.08 23.31
N CYS G 75 4.24 -9.94 24.31
CA CYS G 75 3.93 -11.39 24.16
C CYS G 75 2.51 -11.67 24.66
N CYS G 76 1.50 -11.28 23.88
CA CYS G 76 0.08 -11.44 24.29
C CYS G 76 -0.35 -12.90 24.38
N VAL G 77 0.09 -13.76 23.46
CA VAL G 77 -0.41 -15.16 23.46
C VAL G 77 -0.05 -15.82 24.79
N PRO G 78 -0.98 -16.54 25.45
CA PRO G 78 -0.70 -17.22 26.71
C PRO G 78 -0.27 -18.67 26.44
N THR G 79 0.75 -19.15 27.16
CA THR G 79 1.25 -20.48 26.90
C THR G 79 0.24 -21.49 27.38
N ASP G 80 0.41 -22.72 26.92
CA ASP G 80 -0.36 -23.84 27.42
C ASP G 80 0.22 -24.16 28.79
N PRO G 81 -0.54 -24.08 29.90
CA PRO G 81 -0.07 -24.33 31.25
C PRO G 81 0.57 -25.71 31.44
N ASN G 82 0.24 -26.66 30.57
CA ASN G 82 0.77 -28.00 30.66
C ASN G 82 1.26 -28.51 29.30
N PRO G 83 2.41 -28.07 28.80
CA PRO G 83 2.89 -28.39 27.47
C PRO G 83 2.93 -29.88 27.28
N GLN G 84 2.40 -30.32 26.16
CA GLN G 84 2.32 -31.74 25.90
C GLN G 84 3.54 -32.31 25.25
N GLU G 85 4.58 -32.46 26.06
CA GLU G 85 5.85 -32.97 25.58
C GLU G 85 5.72 -34.41 25.16
N ILE G 86 6.28 -34.75 24.01
CA ILE G 86 6.19 -36.10 23.51
C ILE G 86 7.52 -36.80 23.53
N HIS G 87 7.62 -37.91 24.22
CA HIS G 87 8.88 -38.65 24.16
C HIS G 87 8.96 -39.36 22.83
N LEU G 88 10.10 -39.28 22.14
CA LEU G 88 10.16 -40.00 20.88
C LEU G 88 10.99 -41.26 20.98
N GLU G 89 10.32 -42.39 20.93
CA GLU G 89 11.04 -43.65 21.06
C GLU G 89 11.80 -43.93 19.77
N ASN G 90 13.03 -44.48 19.88
CA ASN G 90 13.92 -44.90 18.79
C ASN G 90 14.22 -43.76 17.78
N VAL G 91 14.42 -42.50 18.26
CA VAL G 91 14.75 -41.36 17.41
C VAL G 91 16.09 -40.76 17.77
N THR G 92 16.97 -40.73 16.79
CA THR G 92 18.27 -40.10 16.95
C THR G 92 18.24 -38.91 16.05
N GLU G 93 18.65 -37.76 16.56
CA GLU G 93 18.64 -36.57 15.74
C GLU G 93 19.87 -35.72 15.97
N GLU G 94 20.27 -34.96 14.96
CA GLU G 94 21.44 -34.08 15.04
C GLU G 94 21.13 -32.62 15.31
N PHE G 95 21.77 -32.10 16.34
CA PHE G 95 21.61 -30.72 16.78
C PHE G 95 22.89 -29.93 16.53
N ASN G 96 22.77 -28.62 16.31
CA ASN G 96 23.96 -27.79 16.21
C ASN G 96 23.67 -26.39 16.71
N MET G 97 24.07 -26.13 17.94
CA MET G 97 23.78 -24.86 18.59
C MET G 97 24.47 -23.68 17.94
N TRP G 98 25.49 -23.94 17.14
CA TRP G 98 26.26 -22.85 16.57
C TRP G 98 25.66 -22.39 15.26
N LYS G 99 24.65 -23.10 14.76
CA LYS G 99 24.01 -22.77 13.50
C LYS G 99 22.51 -22.69 13.67
N ASN G 100 22.08 -22.51 14.90
CA ASN G 100 20.68 -22.51 15.28
C ASN G 100 20.00 -21.16 15.07
N ASN G 101 19.08 -21.08 14.12
CA ASN G 101 18.46 -19.82 13.73
C ASN G 101 17.44 -19.30 14.73
N MET G 102 17.18 -20.06 15.77
CA MET G 102 16.27 -19.63 16.80
C MET G 102 16.94 -18.50 17.55
N VAL G 103 18.27 -18.50 17.54
CA VAL G 103 19.03 -17.50 18.24
C VAL G 103 18.86 -16.19 17.51
N GLU G 104 18.94 -16.26 16.19
CA GLU G 104 18.82 -15.06 15.40
C GLU G 104 17.45 -14.46 15.55
N GLN G 105 16.42 -15.29 15.66
CA GLN G 105 15.12 -14.67 15.85
C GLN G 105 15.03 -14.03 17.20
N MET G 106 15.56 -14.65 18.25
CA MET G 106 15.43 -14.02 19.53
C MET G 106 16.15 -12.68 19.51
N HIS G 107 17.30 -12.63 18.85
CA HIS G 107 18.07 -11.41 18.74
C HIS G 107 17.27 -10.33 18.04
N THR G 108 16.69 -10.69 16.93
CA THR G 108 15.93 -9.74 16.16
C THR G 108 14.71 -9.24 16.92
N ASP G 109 13.99 -10.13 17.60
CA ASP G 109 12.82 -9.71 18.32
C ASP G 109 13.17 -8.82 19.46
N ILE G 110 14.26 -9.08 20.14
CA ILE G 110 14.59 -8.22 21.25
C ILE G 110 14.93 -6.86 20.78
N ILE G 111 15.73 -6.74 19.74
CA ILE G 111 16.08 -5.41 19.32
C ILE G 111 14.87 -4.69 18.82
N SER G 112 14.04 -5.35 18.03
CA SER G 112 12.87 -4.70 17.51
C SER G 112 11.95 -4.23 18.62
N LEU G 113 11.69 -5.08 19.62
CA LEU G 113 10.80 -4.68 20.68
C LEU G 113 11.41 -3.56 21.49
N TRP G 114 12.72 -3.60 21.66
CA TRP G 114 13.39 -2.58 22.40
C TRP G 114 13.12 -1.24 21.72
N ASP G 115 13.34 -1.19 20.40
CA ASP G 115 13.12 0.05 19.68
C ASP G 115 11.68 0.46 19.69
N GLN G 116 10.77 -0.51 19.66
CA GLN G 116 9.38 -0.16 19.67
C GLN G 116 8.95 0.47 20.98
N SER G 117 9.44 -0.05 22.10
CA SER G 117 8.96 0.50 23.36
C SER G 117 9.44 1.91 23.57
N LEU G 118 10.55 2.26 22.95
CA LEU G 118 11.10 3.59 23.04
C LEU G 118 10.58 4.51 21.94
N LYS G 119 9.85 3.95 21.01
CA LYS G 119 9.41 4.68 19.84
C LYS G 119 8.61 5.92 20.16
N PRO G 120 7.60 5.88 21.05
CA PRO G 120 6.78 7.02 21.38
C PRO G 120 7.31 7.94 22.48
N CYS G 121 8.58 7.77 22.94
CA CYS G 121 9.12 8.49 24.08
C CYS G 121 9.77 9.80 23.66
N VAL G 122 9.79 10.72 24.60
CA VAL G 122 10.34 12.05 24.44
C VAL G 122 11.81 12.05 24.08
N LYS G 123 12.16 12.93 23.17
CA LYS G 123 13.52 13.05 22.69
C LYS G 123 14.25 13.96 23.65
N LEU G 124 15.55 13.80 23.80
CA LEU G 124 16.32 14.69 24.66
C LEU G 124 17.19 15.65 23.91
N THR G 125 16.88 15.85 22.66
CA THR G 125 17.63 16.77 21.82
C THR G 125 17.90 18.11 22.53
N PRO G 126 16.93 18.76 23.22
CA PRO G 126 17.09 20.04 23.89
C PRO G 126 18.18 20.08 24.93
N LEU G 127 18.67 18.93 25.42
CA LEU G 127 19.73 18.93 26.40
C LEU G 127 21.14 19.00 25.83
N CYS G 128 21.32 18.93 24.49
CA CYS G 128 22.64 18.90 23.88
C CYS G 128 23.15 20.34 23.73
N VAL G 129 23.54 20.87 24.88
CA VAL G 129 24.01 22.23 25.10
C VAL G 129 25.30 22.19 25.87
N THR G 130 26.00 23.30 25.94
CA THR G 130 27.20 23.31 26.75
C THR G 130 26.82 23.29 28.22
N LEU G 131 27.42 22.40 28.98
CA LEU G 131 27.15 22.31 30.39
C LEU G 131 28.22 23.03 31.15
N GLN G 132 27.86 23.65 32.27
CA GLN G 132 28.83 24.27 33.16
C GLN G 132 28.95 23.40 34.41
N CYS G 133 30.03 22.58 34.48
CA CYS G 133 30.19 21.54 35.50
C CYS G 133 31.30 21.84 36.50
N THR G 134 31.00 21.54 37.74
CA THR G 134 31.94 21.62 38.85
C THR G 134 31.89 20.30 39.63
N ASN G 135 32.85 20.08 40.54
CA ASN G 135 32.94 18.89 41.39
C ASN G 135 31.84 18.90 42.47
N VAL G 136 31.30 17.71 42.81
CA VAL G 136 30.35 17.51 43.91
C VAL G 136 31.18 17.29 45.15
N THR G 137 30.91 18.01 46.22
CA THR G 137 31.68 17.82 47.44
C THR G 137 30.78 17.61 48.63
N ASN G 138 30.21 16.42 48.74
CA ASN G 138 29.25 16.14 49.80
C ASN G 138 29.51 14.84 50.50
N ASN G 139 30.48 14.83 51.40
CA ASN G 139 30.79 13.61 52.15
C ASN G 139 31.03 12.42 51.23
N ILE G 140 31.82 12.65 50.20
CA ILE G 140 32.17 11.60 49.27
C ILE G 140 33.35 10.85 49.81
N THR G 141 33.24 9.54 49.78
CA THR G 141 34.30 8.65 50.26
C THR G 141 35.50 8.65 49.34
N ASP G 142 36.50 7.85 49.65
CA ASP G 142 37.74 7.86 48.89
C ASP G 142 37.56 7.52 47.42
N ASP G 143 36.56 6.72 47.09
CA ASP G 143 36.34 6.35 45.72
C ASP G 143 35.54 7.43 45.05
N MET G 144 35.28 7.25 43.77
CA MET G 144 34.46 8.19 43.00
C MET G 144 34.90 9.62 43.12
N ARG G 145 36.18 9.92 43.27
CA ARG G 145 36.49 11.32 43.53
C ARG G 145 36.12 12.20 42.37
N GLY G 146 36.30 11.68 41.17
CA GLY G 146 36.00 12.39 39.95
C GLY G 146 34.78 11.82 39.23
N GLU G 147 34.01 10.96 39.89
CA GLU G 147 32.92 10.31 39.17
C GLU G 147 31.60 11.01 39.15
N LEU G 148 31.35 11.89 40.10
CA LEU G 148 30.05 12.52 40.11
C LEU G 148 30.19 14.03 39.94
N LYS G 149 29.50 14.59 38.96
CA LYS G 149 29.58 16.04 38.70
C LYS G 149 28.24 16.77 38.83
N ASN G 150 28.32 18.07 39.20
CA ASN G 150 27.19 18.99 39.32
C ASN G 150 27.19 19.96 38.13
N CYS G 151 26.24 19.78 37.18
CA CYS G 151 26.22 20.54 35.93
C CYS G 151 24.96 21.40 35.76
N SER G 152 25.18 22.66 35.41
CA SER G 152 24.08 23.57 35.14
C SER G 152 24.01 23.90 33.67
N PHE G 153 22.81 24.20 33.21
CA PHE G 153 22.67 24.55 31.81
C PHE G 153 21.44 25.40 31.48
N ASN G 154 21.49 26.08 30.31
CA ASN G 154 20.42 26.90 29.74
C ASN G 154 19.59 26.07 28.77
N MET G 155 18.33 25.79 29.13
CA MET G 155 17.36 24.99 28.38
C MET G 155 16.07 25.77 28.25
N THR G 156 15.31 25.52 27.20
CA THR G 156 14.07 26.24 27.02
C THR G 156 12.98 25.78 27.94
N THR G 157 11.95 26.60 28.04
CA THR G 157 10.74 26.30 28.79
C THR G 157 9.61 26.06 27.82
N GLU G 158 8.38 25.87 28.30
CA GLU G 158 7.27 25.58 27.40
C GLU G 158 7.14 26.65 26.33
N LEU G 159 7.31 27.90 26.72
CA LEU G 159 7.27 28.99 25.77
C LEU G 159 8.57 29.04 25.02
N ARG G 160 8.45 29.21 23.74
CA ARG G 160 9.61 29.23 22.88
C ARG G 160 10.48 30.46 23.00
N ASP G 161 9.95 31.51 23.60
CA ASP G 161 10.68 32.73 23.75
C ASP G 161 11.32 32.90 25.14
N LYS G 162 11.31 31.85 25.96
CA LYS G 162 11.92 31.97 27.28
C LYS G 162 12.81 30.79 27.62
N LYS G 163 13.83 31.06 28.43
CA LYS G 163 14.73 30.03 28.90
C LYS G 163 14.73 29.94 30.41
N GLN G 164 15.18 28.80 30.89
CA GLN G 164 15.32 28.53 32.31
C GLN G 164 16.70 27.96 32.60
N LYS G 165 17.21 28.24 33.79
CA LYS G 165 18.46 27.65 34.20
C LYS G 165 18.19 26.52 35.14
N VAL G 166 18.66 25.36 34.80
CA VAL G 166 18.42 24.19 35.61
C VAL G 166 19.72 23.48 35.87
N TYR G 167 19.72 22.56 36.83
CA TYR G 167 20.91 21.77 37.04
C TYR G 167 20.57 20.36 37.41
N SER G 168 21.53 19.47 37.17
CA SER G 168 21.39 18.06 37.48
C SER G 168 22.73 17.39 37.70
N LEU G 169 22.69 16.19 38.26
CA LEU G 169 23.93 15.46 38.42
C LEU G 169 24.15 14.47 37.31
N PHE G 170 25.43 14.30 36.99
CA PHE G 170 25.87 13.36 35.97
C PHE G 170 27.04 12.51 36.40
N TYR G 171 27.14 11.34 35.81
CA TYR G 171 28.30 10.51 36.06
C TYR G 171 29.36 10.88 35.04
N ARG G 172 30.63 10.80 35.42
CA ARG G 172 31.70 11.22 34.50
C ARG G 172 31.73 10.42 33.23
N LEU G 173 31.20 9.23 33.24
CA LEU G 173 31.25 8.39 32.07
C LEU G 173 30.48 8.98 30.90
N ASP G 174 29.50 9.85 31.19
CA ASP G 174 28.69 10.43 30.16
C ASP G 174 29.00 11.89 29.86
N VAL G 175 30.09 12.42 30.42
CA VAL G 175 30.37 13.83 30.24
C VAL G 175 31.77 14.06 29.65
N VAL G 176 31.85 14.83 28.57
CA VAL G 176 33.11 15.07 27.87
C VAL G 176 33.62 16.49 27.90
N GLN G 177 34.86 16.68 28.33
CA GLN G 177 35.39 18.03 28.39
C GLN G 177 35.62 18.66 27.05
N ILE G 178 35.24 19.92 26.92
CA ILE G 178 35.45 20.67 25.71
C ILE G 178 36.74 21.48 25.90
N ASN G 179 37.77 21.24 25.05
CA ASN G 179 39.09 21.88 25.07
C ASN G 179 39.71 21.90 26.48
N LYS G 191 35.30 23.93 32.96
CA LYS G 191 33.89 23.94 33.32
C LYS G 191 32.99 23.56 32.15
N GLU G 192 33.47 23.70 30.92
CA GLU G 192 32.58 23.44 29.79
C GLU G 192 32.63 22.00 29.29
N TYR G 193 31.48 21.35 29.35
CA TYR G 193 31.34 19.94 28.96
C TYR G 193 30.17 19.65 28.02
N ARG G 194 30.34 18.62 27.22
CA ARG G 194 29.35 18.12 26.28
C ARG G 194 28.81 16.78 26.71
N LEU G 195 27.58 16.45 26.33
CA LEU G 195 27.12 15.10 26.62
C LEU G 195 27.89 14.20 25.69
N ILE G 196 28.26 13.04 26.17
CA ILE G 196 29.09 12.13 25.39
C ILE G 196 28.55 11.70 24.04
N ASN G 197 27.24 11.60 23.87
CA ASN G 197 26.75 11.19 22.56
C ASN G 197 26.33 12.30 21.58
N CYS G 198 26.58 13.60 21.88
CA CYS G 198 26.21 14.72 21.01
C CYS G 198 26.93 14.71 19.68
N ASN G 199 28.13 14.18 19.63
CA ASN G 199 28.82 14.21 18.35
C ASN G 199 28.49 12.99 17.45
N THR G 200 27.67 12.01 17.92
CA THR G 200 27.36 10.79 17.19
C THR G 200 25.88 10.58 16.94
N SER G 201 25.04 10.79 17.94
CA SER G 201 23.66 10.39 17.76
C SER G 201 22.64 11.09 18.60
N ALA G 202 21.38 10.95 18.19
CA ALA G 202 20.29 11.44 18.97
C ALA G 202 20.17 10.62 20.23
N ILE G 203 19.78 11.28 21.30
CA ILE G 203 19.57 10.61 22.57
C ILE G 203 18.11 10.72 22.90
N THR G 204 17.49 9.62 23.22
CA THR G 204 16.09 9.68 23.59
C THR G 204 15.97 9.25 25.03
N GLN G 205 14.85 9.54 25.66
CA GLN G 205 14.65 9.13 27.05
C GLN G 205 13.72 7.97 27.14
N ALA G 206 14.05 6.97 27.92
CA ALA G 206 13.07 5.91 28.05
C ALA G 206 11.90 6.47 28.84
N CYS G 207 10.66 6.05 28.52
CA CYS G 207 9.44 6.43 29.24
C CYS G 207 9.53 5.79 30.64
N PRO G 208 9.42 6.55 31.73
CA PRO G 208 9.64 6.14 33.10
C PRO G 208 8.72 5.06 33.63
N LYS G 209 7.58 4.89 32.98
CA LYS G 209 6.64 3.88 33.43
C LYS G 209 7.03 2.50 32.92
N VAL G 210 7.89 2.47 31.92
CA VAL G 210 8.19 1.24 31.21
C VAL G 210 9.21 0.37 31.90
N SER G 211 8.86 -0.89 32.04
CA SER G 211 9.75 -1.85 32.66
C SER G 211 10.38 -2.84 31.69
N PHE G 212 11.67 -3.00 31.83
CA PHE G 212 12.41 -3.94 31.02
C PHE G 212 12.78 -5.20 31.78
N GLU G 213 12.25 -5.34 32.99
CA GLU G 213 12.58 -6.49 33.80
C GLU G 213 12.23 -7.75 33.04
N PRO G 214 13.14 -8.70 32.88
CA PRO G 214 12.88 -9.90 32.13
C PRO G 214 11.84 -10.80 32.76
N ILE G 215 10.99 -11.34 31.92
CA ILE G 215 9.96 -12.30 32.20
C ILE G 215 10.32 -13.46 31.33
N PRO G 216 10.28 -14.73 31.84
CA PRO G 216 10.50 -16.00 31.07
C PRO G 216 9.60 -16.00 29.84
N ILE G 217 10.19 -15.81 28.66
CA ILE G 217 9.40 -15.73 27.41
C ILE G 217 9.58 -17.06 26.67
N HIS G 218 8.46 -17.61 26.19
CA HIS G 218 8.35 -18.97 25.61
C HIS G 218 8.33 -18.86 24.08
N TYR G 219 9.18 -19.59 23.35
CA TYR G 219 9.01 -19.54 21.90
C TYR G 219 8.27 -20.77 21.44
N CYS G 220 7.22 -20.55 20.63
CA CYS G 220 6.27 -21.56 20.19
C CYS G 220 6.24 -21.68 18.68
N ALA G 221 6.11 -22.91 18.21
CA ALA G 221 6.03 -23.15 16.79
C ALA G 221 4.65 -22.84 16.28
N PRO G 222 4.52 -22.31 15.07
CA PRO G 222 3.28 -22.13 14.37
C PRO G 222 2.84 -23.49 13.92
N ALA G 223 1.56 -23.66 13.73
CA ALA G 223 1.09 -24.93 13.25
C ALA G 223 1.79 -25.29 11.94
N GLY G 224 2.15 -26.56 11.82
CA GLY G 224 2.86 -27.09 10.66
C GLY G 224 4.33 -27.33 10.96
N PHE G 225 4.76 -26.81 12.10
CA PHE G 225 6.12 -26.92 12.61
C PHE G 225 6.18 -27.52 13.98
N ALA G 226 7.34 -28.04 14.33
CA ALA G 226 7.54 -28.63 15.64
C ALA G 226 8.91 -28.31 16.19
N ILE G 227 9.03 -28.25 17.51
CA ILE G 227 10.32 -28.01 18.09
C ILE G 227 10.83 -29.28 18.69
N LEU G 228 11.97 -29.72 18.26
CA LEU G 228 12.51 -30.93 18.82
C LEU G 228 13.49 -30.49 19.87
N LYS G 229 13.61 -31.26 20.92
CA LYS G 229 14.59 -30.88 21.93
C LYS G 229 15.44 -32.07 22.33
N CYS G 230 16.70 -31.78 22.69
CA CYS G 230 17.68 -32.73 23.16
C CYS G 230 17.67 -32.79 24.68
N LYS G 231 17.41 -33.99 25.20
CA LYS G 231 17.36 -34.26 26.62
C LYS G 231 18.63 -34.95 27.12
N ASP G 232 19.56 -35.26 26.23
CA ASP G 232 20.73 -36.00 26.69
C ASP G 232 21.42 -35.23 27.77
N LYS G 233 21.78 -35.94 28.82
CA LYS G 233 22.49 -35.28 29.86
C LYS G 233 23.87 -35.06 29.32
N LYS G 234 24.46 -33.96 29.73
CA LYS G 234 25.82 -33.63 29.35
C LYS G 234 25.96 -33.53 27.83
N PHE G 235 24.97 -32.96 27.17
CA PHE G 235 25.04 -32.81 25.72
C PHE G 235 26.09 -31.78 25.32
N ASN G 236 26.91 -32.14 24.33
CA ASN G 236 28.05 -31.43 23.73
C ASN G 236 27.67 -30.10 23.03
N GLY G 237 26.42 -29.97 22.57
CA GLY G 237 25.88 -28.82 21.84
C GLY G 237 25.81 -29.10 20.35
N THR G 238 26.56 -30.11 19.90
CA THR G 238 26.54 -30.49 18.52
C THR G 238 26.48 -31.99 18.37
N GLY G 239 26.04 -32.40 17.20
CA GLY G 239 26.05 -33.79 16.81
C GLY G 239 24.80 -34.50 17.26
N PRO G 240 24.75 -35.81 17.06
CA PRO G 240 23.64 -36.66 17.38
C PRO G 240 23.32 -36.62 18.87
N CYS G 241 22.04 -36.71 19.19
CA CYS G 241 21.43 -36.75 20.49
C CYS G 241 20.47 -37.93 20.45
N THR G 242 20.54 -38.81 21.45
CA THR G 242 19.67 -39.99 21.43
C THR G 242 18.43 -39.96 22.34
N ASN G 243 18.40 -39.10 23.37
CA ASN G 243 17.25 -38.89 24.25
C ASN G 243 16.55 -37.62 23.78
N VAL G 244 15.49 -37.74 22.95
CA VAL G 244 14.81 -36.58 22.33
C VAL G 244 13.31 -36.62 22.53
N SER G 245 12.73 -35.44 22.41
CA SER G 245 11.30 -35.25 22.55
C SER G 245 10.82 -34.08 21.71
N THR G 246 9.51 -34.00 21.56
CA THR G 246 8.91 -32.89 20.82
C THR G 246 8.05 -32.00 21.69
N VAL G 247 8.23 -30.69 21.51
CA VAL G 247 7.42 -29.74 22.23
C VAL G 247 6.80 -28.74 21.30
N GLN G 248 5.75 -28.13 21.80
CA GLN G 248 5.09 -27.05 21.09
C GLN G 248 5.78 -25.69 21.34
N CYS G 249 6.29 -25.49 22.59
CA CYS G 249 6.94 -24.30 23.09
C CYS G 249 8.18 -24.71 23.87
N THR G 250 9.17 -23.84 23.86
CA THR G 250 10.40 -24.01 24.63
C THR G 250 10.09 -23.60 26.05
N HIS G 251 11.03 -23.83 26.95
CA HIS G 251 10.86 -23.39 28.32
C HIS G 251 10.97 -21.90 28.25
N GLY G 252 10.55 -21.22 29.28
CA GLY G 252 10.66 -19.79 29.14
C GLY G 252 12.09 -19.37 29.39
N ILE G 253 12.57 -18.45 28.59
CA ILE G 253 13.90 -17.91 28.77
C ILE G 253 13.85 -16.46 29.07
N LYS G 254 14.46 -16.06 30.16
CA LYS G 254 14.51 -14.65 30.45
C LYS G 254 15.54 -13.99 29.54
N PRO G 255 15.24 -12.90 28.86
CA PRO G 255 16.13 -12.18 27.97
C PRO G 255 17.09 -11.32 28.79
N VAL G 256 17.95 -11.98 29.54
CA VAL G 256 18.87 -11.32 30.42
C VAL G 256 20.06 -10.78 29.67
N VAL G 257 20.38 -9.54 29.94
CA VAL G 257 21.47 -8.86 29.31
C VAL G 257 22.69 -8.83 30.20
N SER G 258 23.79 -9.34 29.70
CA SER G 258 25.04 -9.32 30.43
C SER G 258 26.21 -9.44 29.47
N THR G 259 27.40 -9.03 29.91
CA THR G 259 28.54 -9.23 28.99
C THR G 259 29.63 -10.24 29.35
N GLN G 260 29.89 -10.58 30.61
CA GLN G 260 31.00 -11.52 30.81
C GLN G 260 30.54 -12.79 31.46
N LEU G 261 29.66 -12.63 32.45
CA LEU G 261 29.11 -13.78 33.12
C LEU G 261 27.71 -13.94 32.59
N LEU G 262 27.25 -15.16 32.54
CA LEU G 262 25.90 -15.47 32.13
C LEU G 262 25.06 -15.54 33.39
N LEU G 263 24.03 -14.71 33.45
CA LEU G 263 23.23 -14.65 34.65
C LEU G 263 21.81 -15.20 34.45
N ASN G 264 21.24 -15.80 35.53
CA ASN G 264 19.87 -16.29 35.67
C ASN G 264 19.43 -17.25 34.54
N GLY G 265 20.34 -18.14 34.07
CA GLY G 265 20.05 -19.13 33.03
C GLY G 265 19.76 -20.48 33.63
N SER G 266 19.72 -21.48 32.80
CA SER G 266 19.48 -22.81 33.28
C SER G 266 20.75 -23.26 33.94
N LEU G 267 20.61 -24.03 35.02
CA LEU G 267 21.81 -24.61 35.69
C LEU G 267 22.08 -25.99 35.12
N ALA G 268 23.34 -26.29 34.80
CA ALA G 268 23.66 -27.57 34.21
C ALA G 268 23.30 -28.72 35.11
N GLU G 269 22.88 -29.81 34.51
CA GLU G 269 22.67 -31.03 35.24
C GLU G 269 24.00 -31.75 35.39
N GLU G 270 24.14 -32.53 36.44
CA GLU G 270 25.25 -33.47 36.66
C GLU G 270 26.68 -32.93 36.85
N GLU G 271 27.19 -32.13 35.90
CA GLU G 271 28.56 -31.62 35.94
C GLU G 271 28.73 -30.30 35.22
N VAL G 272 29.89 -29.69 35.37
CA VAL G 272 30.16 -28.46 34.63
C VAL G 272 30.36 -28.85 33.18
N ILE G 273 29.69 -28.14 32.27
CA ILE G 273 29.79 -28.49 30.87
C ILE G 273 30.41 -27.37 30.07
N ILE G 274 31.41 -27.70 29.29
CA ILE G 274 32.05 -26.68 28.47
C ILE G 274 31.74 -26.92 27.02
N ARG G 275 31.14 -25.93 26.37
CA ARG G 275 30.75 -26.06 24.98
C ARG G 275 31.42 -25.02 24.09
N SER G 276 31.85 -25.45 22.92
CA SER G 276 32.46 -24.49 22.01
C SER G 276 32.24 -24.92 20.58
N GLU G 277 32.33 -23.97 19.65
CA GLU G 277 32.23 -24.30 18.23
C GLU G 277 33.45 -25.06 17.70
N ASN G 278 34.66 -24.63 18.11
CA ASN G 278 35.96 -25.15 17.73
C ASN G 278 36.92 -24.93 18.92
N ILE G 279 37.17 -25.98 19.74
CA ILE G 279 37.96 -25.88 20.99
C ILE G 279 39.44 -25.52 20.74
N THR G 280 39.96 -25.89 19.57
CA THR G 280 41.34 -25.64 19.27
C THR G 280 41.53 -24.28 18.63
N ASN G 281 40.45 -23.56 18.37
CA ASN G 281 40.53 -22.27 17.72
C ASN G 281 40.36 -21.15 18.74
N ASN G 282 41.41 -20.40 19.00
CA ASN G 282 41.36 -19.39 20.06
C ASN G 282 40.57 -18.14 19.66
N ALA G 283 40.04 -18.15 18.45
CA ALA G 283 39.19 -17.08 17.95
C ALA G 283 37.74 -17.29 18.38
N LYS G 284 37.45 -18.43 19.02
CA LYS G 284 36.09 -18.72 19.43
C LYS G 284 35.82 -18.50 20.90
N ASN G 285 34.57 -18.18 21.22
CA ASN G 285 34.13 -18.07 22.60
C ASN G 285 33.76 -19.43 23.11
N ILE G 286 33.99 -19.64 24.37
CA ILE G 286 33.66 -20.86 25.06
C ILE G 286 32.55 -20.58 26.04
N LEU G 287 31.50 -21.35 25.96
CA LEU G 287 30.39 -21.15 26.86
C LEU G 287 30.43 -22.18 27.95
N VAL G 288 30.58 -21.71 29.17
CA VAL G 288 30.71 -22.63 30.27
C VAL G 288 29.46 -22.58 31.11
N GLN G 289 28.82 -23.72 31.27
CA GLN G 289 27.61 -23.78 32.08
C GLN G 289 27.96 -24.50 33.37
N LEU G 290 27.63 -23.87 34.48
CA LEU G 290 27.95 -24.42 35.78
C LEU G 290 26.84 -25.33 36.25
N ASN G 291 27.13 -26.23 37.20
CA ASN G 291 26.11 -27.19 37.73
C ASN G 291 25.73 -26.86 39.18
N GLU G 292 26.27 -25.74 39.67
CA GLU G 292 25.88 -25.13 40.97
C GLU G 292 25.87 -23.61 40.82
N SER G 293 24.85 -22.93 41.35
CA SER G 293 24.74 -21.45 41.24
C SER G 293 25.77 -20.74 42.13
N VAL G 294 26.21 -19.55 41.72
CA VAL G 294 27.17 -18.74 42.55
C VAL G 294 26.53 -17.39 42.86
N GLN G 295 25.93 -17.25 44.05
CA GLN G 295 25.14 -16.09 44.37
C GLN G 295 25.94 -14.84 44.36
N ILE G 296 25.39 -13.81 43.73
CA ILE G 296 26.01 -12.50 43.71
C ILE G 296 25.02 -11.42 44.21
N ASN G 297 25.51 -10.56 45.15
CA ASN G 297 24.77 -9.46 45.79
C ASN G 297 25.32 -8.10 45.34
N CYS G 298 24.54 -7.31 44.56
CA CYS G 298 24.99 -6.03 44.02
C CYS G 298 24.18 -4.87 44.60
N THR G 299 24.84 -3.74 44.74
CA THR G 299 24.18 -2.54 45.23
C THR G 299 24.67 -1.24 44.69
N ARG G 300 23.78 -0.29 44.75
CA ARG G 300 24.04 1.09 44.42
C ARG G 300 23.49 1.85 45.63
N PRO G 301 24.33 2.08 46.65
CA PRO G 301 23.98 2.54 47.98
C PRO G 301 23.53 3.98 48.13
N ASN G 302 23.77 4.80 47.13
CA ASN G 302 23.44 6.21 47.27
C ASN G 302 21.95 6.45 47.14
N ASN G 303 21.36 7.24 48.07
CA ASN G 303 19.94 7.58 48.12
C ASN G 303 19.63 8.75 47.17
N ASN G 304 19.06 8.43 45.99
CA ASN G 304 18.77 9.40 44.92
C ASN G 304 17.39 10.02 45.02
N THR G 305 17.27 11.18 44.42
CA THR G 305 15.98 11.79 44.27
C THR G 305 15.87 12.24 42.83
N ARG G 306 14.71 12.74 42.44
CA ARG G 306 14.50 13.21 41.08
C ARG G 306 13.78 14.52 40.96
N LYS G 307 14.01 15.19 39.85
CA LYS G 307 13.22 16.35 39.54
C LYS G 307 12.72 16.25 38.12
N SER G 308 11.50 16.67 37.92
CA SER G 308 10.91 16.62 36.60
C SER G 308 10.96 18.00 35.99
N ILE G 309 11.55 18.11 34.83
CA ILE G 309 11.68 19.40 34.18
C ILE G 309 10.88 19.48 32.90
N ARG G 310 10.05 20.51 32.76
CA ARG G 310 9.35 20.64 31.50
C ARG G 310 10.34 21.18 30.50
N ILE G 311 10.42 20.54 29.36
CA ILE G 311 11.32 20.97 28.31
C ILE G 311 10.53 21.45 27.11
N GLY G 312 9.22 21.19 27.14
CA GLY G 312 8.33 21.58 26.07
C GLY G 312 6.88 21.29 26.44
N PRO G 313 5.96 21.35 25.49
CA PRO G 313 4.53 21.24 25.68
C PRO G 313 4.10 19.84 26.06
N GLY G 314 4.24 19.54 27.34
CA GLY G 314 3.94 18.22 27.89
C GLY G 314 5.12 17.30 27.74
N GLN G 315 6.26 17.90 27.44
CA GLN G 315 7.48 17.16 27.22
C GLN G 315 8.32 17.24 28.46
N TRP G 316 8.64 16.10 29.04
CA TRP G 316 9.39 16.11 30.28
C TRP G 316 10.69 15.36 30.29
N PHE G 317 11.65 15.93 30.97
CA PHE G 317 12.95 15.35 31.23
C PHE G 317 13.11 14.97 32.68
N TYR G 318 13.63 13.78 32.92
CA TYR G 318 13.86 13.36 34.29
C TYR G 318 15.31 13.48 34.65
N ALA G 319 15.57 14.40 35.55
CA ALA G 319 16.91 14.71 35.94
C ALA G 319 17.28 14.07 37.25
N THR G 320 18.56 13.76 37.38
CA THR G 320 19.06 13.21 38.63
C THR G 320 19.21 14.34 39.62
N GLY G 321 18.62 14.18 40.82
CA GLY G 321 18.68 15.20 41.84
C GLY G 321 19.82 14.95 42.81
N ASP G 322 19.81 15.66 43.93
CA ASP G 322 20.87 15.55 44.91
C ASP G 322 20.88 14.19 45.60
N ILE G 323 22.05 13.76 46.03
CA ILE G 323 22.13 12.55 46.82
C ILE G 323 21.90 12.94 48.26
N ILE G 324 21.06 12.17 48.92
CA ILE G 324 20.70 12.37 50.28
C ILE G 324 21.64 11.57 51.16
N GLY G 325 22.34 12.22 52.04
CA GLY G 325 23.28 11.54 52.89
C GLY G 325 24.62 11.38 52.18
N ASP G 326 25.46 10.50 52.73
CA ASP G 326 26.82 10.26 52.30
C ASP G 326 26.87 9.57 50.96
N ILE G 327 27.97 9.75 50.25
CA ILE G 327 28.14 9.13 48.95
C ILE G 327 29.16 7.98 48.97
N ARG G 328 28.69 6.78 48.61
CA ARG G 328 29.45 5.54 48.62
C ARG G 328 29.51 4.87 47.27
N GLN G 329 30.51 4.01 47.05
CA GLN G 329 30.67 3.39 45.76
C GLN G 329 29.83 2.14 45.55
N ALA G 330 29.36 1.97 44.31
CA ALA G 330 28.59 0.80 43.88
C ALA G 330 29.48 -0.41 43.79
N HIS G 331 28.95 -1.56 44.14
CA HIS G 331 29.75 -2.77 44.11
C HIS G 331 28.92 -4.07 44.11
N CYS G 332 29.58 -5.21 43.80
CA CYS G 332 29.02 -6.57 43.87
C CYS G 332 29.89 -7.51 44.73
N ASN G 333 29.18 -8.37 45.48
CA ASN G 333 29.81 -9.39 46.37
C ASN G 333 29.64 -10.78 45.76
N VAL G 334 30.76 -11.49 45.62
CA VAL G 334 30.84 -12.90 45.17
C VAL G 334 31.47 -13.71 46.30
N SER G 335 30.82 -14.79 46.74
CA SER G 335 31.41 -15.54 47.84
C SER G 335 32.77 -16.07 47.42
N LYS G 336 33.78 -15.83 48.24
CA LYS G 336 35.12 -16.25 47.84
C LYS G 336 35.29 -17.72 47.76
N ALA G 337 34.81 -18.43 48.78
CA ALA G 337 35.04 -19.86 48.77
C ALA G 337 34.32 -20.52 47.62
N THR G 338 33.11 -20.05 47.34
CA THR G 338 32.34 -20.66 46.29
C THR G 338 33.03 -20.41 45.00
N TRP G 339 33.46 -19.17 44.76
CA TRP G 339 34.10 -18.89 43.51
C TRP G 339 35.36 -19.71 43.30
N ASN G 340 36.17 -19.84 44.35
CA ASN G 340 37.43 -20.63 44.29
C ASN G 340 37.11 -22.03 43.77
N GLU G 341 36.23 -22.74 44.48
CA GLU G 341 35.88 -24.12 44.14
C GLU G 341 35.29 -24.20 42.73
N THR G 342 34.42 -23.26 42.41
CA THR G 342 33.75 -23.25 41.14
C THR G 342 34.74 -23.13 40.02
N LEU G 343 35.70 -22.24 40.19
CA LEU G 343 36.64 -22.06 39.14
C LEU G 343 37.50 -23.31 39.02
N GLY G 344 37.84 -23.94 40.14
CA GLY G 344 38.63 -25.16 40.07
C GLY G 344 37.88 -26.25 39.30
N LYS G 345 36.55 -26.30 39.44
CA LYS G 345 35.73 -27.28 38.72
C LYS G 345 35.81 -27.03 37.21
N VAL G 346 35.80 -25.75 36.84
CA VAL G 346 35.89 -25.39 35.44
C VAL G 346 37.22 -25.84 34.89
N VAL G 347 38.27 -25.65 35.67
CA VAL G 347 39.57 -26.07 35.23
C VAL G 347 39.67 -27.54 35.01
N LYS G 348 39.14 -28.34 35.92
CA LYS G 348 39.22 -29.76 35.71
C LYS G 348 38.57 -30.11 34.37
N GLN G 349 37.42 -29.50 34.12
CA GLN G 349 36.72 -29.77 32.90
C GLN G 349 37.50 -29.28 31.68
N LEU G 350 38.19 -28.14 31.79
CA LEU G 350 39.02 -27.66 30.68
C LEU G 350 40.17 -28.57 30.41
N ARG G 351 40.79 -29.13 31.44
CA ARG G 351 41.93 -30.02 31.27
C ARG G 351 41.57 -31.21 30.43
N LYS G 352 40.32 -31.64 30.47
CA LYS G 352 39.90 -32.78 29.66
C LYS G 352 40.16 -32.57 28.16
N HIS G 353 40.27 -31.32 27.73
CA HIS G 353 40.49 -30.99 26.33
C HIS G 353 41.93 -30.62 26.00
N PHE G 354 42.79 -30.50 27.01
CA PHE G 354 44.16 -30.04 26.77
C PHE G 354 45.26 -30.99 27.27
N GLY G 355 44.98 -31.80 28.30
CA GLY G 355 45.98 -32.69 28.89
C GLY G 355 45.93 -32.68 30.42
N ASN G 356 46.53 -33.71 31.06
CA ASN G 356 46.57 -33.87 32.52
C ASN G 356 47.78 -33.21 33.21
N ASN G 357 48.66 -32.55 32.43
CA ASN G 357 49.88 -31.86 32.86
C ASN G 357 49.84 -30.40 32.47
N THR G 358 48.65 -29.84 32.35
CA THR G 358 48.56 -28.44 31.95
C THR G 358 47.92 -27.61 33.05
N ILE G 359 48.55 -26.49 33.29
CA ILE G 359 48.17 -25.50 34.27
C ILE G 359 47.26 -24.49 33.64
N ILE G 360 46.16 -24.20 34.30
CA ILE G 360 45.30 -23.21 33.69
C ILE G 360 45.26 -21.94 34.49
N ARG G 361 45.70 -20.87 33.86
CA ARG G 361 45.77 -19.56 34.45
C ARG G 361 44.61 -18.72 34.04
N PHE G 362 44.08 -17.96 34.96
CA PHE G 362 43.05 -17.03 34.59
C PHE G 362 43.57 -15.65 34.71
N ALA G 363 43.06 -14.80 33.86
CA ALA G 363 43.48 -13.42 33.82
C ALA G 363 42.30 -12.54 33.50
N ASN G 364 42.47 -11.26 33.69
CA ASN G 364 41.41 -10.32 33.45
C ASN G 364 41.21 -10.03 31.99
N SER G 365 40.28 -9.14 31.73
CA SER G 365 39.91 -8.78 30.39
C SER G 365 40.97 -7.96 29.70
N SER G 366 40.85 -7.87 28.38
CA SER G 366 41.77 -7.09 27.58
C SER G 366 41.19 -5.70 27.41
N GLY G 367 41.69 -4.94 26.46
CA GLY G 367 41.21 -3.58 26.30
C GLY G 367 39.94 -3.56 25.46
N GLY G 368 39.38 -2.35 25.26
CA GLY G 368 38.15 -2.22 24.50
C GLY G 368 37.14 -1.34 25.23
N ASP G 369 35.93 -1.34 24.69
CA ASP G 369 34.79 -0.58 25.21
C ASP G 369 34.35 -1.15 26.54
N LEU G 370 33.65 -0.37 27.36
CA LEU G 370 33.20 -0.91 28.63
C LEU G 370 32.32 -2.13 28.44
N GLU G 371 31.57 -2.20 27.35
CA GLU G 371 30.70 -3.36 27.15
C GLU G 371 31.52 -4.64 27.02
N VAL G 372 32.79 -4.50 26.72
CA VAL G 372 33.70 -5.60 26.54
C VAL G 372 34.58 -5.84 27.75
N THR G 373 35.13 -4.77 28.31
CA THR G 373 36.12 -4.90 29.36
C THR G 373 35.53 -5.12 30.73
N THR G 374 34.29 -4.74 30.92
CA THR G 374 33.63 -4.95 32.19
C THR G 374 32.41 -5.81 31.99
N HIS G 375 31.86 -6.23 33.12
CA HIS G 375 30.66 -7.00 33.10
C HIS G 375 29.48 -6.08 33.22
N SER G 376 28.73 -5.96 32.14
CA SER G 376 27.60 -5.07 32.14
C SER G 376 26.53 -5.80 32.85
N PHE G 377 25.82 -5.07 33.65
CA PHE G 377 24.73 -5.58 34.44
C PHE G 377 23.57 -4.59 34.51
N ASN G 378 22.40 -5.04 34.12
CA ASN G 378 21.19 -4.21 34.09
C ASN G 378 20.27 -4.64 35.22
N CYS G 379 20.10 -3.79 36.26
CA CYS G 379 19.31 -4.11 37.45
C CYS G 379 18.49 -2.93 37.91
N GLY G 380 17.18 -3.09 37.88
CA GLY G 380 16.25 -2.05 38.29
C GLY G 380 16.10 -1.04 37.18
N GLY G 381 16.79 -1.29 36.08
CA GLY G 381 16.85 -0.39 34.97
C GLY G 381 18.12 0.44 35.08
N GLU G 382 18.91 0.20 36.12
CA GLU G 382 20.17 0.90 36.29
C GLU G 382 21.25 0.16 35.55
N PHE G 383 22.23 0.89 35.06
CA PHE G 383 23.32 0.24 34.34
C PHE G 383 24.65 0.29 35.03
N PHE G 384 25.10 -0.89 35.40
CA PHE G 384 26.33 -1.10 36.13
C PHE G 384 27.40 -1.63 35.21
N TYR G 385 28.62 -1.17 35.44
CA TYR G 385 29.80 -1.65 34.73
C TYR G 385 30.81 -2.15 35.75
N CYS G 386 30.78 -3.47 36.03
CA CYS G 386 31.51 -4.12 37.12
C CYS G 386 32.87 -4.66 36.67
N ASN G 387 33.85 -4.37 37.49
CA ASN G 387 35.23 -4.78 37.29
C ASN G 387 35.44 -6.18 37.87
N THR G 388 35.64 -7.16 36.98
CA THR G 388 35.75 -8.59 37.23
C THR G 388 37.16 -9.08 37.34
N SER G 389 38.14 -8.19 37.39
CA SER G 389 39.52 -8.68 37.48
C SER G 389 39.77 -9.49 38.73
N GLY G 390 39.01 -9.24 39.79
CA GLY G 390 39.19 -9.96 41.05
C GLY G 390 38.69 -11.39 40.97
N LEU G 391 37.99 -11.74 39.90
CA LEU G 391 37.49 -13.09 39.74
C LEU G 391 38.45 -13.96 38.94
N PHE G 392 39.41 -13.35 38.27
CA PHE G 392 40.30 -14.10 37.39
C PHE G 392 41.75 -13.75 37.64
N ASN G 393 42.25 -14.10 38.85
CA ASN G 393 43.60 -13.79 39.33
C ASN G 393 44.46 -15.02 39.58
N SER G 394 43.83 -16.19 39.93
CA SER G 394 44.52 -17.42 40.32
C SER G 394 45.00 -18.26 39.16
N THR G 395 45.96 -19.13 39.48
CA THR G 395 46.49 -20.09 38.53
C THR G 395 46.33 -21.48 39.09
N TRP G 396 45.73 -22.33 38.31
CA TRP G 396 45.48 -23.66 38.76
C TRP G 396 46.62 -24.62 38.43
N ILE G 397 47.68 -24.50 39.26
CA ILE G 397 48.97 -25.20 39.24
C ILE G 397 48.81 -26.70 38.90
N SER G 413 34.35 -13.46 50.76
CA SER G 413 33.70 -12.44 49.95
C SER G 413 34.72 -11.62 49.14
N ILE G 414 34.51 -11.56 47.81
CA ILE G 414 35.27 -10.83 46.81
C ILE G 414 34.47 -9.61 46.45
N THR G 415 35.07 -8.43 46.52
CA THR G 415 34.31 -7.24 46.19
C THR G 415 34.71 -6.71 44.82
N LEU G 416 33.72 -6.52 43.98
CA LEU G 416 33.92 -6.00 42.65
C LEU G 416 33.35 -4.58 42.60
N PRO G 417 34.13 -3.54 42.36
CA PRO G 417 33.64 -2.18 42.27
C PRO G 417 32.89 -2.12 40.96
N CYS G 418 31.86 -1.24 40.85
CA CYS G 418 31.06 -1.05 39.63
C CYS G 418 30.81 0.44 39.37
N ARG G 419 30.87 0.86 38.12
CA ARG G 419 30.53 2.24 37.82
C ARG G 419 29.13 2.35 37.27
N ILE G 420 28.54 3.53 37.40
CA ILE G 420 27.19 3.76 36.90
C ILE G 420 27.18 4.68 35.70
N LYS G 421 26.47 4.28 34.66
CA LYS G 421 26.37 5.05 33.41
C LYS G 421 24.90 5.26 33.08
N GLN G 422 24.50 6.42 32.52
CA GLN G 422 23.09 6.63 32.19
C GLN G 422 22.79 6.67 30.72
N ILE G 423 23.72 7.12 29.89
CA ILE G 423 23.42 7.17 28.45
C ILE G 423 24.03 5.94 27.83
N ILE G 424 23.18 5.03 27.40
CA ILE G 424 23.61 3.74 26.98
C ILE G 424 23.43 3.44 25.51
N ASN G 425 24.51 3.02 24.84
CA ASN G 425 24.43 2.55 23.47
C ASN G 425 24.33 1.06 23.63
N MET G 426 23.12 0.58 23.83
CA MET G 426 22.93 -0.81 24.25
C MET G 426 23.38 -1.89 23.30
N TRP G 427 23.21 -1.66 22.03
CA TRP G 427 23.50 -2.71 21.08
C TRP G 427 24.82 -2.42 20.40
N GLN G 428 25.03 -2.99 19.24
CA GLN G 428 26.28 -2.79 18.55
C GLN G 428 26.14 -1.63 17.56
N ARG G 429 24.97 -1.03 17.58
CA ARG G 429 24.62 0.09 16.74
C ARG G 429 25.12 1.34 17.41
N ILE G 430 25.38 2.39 16.65
CA ILE G 430 25.81 3.62 17.29
C ILE G 430 24.86 4.80 17.14
N GLY G 431 23.84 4.70 16.30
CA GLY G 431 22.98 5.86 16.06
C GLY G 431 21.81 6.02 17.03
N GLN G 432 21.66 5.09 17.95
CA GLN G 432 20.54 5.13 18.87
C GLN G 432 20.96 5.15 20.31
N ALA G 433 21.08 6.31 20.94
CA ALA G 433 21.50 6.33 22.32
C ALA G 433 20.30 6.47 23.22
N MET G 434 20.26 5.75 24.32
CA MET G 434 19.11 5.94 25.20
C MET G 434 19.53 6.35 26.58
N TYR G 435 18.78 7.27 27.14
CA TYR G 435 19.00 7.76 28.47
C TYR G 435 18.13 7.07 29.47
N ALA G 436 18.77 6.44 30.43
CA ALA G 436 18.08 5.75 31.46
C ALA G 436 17.68 6.76 32.51
N PRO G 437 16.41 6.97 32.78
CA PRO G 437 15.97 7.93 33.75
C PRO G 437 16.56 7.46 35.04
N PRO G 438 16.82 8.34 35.98
CA PRO G 438 17.30 8.04 37.30
C PRO G 438 16.27 7.31 38.11
N ILE G 439 16.75 6.55 39.07
CA ILE G 439 15.96 5.77 40.02
C ILE G 439 16.14 6.33 41.41
N GLN G 440 15.03 6.53 42.12
CA GLN G 440 15.04 7.10 43.47
C GLN G 440 15.31 6.08 44.55
N GLY G 441 15.82 6.55 45.67
CA GLY G 441 16.11 5.65 46.77
C GLY G 441 17.38 4.90 46.42
N VAL G 442 17.48 3.67 46.89
CA VAL G 442 18.69 2.87 46.68
C VAL G 442 18.26 1.58 46.09
N ILE G 443 19.18 0.84 45.52
CA ILE G 443 18.78 -0.46 45.03
C ILE G 443 19.67 -1.58 45.52
N ARG G 444 19.08 -2.76 45.54
CA ARG G 444 19.75 -4.00 45.87
C ARG G 444 19.35 -5.01 44.82
N CYS G 445 20.30 -5.86 44.39
CA CYS G 445 20.11 -6.87 43.36
C CYS G 445 20.64 -8.18 43.88
N VAL G 446 19.91 -9.24 43.62
CA VAL G 446 20.42 -10.55 43.96
C VAL G 446 20.26 -11.40 42.73
N SER G 447 21.31 -12.07 42.31
CA SER G 447 21.18 -12.90 41.12
C SER G 447 22.05 -14.15 41.18
N ASN G 448 21.75 -15.10 40.26
CA ASN G 448 22.42 -16.39 40.09
C ASN G 448 23.39 -16.38 38.91
N ILE G 449 24.70 -16.59 39.17
CA ILE G 449 25.69 -16.70 38.10
C ILE G 449 25.57 -18.14 37.65
N THR G 450 25.24 -18.35 36.38
CA THR G 450 25.01 -19.69 35.89
C THR G 450 26.06 -20.11 34.88
N GLY G 451 26.83 -19.15 34.38
CA GLY G 451 27.86 -19.51 33.43
C GLY G 451 28.84 -18.40 33.10
N LEU G 452 29.78 -18.73 32.24
CA LEU G 452 30.84 -17.81 31.83
C LEU G 452 31.05 -17.76 30.33
N ILE G 453 31.49 -16.62 29.81
CA ILE G 453 31.96 -16.64 28.43
C ILE G 453 33.46 -16.42 28.46
N LEU G 454 34.21 -17.40 28.03
CA LEU G 454 35.67 -17.34 28.08
C LEU G 454 36.36 -17.49 26.73
N THR G 455 37.55 -16.92 26.61
CA THR G 455 38.34 -17.15 25.42
C THR G 455 39.75 -17.57 25.77
N ARG G 456 40.39 -18.21 24.81
CA ARG G 456 41.78 -18.61 24.93
C ARG G 456 42.69 -17.46 24.57
N ASP G 457 43.94 -17.59 24.98
CA ASP G 457 44.98 -16.62 24.71
C ASP G 457 45.58 -16.83 23.33
N GLY G 458 46.64 -16.09 22.99
CA GLY G 458 47.20 -16.13 21.64
C GLY G 458 48.04 -17.36 21.38
N GLY G 459 48.57 -17.47 20.18
CA GLY G 459 49.32 -18.68 19.87
C GLY G 459 50.64 -18.77 20.61
N SER G 460 51.02 -20.00 20.94
CA SER G 460 52.26 -20.33 21.60
C SER G 460 52.56 -21.78 21.42
N THR G 461 53.73 -22.17 21.89
CA THR G 461 54.17 -23.55 21.88
C THR G 461 54.24 -24.12 23.29
N ASN G 462 54.22 -23.25 24.29
CA ASN G 462 54.37 -23.79 25.62
C ASN G 462 53.01 -24.11 26.19
N SER G 463 52.66 -25.37 26.06
CA SER G 463 51.37 -25.91 26.47
C SER G 463 51.29 -26.11 27.98
N THR G 464 52.41 -25.92 28.67
CA THR G 464 52.46 -26.16 30.10
C THR G 464 51.40 -25.35 30.79
N THR G 465 51.24 -24.08 30.41
CA THR G 465 50.22 -23.23 30.98
C THR G 465 49.43 -22.52 29.90
N GLU G 466 48.11 -22.58 30.01
CA GLU G 466 47.19 -21.88 29.10
C GLU G 466 46.54 -20.74 29.86
N THR G 467 46.30 -19.59 29.20
CA THR G 467 45.61 -18.51 29.90
C THR G 467 44.24 -18.23 29.32
N PHE G 468 43.24 -18.14 30.21
CA PHE G 468 41.89 -17.83 29.81
C PHE G 468 41.46 -16.47 30.33
N ARG G 469 40.70 -15.76 29.50
CA ARG G 469 40.22 -14.44 29.87
C ARG G 469 38.73 -14.32 29.57
N PRO G 470 37.99 -13.43 30.24
CA PRO G 470 36.61 -13.13 29.92
C PRO G 470 36.51 -12.69 28.49
N GLY G 471 35.51 -13.21 27.81
CA GLY G 471 35.20 -12.93 26.42
C GLY G 471 33.81 -12.35 26.35
N GLY G 472 33.06 -12.74 25.33
CA GLY G 472 31.70 -12.23 25.21
C GLY G 472 31.64 -10.85 24.60
N GLY G 473 30.52 -10.18 24.82
CA GLY G 473 30.18 -8.88 24.27
C GLY G 473 29.17 -9.01 23.13
N ASP G 474 29.07 -10.21 22.57
CA ASP G 474 28.11 -10.49 21.51
C ASP G 474 26.91 -11.15 22.16
N MET G 475 25.84 -10.40 22.29
CA MET G 475 24.68 -10.85 23.02
C MET G 475 23.99 -12.05 22.45
N ARG G 476 24.28 -12.44 21.23
CA ARG G 476 23.60 -13.61 20.71
C ARG G 476 23.99 -14.84 21.47
N ASP G 477 25.16 -14.83 22.10
CA ASP G 477 25.61 -16.00 22.80
C ASP G 477 24.87 -16.16 24.11
N ASN G 478 24.17 -15.11 24.53
CA ASN G 478 23.47 -15.18 25.79
C ASN G 478 22.19 -15.94 25.61
N TRP G 479 21.82 -16.18 24.37
CA TRP G 479 20.59 -16.89 24.11
C TRP G 479 20.97 -18.21 23.56
N ARG G 480 22.11 -18.26 22.91
CA ARG G 480 22.58 -19.50 22.34
C ARG G 480 22.74 -20.52 23.45
N SER G 481 23.15 -20.04 24.61
CA SER G 481 23.37 -20.85 25.79
C SER G 481 22.11 -21.49 26.37
N GLU G 482 20.93 -20.99 26.00
CA GLU G 482 19.65 -21.55 26.47
C GLU G 482 18.95 -22.35 25.37
N LEU G 483 19.13 -21.90 24.14
CA LEU G 483 18.47 -22.46 22.98
C LEU G 483 19.25 -23.59 22.34
N TYR G 484 20.37 -23.94 22.93
CA TYR G 484 21.26 -24.96 22.42
C TYR G 484 20.61 -26.32 22.31
N LYS G 485 19.58 -26.56 23.09
CA LYS G 485 18.94 -27.84 23.09
C LYS G 485 17.71 -27.89 22.19
N TYR G 486 17.39 -26.81 21.47
CA TYR G 486 16.19 -26.87 20.65
C TYR G 486 16.45 -26.75 19.16
N LYS G 487 15.65 -27.44 18.37
CA LYS G 487 15.75 -27.37 16.93
C LYS G 487 14.36 -27.24 16.28
N VAL G 488 14.25 -26.48 15.20
CA VAL G 488 12.95 -26.37 14.54
C VAL G 488 12.90 -27.11 13.23
N VAL G 489 11.87 -27.92 13.09
CA VAL G 489 11.66 -28.69 11.90
C VAL G 489 10.27 -28.46 11.37
N LYS G 490 10.09 -28.75 10.09
CA LYS G 490 8.79 -28.67 9.46
C LYS G 490 8.28 -30.05 9.30
N ILE G 491 6.98 -30.19 9.22
CA ILE G 491 6.43 -31.49 9.01
C ILE G 491 6.02 -31.66 7.55
N GLU G 492 6.37 -32.79 6.95
CA GLU G 492 5.98 -33.09 5.57
C GLU G 492 5.18 -34.39 5.51
N PRO G 493 3.86 -34.35 5.75
CA PRO G 493 2.97 -35.47 5.89
C PRO G 493 2.78 -36.34 4.67
N LEU G 494 3.18 -35.89 3.49
CA LEU G 494 2.96 -36.68 2.29
C LEU G 494 4.17 -37.45 1.81
N GLY G 495 3.96 -38.72 1.46
CA GLY G 495 5.02 -39.54 0.90
C GLY G 495 4.47 -40.86 0.37
N VAL G 496 5.35 -41.71 -0.15
CA VAL G 496 4.93 -42.97 -0.75
C VAL G 496 5.70 -44.16 -0.21
N ALA G 497 5.10 -45.34 -0.34
CA ALA G 497 5.73 -46.63 0.03
C ALA G 497 4.99 -47.75 -0.73
N PRO G 498 5.61 -48.93 -0.94
CA PRO G 498 5.02 -50.11 -1.56
C PRO G 498 4.03 -50.86 -0.68
N THR G 499 3.12 -51.59 -1.29
CA THR G 499 2.24 -52.52 -0.57
C THR G 499 1.65 -53.60 -1.45
N ARG G 500 1.18 -54.70 -0.85
CA ARG G 500 0.51 -55.75 -1.61
C ARG G 500 -0.98 -55.42 -1.83
N CYS G 501 -1.24 -54.37 -2.59
CA CYS G 501 -2.59 -53.86 -2.88
C CYS G 501 -2.61 -52.90 -4.05
N LYS G 502 -3.51 -53.11 -5.01
CA LYS G 502 -3.63 -52.21 -6.17
C LYS G 502 -5.11 -51.93 -6.44
N ARG G 503 -5.44 -50.81 -7.15
CA ARG G 503 -6.81 -50.48 -7.60
C ARG G 503 -7.46 -51.66 -8.37
N GLY H 2 -0.72 -37.12 21.10
CA GLY H 2 0.02 -38.05 20.22
C GLY H 2 0.38 -37.42 18.89
N PHE H 3 0.95 -36.20 18.93
CA PHE H 3 1.26 -35.43 17.70
C PHE H 3 2.18 -36.23 16.78
N LEU H 4 3.36 -36.63 17.29
CA LEU H 4 4.43 -37.22 16.44
C LEU H 4 4.95 -38.49 17.12
N GLY H 5 4.08 -39.06 17.96
CA GLY H 5 4.26 -40.22 18.76
C GLY H 5 4.47 -41.34 17.78
N ALA H 6 5.30 -42.29 18.15
CA ALA H 6 5.65 -43.43 17.31
C ALA H 6 6.37 -43.01 16.03
N ALA H 7 6.96 -41.81 15.98
CA ALA H 7 7.74 -41.43 14.81
C ALA H 7 8.89 -42.39 14.56
N GLY H 8 9.45 -42.96 15.62
CA GLY H 8 10.57 -43.87 15.49
C GLY H 8 10.13 -45.33 15.33
N SER H 9 8.83 -45.57 15.18
CA SER H 9 8.32 -46.92 15.04
C SER H 9 8.27 -47.38 13.59
N THR H 10 8.15 -48.68 13.41
CA THR H 10 8.05 -49.28 12.11
C THR H 10 6.90 -48.64 11.37
N MET H 11 7.13 -48.28 10.10
CA MET H 11 6.14 -47.60 9.27
C MET H 11 4.76 -48.22 9.29
N GLY H 12 4.71 -49.54 9.27
CA GLY H 12 3.41 -50.18 9.24
C GLY H 12 2.57 -49.84 10.48
N ALA H 13 3.22 -49.70 11.64
CA ALA H 13 2.52 -49.40 12.87
C ALA H 13 2.28 -47.93 13.00
N ALA H 14 3.23 -47.16 12.49
CA ALA H 14 3.22 -45.72 12.57
C ALA H 14 1.97 -45.16 11.90
N SER H 15 1.49 -45.88 10.89
CA SER H 15 0.33 -45.49 10.11
C SER H 15 -0.96 -45.35 10.94
N MET H 16 -0.99 -45.89 12.14
CA MET H 16 -2.19 -45.80 12.95
C MET H 16 -2.59 -44.39 13.34
N THR H 17 -1.66 -43.44 13.27
CA THR H 17 -1.93 -42.07 13.65
C THR H 17 -1.91 -41.10 12.47
N LEU H 18 -2.02 -41.61 11.24
CA LEU H 18 -1.96 -40.70 10.10
C LEU H 18 -3.06 -39.65 10.19
N THR H 19 -4.20 -40.06 10.74
CA THR H 19 -5.37 -39.23 10.89
C THR H 19 -5.13 -38.07 11.84
N VAL H 20 -4.27 -38.26 12.84
CA VAL H 20 -4.03 -37.22 13.80
C VAL H 20 -3.24 -36.15 13.13
N GLN H 21 -2.22 -36.58 12.42
CA GLN H 21 -1.34 -35.62 11.81
C GLN H 21 -2.04 -34.81 10.76
N ALA H 22 -2.95 -35.44 10.02
CA ALA H 22 -3.64 -34.68 9.01
C ALA H 22 -4.45 -33.55 9.64
N ARG H 23 -5.12 -33.85 10.75
CA ARG H 23 -5.94 -32.88 11.46
C ARG H 23 -5.17 -31.77 12.11
N ASN H 24 -3.98 -32.09 12.60
CA ASN H 24 -3.21 -31.15 13.37
C ASN H 24 -2.93 -29.82 12.70
N LEU H 25 -2.73 -29.78 11.40
CA LEU H 25 -2.37 -28.49 10.88
C LEU H 25 -3.48 -27.46 10.95
N LEU H 26 -4.67 -27.78 10.47
CA LEU H 26 -5.62 -26.71 10.43
C LEU H 26 -6.23 -26.49 11.79
N SER H 27 -6.30 -27.55 12.59
CA SER H 27 -6.86 -27.40 13.91
C SER H 27 -5.97 -26.48 14.70
N GLY H 28 -4.65 -26.71 14.60
CA GLY H 28 -3.69 -25.90 15.29
C GLY H 28 -3.74 -24.46 14.84
N ILE H 29 -3.96 -24.22 13.55
CA ILE H 29 -4.01 -22.84 13.12
C ILE H 29 -5.18 -22.12 13.75
N VAL H 30 -6.35 -22.74 13.72
CA VAL H 30 -7.51 -22.07 14.27
C VAL H 30 -7.39 -21.88 15.77
N GLN H 31 -6.94 -22.91 16.49
CA GLN H 31 -6.83 -22.76 17.92
C GLN H 31 -5.78 -21.74 18.31
N GLN H 32 -4.68 -21.64 17.57
CA GLN H 32 -3.69 -20.64 17.92
C GLN H 32 -4.30 -19.25 17.80
N GLN H 33 -5.17 -19.04 16.80
CA GLN H 33 -5.80 -17.74 16.69
C GLN H 33 -6.79 -17.52 17.83
N SER H 34 -7.48 -18.58 18.22
CA SER H 34 -8.42 -18.53 19.33
C SER H 34 -7.69 -18.18 20.61
N ASN H 35 -6.48 -18.73 20.78
CA ASN H 35 -5.70 -18.47 21.98
C ASN H 35 -5.25 -17.01 22.04
N LEU H 36 -4.83 -16.44 20.91
CA LEU H 36 -4.39 -15.05 20.97
C LEU H 36 -5.52 -14.12 21.35
N LEU H 37 -6.70 -14.41 20.83
CA LEU H 37 -7.85 -13.58 21.03
C LEU H 37 -8.48 -13.76 22.40
N ARG H 38 -7.88 -14.60 23.25
CA ARG H 38 -8.34 -14.75 24.62
C ARG H 38 -8.11 -13.46 25.38
N ALA H 39 -7.14 -12.64 24.95
CA ALA H 39 -6.87 -11.39 25.65
C ALA H 39 -6.72 -10.19 24.72
N PRO H 40 -7.84 -9.66 24.14
CA PRO H 40 -7.91 -8.53 23.22
C PRO H 40 -7.21 -7.30 23.80
N GLU H 41 -7.22 -7.20 25.13
CA GLU H 41 -6.59 -6.07 25.78
C GLU H 41 -5.09 -5.96 25.46
N CYS H 42 -4.38 -7.11 25.26
CA CYS H 42 -2.98 -7.19 24.91
C CYS H 42 -2.89 -7.24 23.40
N GLN H 43 -3.69 -8.11 22.79
CA GLN H 43 -3.63 -8.36 21.35
C GLN H 43 -3.73 -7.11 20.51
N GLN H 44 -4.52 -6.14 20.92
CA GLN H 44 -4.69 -4.93 20.16
C GLN H 44 -3.38 -4.16 19.99
N HIS H 45 -2.39 -4.39 20.85
CA HIS H 45 -1.16 -3.64 20.78
C HIS H 45 -0.23 -4.23 19.77
N LEU H 46 -0.60 -5.38 19.24
CA LEU H 46 0.25 -6.02 18.27
C LEU H 46 -0.03 -5.38 16.94
N LEU H 47 -1.04 -4.52 16.88
CA LEU H 47 -1.38 -3.83 15.67
C LEU H 47 -0.39 -2.71 15.42
N LYS H 48 0.43 -2.40 16.43
CA LYS H 48 1.41 -1.35 16.28
C LYS H 48 2.70 -1.95 15.72
N LEU H 49 2.84 -3.26 15.81
CA LEU H 49 4.03 -3.92 15.36
C LEU H 49 3.84 -4.31 13.95
N THR H 50 3.98 -3.34 13.05
CA THR H 50 3.69 -3.59 11.65
C THR H 50 4.43 -4.83 11.18
N VAL H 51 5.67 -4.97 11.61
CA VAL H 51 6.47 -6.11 11.22
C VAL H 51 5.91 -7.42 11.73
N TRP H 52 5.39 -7.48 12.96
CA TRP H 52 4.86 -8.75 13.45
C TRP H 52 3.54 -9.05 12.76
N GLY H 53 2.83 -8.00 12.38
CA GLY H 53 1.58 -8.14 11.68
C GLY H 53 1.84 -8.88 10.39
N ILE H 54 2.81 -8.38 9.63
CA ILE H 54 3.15 -9.00 8.37
C ILE H 54 3.76 -10.36 8.57
N LYS H 55 4.68 -10.54 9.51
CA LYS H 55 5.26 -11.86 9.65
C LYS H 55 4.25 -12.92 10.03
N GLN H 56 3.33 -12.60 10.93
CA GLN H 56 2.37 -13.63 11.31
C GLN H 56 1.43 -13.90 10.18
N LEU H 57 1.03 -12.88 9.43
CA LEU H 57 0.16 -13.16 8.33
C LEU H 57 0.89 -14.01 7.31
N GLN H 58 2.16 -13.76 7.08
CA GLN H 58 2.85 -14.58 6.11
C GLN H 58 2.94 -16.00 6.58
N ALA H 59 3.18 -16.22 7.87
CA ALA H 59 3.27 -17.59 8.35
C ALA H 59 1.96 -18.33 8.20
N ARG H 60 0.86 -17.65 8.46
CA ARG H 60 -0.45 -18.26 8.37
C ARG H 60 -0.80 -18.54 6.94
N VAL H 61 -0.48 -17.62 6.07
CA VAL H 61 -0.76 -17.80 4.69
C VAL H 61 0.03 -18.94 4.12
N LEU H 62 1.31 -19.03 4.47
CA LEU H 62 2.12 -20.10 3.95
C LEU H 62 1.62 -21.44 4.43
N ALA H 63 1.20 -21.54 5.69
CA ALA H 63 0.71 -22.83 6.14
C ALA H 63 -0.50 -23.26 5.34
N VAL H 64 -1.38 -22.30 5.03
CA VAL H 64 -2.53 -22.60 4.23
C VAL H 64 -2.15 -23.00 2.84
N GLU H 65 -1.21 -22.28 2.25
CA GLU H 65 -0.83 -22.60 0.90
C GLU H 65 -0.23 -23.98 0.80
N ARG H 66 0.62 -24.35 1.78
CA ARG H 66 1.26 -25.70 1.83
C ARG H 66 0.15 -26.76 1.92
N TYR H 67 -0.90 -26.49 2.69
CA TYR H 67 -1.99 -27.42 2.86
C TYR H 67 -2.70 -27.63 1.56
N LEU H 68 -3.07 -26.54 0.91
CA LEU H 68 -3.82 -26.67 -0.30
C LEU H 68 -3.02 -27.33 -1.38
N ARG H 69 -1.73 -27.05 -1.45
CA ARG H 69 -0.93 -27.66 -2.47
C ARG H 69 -1.01 -29.16 -2.37
N ASP H 70 -0.84 -29.68 -1.17
CA ASP H 70 -0.84 -31.12 -1.02
C ASP H 70 -2.22 -31.69 -1.27
N GLN H 71 -3.26 -30.99 -0.86
CA GLN H 71 -4.56 -31.54 -1.11
C GLN H 71 -4.88 -31.55 -2.58
N GLN H 72 -4.45 -30.53 -3.32
CA GLN H 72 -4.73 -30.51 -4.74
C GLN H 72 -4.01 -31.66 -5.39
N LEU H 73 -2.79 -31.92 -4.97
CA LEU H 73 -2.03 -32.97 -5.59
C LEU H 73 -2.67 -34.32 -5.37
N LEU H 74 -3.15 -34.56 -4.16
CA LEU H 74 -3.82 -35.82 -3.91
C LEU H 74 -5.06 -35.92 -4.74
N GLY H 75 -5.78 -34.80 -4.90
CA GLY H 75 -6.97 -34.82 -5.72
C GLY H 75 -6.63 -35.17 -7.16
N ILE H 76 -5.54 -34.64 -7.68
CA ILE H 76 -5.13 -34.92 -9.05
C ILE H 76 -4.84 -36.38 -9.22
N TRP H 77 -4.21 -36.97 -8.24
CA TRP H 77 -3.88 -38.39 -8.26
C TRP H 77 -5.08 -39.30 -8.00
N GLY H 78 -6.23 -38.73 -7.71
CA GLY H 78 -7.44 -39.51 -7.40
C GLY H 78 -7.53 -40.04 -5.95
N CYS H 79 -6.85 -39.37 -5.00
CA CYS H 79 -6.75 -39.73 -3.58
C CYS H 79 -7.42 -38.68 -2.70
N SER H 80 -8.34 -37.94 -3.25
CA SER H 80 -9.00 -36.96 -2.41
C SER H 80 -9.77 -37.69 -1.33
N GLY H 81 -9.61 -37.28 -0.09
CA GLY H 81 -10.35 -37.91 1.00
C GLY H 81 -9.72 -39.20 1.53
N LYS H 82 -8.55 -39.57 1.05
CA LYS H 82 -7.93 -40.81 1.50
C LYS H 82 -6.60 -40.54 2.18
N LEU H 83 -6.24 -41.36 3.16
CA LEU H 83 -4.97 -41.28 3.84
C LEU H 83 -4.01 -42.35 3.38
N ILE H 84 -4.57 -43.48 2.94
CA ILE H 84 -3.77 -44.62 2.48
C ILE H 84 -4.18 -45.20 1.11
N CYS H 85 -4.42 -44.35 0.10
CA CYS H 85 -4.92 -44.76 -1.23
C CYS H 85 -3.90 -45.55 -2.05
N CYS H 86 -4.42 -46.49 -2.82
CA CYS H 86 -3.58 -47.22 -3.72
C CYS H 86 -3.87 -46.74 -5.10
N THR H 87 -2.85 -46.81 -5.94
CA THR H 87 -2.96 -46.49 -7.34
C THR H 87 -2.78 -47.73 -8.19
N ASN H 88 -2.66 -47.54 -9.50
CA ASN H 88 -2.48 -48.63 -10.44
C ASN H 88 -1.11 -48.52 -11.10
N VAL H 89 -0.20 -47.92 -10.38
CA VAL H 89 1.17 -47.72 -10.76
C VAL H 89 1.96 -48.69 -9.91
N PRO H 90 2.73 -49.60 -10.49
CA PRO H 90 3.49 -50.61 -9.80
C PRO H 90 4.59 -49.92 -9.08
N TRP H 91 4.98 -50.50 -7.95
CA TRP H 91 6.19 -50.02 -7.22
C TRP H 91 7.44 -50.47 -7.98
N ASN H 92 8.17 -49.53 -8.59
CA ASN H 92 9.35 -49.90 -9.42
C ASN H 92 10.44 -50.51 -8.52
N SER H 93 10.95 -51.68 -8.91
CA SER H 93 11.91 -52.45 -8.07
C SER H 93 13.18 -51.65 -7.78
N THR H 94 13.68 -50.84 -8.72
CA THR H 94 15.02 -50.20 -8.49
C THR H 94 14.91 -49.01 -7.53
N TRP H 95 13.70 -48.58 -7.16
CA TRP H 95 13.52 -47.55 -6.10
C TRP H 95 14.09 -48.07 -4.77
N SER H 96 13.64 -49.25 -4.34
CA SER H 96 14.00 -49.80 -3.01
C SER H 96 14.82 -51.08 -3.17
N ASN H 97 14.58 -51.86 -4.23
CA ASN H 97 15.29 -53.14 -4.47
C ASN H 97 15.11 -54.06 -3.24
N ARG H 98 13.91 -54.09 -2.67
CA ARG H 98 13.64 -54.94 -1.48
C ARG H 98 12.35 -55.74 -1.70
N ASN H 99 12.02 -56.62 -0.75
CA ASN H 99 10.66 -57.17 -0.61
C ASN H 99 9.88 -56.31 0.41
N LEU H 100 8.54 -56.56 0.62
CA LEU H 100 7.73 -55.69 1.52
C LEU H 100 8.17 -55.71 2.98
N SER H 101 8.67 -56.84 3.44
CA SER H 101 9.07 -56.95 4.83
C SER H 101 10.45 -56.39 5.02
N GLU H 102 11.09 -55.97 3.91
CA GLU H 102 12.40 -55.36 3.94
C GLU H 102 12.23 -53.84 3.90
N ILE H 103 10.98 -53.40 3.77
CA ILE H 103 10.60 -52.01 3.79
C ILE H 103 10.12 -51.79 5.19
N TRP H 104 9.31 -52.72 5.65
CA TRP H 104 8.78 -52.70 6.98
C TRP H 104 9.63 -53.57 7.90
N ASP H 105 10.95 -53.66 7.62
CA ASP H 105 11.89 -54.40 8.47
C ASP H 105 12.35 -53.52 9.58
N ASN H 106 11.42 -53.21 10.45
CA ASN H 106 11.66 -52.33 11.57
C ASN H 106 12.24 -50.99 11.11
N MET H 107 11.81 -50.52 9.95
CA MET H 107 12.28 -49.26 9.43
C MET H 107 11.18 -48.25 9.59
N THR H 108 11.57 -47.06 10.00
CA THR H 108 10.69 -45.95 10.29
C THR H 108 10.50 -45.09 9.06
N TRP H 109 9.53 -44.19 9.11
CA TRP H 109 9.27 -43.30 7.99
C TRP H 109 10.41 -42.30 7.81
N LEU H 110 11.04 -41.95 8.92
CA LEU H 110 12.13 -41.01 8.96
C LEU H 110 13.30 -41.58 8.18
N GLN H 111 13.48 -42.88 8.33
CA GLN H 111 14.53 -43.59 7.65
C GLN H 111 14.16 -43.81 6.20
N TRP H 112 12.89 -44.07 5.95
CA TRP H 112 12.41 -44.34 4.61
C TRP H 112 12.67 -43.17 3.69
N ASP H 113 12.66 -41.97 4.23
CA ASP H 113 12.91 -40.80 3.42
C ASP H 113 14.24 -40.89 2.66
N LYS H 114 15.27 -41.56 3.23
CA LYS H 114 16.55 -41.63 2.55
C LYS H 114 16.50 -42.64 1.42
N GLU H 115 15.54 -43.57 1.48
CA GLU H 115 15.42 -44.62 0.49
C GLU H 115 14.72 -44.06 -0.73
N ILE H 116 13.74 -43.19 -0.51
CA ILE H 116 13.07 -42.59 -1.64
C ILE H 116 14.01 -41.60 -2.28
N SER H 117 14.68 -40.82 -1.45
CA SER H 117 15.67 -39.89 -1.93
C SER H 117 15.16 -39.01 -3.06
N ASN H 118 15.80 -39.13 -4.22
CA ASN H 118 15.50 -38.34 -5.38
C ASN H 118 14.56 -38.99 -6.38
N TYR H 119 13.88 -40.07 -5.98
CA TYR H 119 12.88 -40.73 -6.85
C TYR H 119 11.51 -40.05 -6.70
N THR H 120 11.43 -39.09 -5.78
CA THR H 120 10.17 -38.44 -5.44
C THR H 120 9.51 -37.76 -6.62
N GLN H 121 10.28 -37.03 -7.42
CA GLN H 121 9.61 -36.32 -8.50
C GLN H 121 9.23 -37.24 -9.64
N ILE H 122 9.95 -38.34 -9.78
CA ILE H 122 9.67 -39.25 -10.84
C ILE H 122 8.34 -39.89 -10.55
N ILE H 123 8.18 -40.33 -9.33
CA ILE H 123 6.96 -40.99 -9.00
C ILE H 123 5.79 -40.04 -9.05
N TYR H 124 5.97 -38.78 -8.66
CA TYR H 124 4.83 -37.91 -8.71
C TYR H 124 4.37 -37.69 -10.14
N GLY H 125 5.30 -37.55 -11.07
CA GLY H 125 4.89 -37.37 -12.45
C GLY H 125 4.09 -38.58 -12.93
N LEU H 126 4.53 -39.79 -12.55
CA LEU H 126 3.84 -40.99 -13.00
C LEU H 126 2.44 -41.07 -12.46
N LEU H 127 2.26 -40.63 -11.23
CA LEU H 127 0.96 -40.70 -10.64
C LEU H 127 -0.04 -39.81 -11.37
N GLU H 128 0.39 -38.61 -11.79
CA GLU H 128 -0.56 -37.77 -12.51
C GLU H 128 -0.90 -38.36 -13.87
N GLU H 129 0.10 -38.94 -14.52
CA GLU H 129 -0.12 -39.48 -15.85
C GLU H 129 -1.15 -40.59 -15.80
N SER H 130 -1.06 -41.43 -14.77
CA SER H 130 -2.01 -42.49 -14.69
C SER H 130 -3.43 -41.98 -14.53
N GLN H 131 -3.61 -40.99 -13.64
CA GLN H 131 -4.98 -40.55 -13.46
C GLN H 131 -5.52 -39.94 -14.73
N ASN H 132 -4.67 -39.25 -15.49
CA ASN H 132 -5.18 -38.63 -16.69
C ASN H 132 -5.79 -39.67 -17.62
N GLN H 133 -5.14 -40.82 -17.74
CA GLN H 133 -5.70 -41.81 -18.62
C GLN H 133 -6.99 -42.39 -18.08
N GLN H 134 -7.06 -42.64 -16.78
CA GLN H 134 -8.27 -43.25 -16.25
C GLN H 134 -9.46 -42.34 -16.40
N GLU H 135 -9.25 -41.05 -16.20
CA GLU H 135 -10.34 -40.12 -16.30
C GLU H 135 -10.86 -40.06 -17.71
N LYS H 136 -9.95 -40.05 -18.69
CA LYS H 136 -10.38 -40.04 -20.06
C LYS H 136 -11.17 -41.29 -20.39
N ASN H 137 -10.75 -42.43 -19.86
CA ASN H 137 -11.45 -43.64 -20.19
C ASN H 137 -12.89 -43.55 -19.72
N GLU H 138 -13.11 -42.99 -18.53
CA GLU H 138 -14.47 -42.90 -18.02
C GLU H 138 -15.31 -41.95 -18.86
N GLN H 139 -14.69 -40.87 -19.34
CA GLN H 139 -15.42 -39.91 -20.14
C GLN H 139 -16.07 -40.60 -21.34
N ASP H 140 -15.38 -41.57 -21.96
CA ASP H 140 -15.99 -42.26 -23.09
C ASP H 140 -16.84 -43.48 -22.65
N LEU H 141 -16.48 -44.17 -21.58
CA LEU H 141 -17.23 -45.36 -21.14
C LEU H 141 -18.62 -45.02 -20.68
N LEU H 142 -18.81 -43.81 -20.18
CA LEU H 142 -20.07 -43.29 -19.71
C LEU H 142 -20.96 -42.80 -20.85
N ALA H 143 -20.49 -42.91 -22.08
CA ALA H 143 -21.26 -42.43 -23.23
C ALA H 143 -21.71 -43.57 -24.18
N LEU H 144 -22.04 -44.76 -23.62
CA LEU H 144 -22.44 -45.97 -24.34
C LEU H 144 -23.80 -46.44 -23.86
#